data_3LDJ
# 
_entry.id   3LDJ 
# 
_audit_conform.dict_name       mmcif_pdbx.dic 
_audit_conform.dict_version    5.403 
_audit_conform.dict_location   http://mmcif.pdb.org/dictionaries/ascii/mmcif_pdbx.dic 
# 
loop_
_database_2.database_id 
_database_2.database_code 
_database_2.pdbx_database_accession 
_database_2.pdbx_DOI 
PDB   3LDJ         pdb_00003ldj 10.2210/pdb3ldj/pdb 
RCSB  RCSB057143   ?            ?                   
WWPDB D_1000057143 ?            ?                   
# 
loop_
_pdbx_audit_revision_history.ordinal 
_pdbx_audit_revision_history.data_content_type 
_pdbx_audit_revision_history.major_revision 
_pdbx_audit_revision_history.minor_revision 
_pdbx_audit_revision_history.revision_date 
_pdbx_audit_revision_history.part_number 
1 'Structure model' 1 0 2010-09-15 ? 
2 'Structure model' 1 1 2011-07-13 ? 
3 'Structure model' 2 0 2020-07-29 ? 
4 'Structure model' 2 1 2024-10-30 ? 
5 'Structure model' 2 2 2025-05-07 ? 
# 
loop_
_pdbx_audit_revision_details.ordinal 
_pdbx_audit_revision_details.revision_ordinal 
_pdbx_audit_revision_details.data_content_type 
_pdbx_audit_revision_details.provider 
_pdbx_audit_revision_details.type 
_pdbx_audit_revision_details.description 
_pdbx_audit_revision_details.details 
1 1 'Structure model' repository 'Initial release' ?                          ? 
2 3 'Structure model' repository Remediation       'Carbohydrate remediation' ? 
# 
loop_
_pdbx_audit_revision_group.ordinal 
_pdbx_audit_revision_group.revision_ordinal 
_pdbx_audit_revision_group.data_content_type 
_pdbx_audit_revision_group.group 
1  2 'Structure model' 'Version format compliance' 
2  3 'Structure model' 'Atomic model'              
3  3 'Structure model' 'Data collection'           
4  3 'Structure model' 'Derived calculations'      
5  3 'Structure model' 'Non-polymer description'   
6  3 'Structure model' 'Structure summary'         
7  4 'Structure model' 'Data collection'           
8  4 'Structure model' 'Database references'       
9  4 'Structure model' 'Structure summary'         
10 5 'Structure model' Advisory                    
11 5 'Structure model' Other                       
# 
loop_
_pdbx_audit_revision_category.ordinal 
_pdbx_audit_revision_category.revision_ordinal 
_pdbx_audit_revision_category.data_content_type 
_pdbx_audit_revision_category.category 
1  3 'Structure model' atom_site                     
2  3 'Structure model' chem_comp                     
3  3 'Structure model' entity                        
4  3 'Structure model' entity_name_com               
5  3 'Structure model' pdbx_branch_scheme            
6  3 'Structure model' pdbx_chem_comp_identifier     
7  3 'Structure model' pdbx_entity_branch            
8  3 'Structure model' pdbx_entity_branch_descriptor 
9  3 'Structure model' pdbx_entity_branch_link       
10 3 'Structure model' pdbx_entity_branch_list       
11 3 'Structure model' pdbx_entity_nonpoly           
12 3 'Structure model' pdbx_molecule_features        
13 3 'Structure model' pdbx_nonpoly_scheme           
14 3 'Structure model' struct_conn                   
15 3 'Structure model' struct_conn_type              
16 3 'Structure model' struct_site                   
17 3 'Structure model' struct_site_gen               
18 4 'Structure model' chem_comp                     
19 4 'Structure model' chem_comp_atom                
20 4 'Structure model' chem_comp_bond                
21 4 'Structure model' database_2                    
22 4 'Structure model' pdbx_entry_details            
23 4 'Structure model' pdbx_modification_feature     
24 5 'Structure model' cell                          
25 5 'Structure model' pdbx_validate_close_contact   
26 5 'Structure model' pdbx_validate_symm_contact    
# 
loop_
_pdbx_audit_revision_item.ordinal 
_pdbx_audit_revision_item.revision_ordinal 
_pdbx_audit_revision_item.data_content_type 
_pdbx_audit_revision_item.item 
1  3 'Structure model' '_atom_site.B_iso_or_equiv'           
2  3 'Structure model' '_atom_site.Cartn_x'                  
3  3 'Structure model' '_atom_site.Cartn_y'                  
4  3 'Structure model' '_atom_site.Cartn_z'                  
5  3 'Structure model' '_atom_site.auth_asym_id'             
6  3 'Structure model' '_atom_site.auth_atom_id'             
7  3 'Structure model' '_atom_site.auth_comp_id'             
8  3 'Structure model' '_atom_site.auth_seq_id'              
9  3 'Structure model' '_atom_site.label_atom_id'            
10 3 'Structure model' '_atom_site.label_comp_id'            
11 3 'Structure model' '_atom_site.type_symbol'              
12 3 'Structure model' '_chem_comp.formula'                  
13 3 'Structure model' '_chem_comp.formula_weight'           
14 3 'Structure model' '_chem_comp.id'                       
15 3 'Structure model' '_chem_comp.mon_nstd_flag'            
16 3 'Structure model' '_chem_comp.name'                     
17 3 'Structure model' '_chem_comp.type'                     
18 3 'Structure model' '_entity.formula_weight'              
19 3 'Structure model' '_entity.pdbx_description'            
20 3 'Structure model' '_entity.type'                        
21 4 'Structure model' '_chem_comp.pdbx_synonyms'            
22 4 'Structure model' '_database_2.pdbx_DOI'                
23 4 'Structure model' '_database_2.pdbx_database_accession' 
24 5 'Structure model' '_cell.angle_beta'                    
25 5 'Structure model' '_cell.length_a'                      
26 5 'Structure model' '_cell.length_b'                      
27 5 'Structure model' '_cell.length_c'                      
28 5 'Structure model' '_pdbx_validate_close_contact.dist'   
29 5 'Structure model' '_pdbx_validate_symm_contact.dist'    
# 
_pdbx_database_status.entry_id                        3LDJ 
_pdbx_database_status.deposit_site                    RCSB 
_pdbx_database_status.process_site                    PDBJ 
_pdbx_database_status.recvd_initial_deposition_date   2010-01-13 
_pdbx_database_status.status_code                     REL 
_pdbx_database_status.status_code_sf                  REL 
_pdbx_database_status.status_code_mr                  ? 
_pdbx_database_status.SG_entry                        ? 
_pdbx_database_status.pdb_format_compatible           Y 
_pdbx_database_status.status_code_cs                  ? 
_pdbx_database_status.status_code_nmr_data            ? 
_pdbx_database_status.methods_development_category    ? 
# 
_pdbx_database_related.db_name        PDB 
_pdbx_database_related.db_id          3LDM 
_pdbx_database_related.details        . 
_pdbx_database_related.content_type   unspecified 
# 
loop_
_audit_author.name 
_audit_author.pdbx_ordinal 
'Yang, I.S.' 1 
'Kim, T.G.'  2 
'Park, B.S.' 3 
'Kim, K.H.'  4 
# 
_citation.id                        primary 
_citation.title                     
;Crystal structures of aprotinin and its complex with sucrose octasulfate reveal multiple modes of interactions with implications for heparin binding.
;
_citation.journal_abbrev            Biochem.Biophys.Res.Commun. 
_citation.journal_volume            ? 
_citation.page_first                ? 
_citation.page_last                 ? 
_citation.year                      2010 
_citation.journal_id_ASTM           BBRCA9 
_citation.country                   US 
_citation.journal_id_ISSN           1090-2104 
_citation.journal_id_CSD            0146 
_citation.book_publisher            ? 
_citation.pdbx_database_id_PubMed   20529698 
_citation.pdbx_database_id_DOI      10.1016/j.bbrc.2010.05.113 
# 
loop_
_citation_author.citation_id 
_citation_author.name 
_citation_author.ordinal 
_citation_author.identifier_ORCID 
primary 'Yang, I.S.' 1 ? 
primary 'Kim, T.G.'  2 ? 
primary 'Park, B.S.' 3 ? 
primary 'Cho, K.J.'  4 ? 
primary 'Lee, J.H.'  5 ? 
primary 'Park, Y.'   6 ? 
primary 'Kim, K.H.'  7 ? 
# 
loop_
_entity.id 
_entity.type 
_entity.src_method 
_entity.pdbx_description 
_entity.formula_weight 
_entity.pdbx_number_of_molecules 
_entity.pdbx_ec 
_entity.pdbx_mutation 
_entity.pdbx_fragment 
_entity.details 
1 polymer     nat 'Pancreatic trypsin inhibitor'                                                                      6527.568 3   
? ? ? ? 
2 branched    man '1,3,4,6-tetra-O-sulfo-beta-D-fructofuranose-(2-1)-2,3,4,6-tetra-O-sulfonato-alpha-D-glucopyranose' 982.803  1   
? ? ? ? 
3 non-polymer syn 'ACETATE ION'                                                                                       59.044   1   
? ? ? ? 
4 water       nat water                                                                                               18.015   220 
? ? ? ? 
# 
loop_
_entity_name_com.entity_id 
_entity_name_com.name 
1 'Basic protease inhibitor, BPTI, BPI, Aprotinin' 
2 'sucrose octasulfate'                            
# 
_entity_poly.entity_id                      1 
_entity_poly.type                           'polypeptide(L)' 
_entity_poly.nstd_linkage                   no 
_entity_poly.nstd_monomer                   no 
_entity_poly.pdbx_seq_one_letter_code       RPDFCLEPPYTGPCKARIIRYFYNAKAGLCQTFVYGGCRAKRNNFKSAEDCMRTCGGA 
_entity_poly.pdbx_seq_one_letter_code_can   RPDFCLEPPYTGPCKARIIRYFYNAKAGLCQTFVYGGCRAKRNNFKSAEDCMRTCGGA 
_entity_poly.pdbx_strand_id                 A,B,C 
_entity_poly.pdbx_target_identifier         ? 
# 
loop_
_pdbx_entity_nonpoly.entity_id 
_pdbx_entity_nonpoly.name 
_pdbx_entity_nonpoly.comp_id 
3 'ACETATE ION' ACT 
4 water         HOH 
# 
loop_
_entity_poly_seq.entity_id 
_entity_poly_seq.num 
_entity_poly_seq.mon_id 
_entity_poly_seq.hetero 
1 1  ARG n 
1 2  PRO n 
1 3  ASP n 
1 4  PHE n 
1 5  CYS n 
1 6  LEU n 
1 7  GLU n 
1 8  PRO n 
1 9  PRO n 
1 10 TYR n 
1 11 THR n 
1 12 GLY n 
1 13 PRO n 
1 14 CYS n 
1 15 LYS n 
1 16 ALA n 
1 17 ARG n 
1 18 ILE n 
1 19 ILE n 
1 20 ARG n 
1 21 TYR n 
1 22 PHE n 
1 23 TYR n 
1 24 ASN n 
1 25 ALA n 
1 26 LYS n 
1 27 ALA n 
1 28 GLY n 
1 29 LEU n 
1 30 CYS n 
1 31 GLN n 
1 32 THR n 
1 33 PHE n 
1 34 VAL n 
1 35 TYR n 
1 36 GLY n 
1 37 GLY n 
1 38 CYS n 
1 39 ARG n 
1 40 ALA n 
1 41 LYS n 
1 42 ARG n 
1 43 ASN n 
1 44 ASN n 
1 45 PHE n 
1 46 LYS n 
1 47 SER n 
1 48 ALA n 
1 49 GLU n 
1 50 ASP n 
1 51 CYS n 
1 52 MET n 
1 53 ARG n 
1 54 THR n 
1 55 CYS n 
1 56 GLY n 
1 57 GLY n 
1 58 ALA n 
# 
_entity_src_nat.entity_id                  1 
_entity_src_nat.pdbx_src_id                1 
_entity_src_nat.pdbx_alt_source_flag       sample 
_entity_src_nat.pdbx_beg_seq_num           ? 
_entity_src_nat.pdbx_end_seq_num           ? 
_entity_src_nat.common_name                'bovine,cow,domestic cattle,domestic cow' 
_entity_src_nat.pdbx_organism_scientific   'Bos taurus' 
_entity_src_nat.pdbx_ncbi_taxonomy_id      9913 
_entity_src_nat.genus                      ? 
_entity_src_nat.species                    ? 
_entity_src_nat.strain                     ? 
_entity_src_nat.tissue                     ? 
_entity_src_nat.tissue_fraction            ? 
_entity_src_nat.pdbx_secretion             ? 
_entity_src_nat.pdbx_fragment              ? 
_entity_src_nat.pdbx_variant               ? 
_entity_src_nat.pdbx_cell_line             ? 
_entity_src_nat.pdbx_atcc                  ? 
_entity_src_nat.pdbx_cellular_location     ? 
_entity_src_nat.pdbx_organ                 ? 
_entity_src_nat.pdbx_organelle             ? 
_entity_src_nat.pdbx_cell                  ? 
_entity_src_nat.pdbx_plasmid_name          ? 
_entity_src_nat.pdbx_plasmid_details       ? 
_entity_src_nat.details                    ? 
# 
_pdbx_entity_branch.entity_id   2 
_pdbx_entity_branch.type        oligosaccharide 
# 
loop_
_pdbx_entity_branch_descriptor.ordinal 
_pdbx_entity_branch_descriptor.entity_id 
_pdbx_entity_branch_descriptor.descriptor 
_pdbx_entity_branch_descriptor.type 
_pdbx_entity_branch_descriptor.program 
_pdbx_entity_branch_descriptor.program_version 
1 2 
;WURCS=2.0/2,2,1/[ha122h-2b_2-5_1*OSO/3=O/3=O_3*OSO/3=O/3=O_4*OSO/3=O/3=O_6*OSO/3=O/3=O][a2122h-1a_1-5_2*OSO/3=O/3=O_3*OSO/3=O/3=O_4*OSO/3=O/3=O_6*OSO/3=O/3=O]/1-2/a2-b1
;
WURCS  PDB2Glycan 1.1.0 
2 2 '[][b-D-Fruf1SO33SO34SO36SO3]{[(2+1)][a-D-Glcp2SO33SO34SO36SO3]{}}' LINUCS PDB-CARE   ?     
# 
_pdbx_entity_branch_link.link_id                    1 
_pdbx_entity_branch_link.entity_id                  2 
_pdbx_entity_branch_link.entity_branch_list_num_1   1 
_pdbx_entity_branch_link.comp_id_1                  GU4 
_pdbx_entity_branch_link.atom_id_1                  C1 
_pdbx_entity_branch_link.leaving_atom_id_1          O1 
_pdbx_entity_branch_link.entity_branch_list_num_2   2 
_pdbx_entity_branch_link.comp_id_2                  YYJ 
_pdbx_entity_branch_link.atom_id_2                  O2 
_pdbx_entity_branch_link.leaving_atom_id_2          HO2 
_pdbx_entity_branch_link.value_order                sing 
_pdbx_entity_branch_link.details                    ? 
# 
loop_
_chem_comp.id 
_chem_comp.type 
_chem_comp.mon_nstd_flag 
_chem_comp.name 
_chem_comp.pdbx_synonyms 
_chem_comp.formula 
_chem_comp.formula_weight 
ACT non-polymer                   . 'ACETATE ION'                                   ? 'C2 H3 O2 -1'    59.044  
ALA 'L-peptide linking'           y ALANINE                                         ? 'C3 H7 N O2'     89.093  
ARG 'L-peptide linking'           y ARGININE                                        ? 'C6 H15 N4 O2 1' 175.209 
ASN 'L-peptide linking'           y ASPARAGINE                                      ? 'C4 H8 N2 O3'    132.118 
ASP 'L-peptide linking'           y 'ASPARTIC ACID'                                 ? 'C4 H7 N O4'     133.103 
CYS 'L-peptide linking'           y CYSTEINE                                        ? 'C3 H7 N O2 S'   121.158 
GLN 'L-peptide linking'           y GLUTAMINE                                       ? 'C5 H10 N2 O3'   146.144 
GLU 'L-peptide linking'           y 'GLUTAMIC ACID'                                 ? 'C5 H9 N O4'     147.129 
GLY 'peptide linking'             y GLYCINE                                         ? 'C2 H5 N O2'     75.067  
GU4 'D-saccharide, alpha linking' n 2,3,4,6-tetra-O-sulfonato-alpha-D-glucopyranose 
'2,3,4,6-tetra-O-sulfonato-alpha-D-glucose; 2,3,4,6-tetra-O-sulfonato-D-glucose; 2,3,4,6-tetra-O-sulfonato-glucose' 
'C6 H12 O18 S4'  500.409 
HOH non-polymer                   . WATER                                           ? 'H2 O'           18.015  
ILE 'L-peptide linking'           y ISOLEUCINE                                      ? 'C6 H13 N O2'    131.173 
LEU 'L-peptide linking'           y LEUCINE                                         ? 'C6 H13 N O2'    131.173 
LYS 'L-peptide linking'           y LYSINE                                          ? 'C6 H15 N2 O2 1' 147.195 
MET 'L-peptide linking'           y METHIONINE                                      ? 'C5 H11 N O2 S'  149.211 
PHE 'L-peptide linking'           y PHENYLALANINE                                   ? 'C9 H11 N O2'    165.189 
PRO 'L-peptide linking'           y PROLINE                                         ? 'C5 H9 N O2'     115.130 
SER 'L-peptide linking'           y SERINE                                          ? 'C3 H7 N O3'     105.093 
THR 'L-peptide linking'           y THREONINE                                       ? 'C4 H9 N O3'     119.119 
TYR 'L-peptide linking'           y TYROSINE                                        ? 'C9 H11 N O3'    181.189 
VAL 'L-peptide linking'           y VALINE                                          ? 'C5 H11 N O2'    117.146 
YYJ 'D-saccharide, beta linking'  n 1,3,4,6-tetra-O-sulfo-beta-D-fructofuranose     ? 'C6 H12 O18 S4'  500.409 
# 
loop_
_pdbx_chem_comp_identifier.comp_id 
_pdbx_chem_comp_identifier.type 
_pdbx_chem_comp_identifier.program 
_pdbx_chem_comp_identifier.program_version 
_pdbx_chem_comp_identifier.identifier 
GU4 'CONDENSED IUPAC CARBOHYDRATE SYMBOL' GMML     1.0 'DGlcp[2S,3S,4S,6S]a'                             
GU4 'COMMON NAME'                         GMML     1.0 2-sulfo-3-sulfo-4-sulfo-6-sulfo-a-D-glucopyranose 
GU4 'IUPAC CARBOHYDRATE SYMBOL'           PDB-CARE 1.0 a-D-Glcp2SO33SO34SO36SO3                          
# 
loop_
_pdbx_poly_seq_scheme.asym_id 
_pdbx_poly_seq_scheme.entity_id 
_pdbx_poly_seq_scheme.seq_id 
_pdbx_poly_seq_scheme.mon_id 
_pdbx_poly_seq_scheme.ndb_seq_num 
_pdbx_poly_seq_scheme.pdb_seq_num 
_pdbx_poly_seq_scheme.auth_seq_num 
_pdbx_poly_seq_scheme.pdb_mon_id 
_pdbx_poly_seq_scheme.auth_mon_id 
_pdbx_poly_seq_scheme.pdb_strand_id 
_pdbx_poly_seq_scheme.pdb_ins_code 
_pdbx_poly_seq_scheme.hetero 
A 1 1  ARG 1  1  1  ARG ARG A . n 
A 1 2  PRO 2  2  2  PRO PRO A . n 
A 1 3  ASP 3  3  3  ASP ASP A . n 
A 1 4  PHE 4  4  4  PHE PHE A . n 
A 1 5  CYS 5  5  5  CYS CYS A . n 
A 1 6  LEU 6  6  6  LEU LEU A . n 
A 1 7  GLU 7  7  7  GLU GLU A . n 
A 1 8  PRO 8  8  8  PRO PRO A . n 
A 1 9  PRO 9  9  9  PRO PRO A . n 
A 1 10 TYR 10 10 10 TYR TYR A . n 
A 1 11 THR 11 11 11 THR THR A . n 
A 1 12 GLY 12 12 12 GLY GLY A . n 
A 1 13 PRO 13 13 13 PRO PRO A . n 
A 1 14 CYS 14 14 14 CYS CYS A . n 
A 1 15 LYS 15 15 15 LYS LYS A . n 
A 1 16 ALA 16 16 16 ALA ALA A . n 
A 1 17 ARG 17 17 17 ARG ARG A . n 
A 1 18 ILE 18 18 18 ILE ILE A . n 
A 1 19 ILE 19 19 19 ILE ILE A . n 
A 1 20 ARG 20 20 20 ARG ARG A . n 
A 1 21 TYR 21 21 21 TYR TYR A . n 
A 1 22 PHE 22 22 22 PHE PHE A . n 
A 1 23 TYR 23 23 23 TYR TYR A . n 
A 1 24 ASN 24 24 24 ASN ASN A . n 
A 1 25 ALA 25 25 25 ALA ALA A . n 
A 1 26 LYS 26 26 26 LYS LYS A . n 
A 1 27 ALA 27 27 27 ALA ALA A . n 
A 1 28 GLY 28 28 28 GLY GLY A . n 
A 1 29 LEU 29 29 29 LEU LEU A . n 
A 1 30 CYS 30 30 30 CYS CYS A . n 
A 1 31 GLN 31 31 31 GLN GLN A . n 
A 1 32 THR 32 32 32 THR THR A . n 
A 1 33 PHE 33 33 33 PHE PHE A . n 
A 1 34 VAL 34 34 34 VAL VAL A . n 
A 1 35 TYR 35 35 35 TYR TYR A . n 
A 1 36 GLY 36 36 36 GLY GLY A . n 
A 1 37 GLY 37 37 37 GLY GLY A . n 
A 1 38 CYS 38 38 38 CYS CYS A . n 
A 1 39 ARG 39 39 39 ARG ARG A . n 
A 1 40 ALA 40 40 40 ALA ALA A . n 
A 1 41 LYS 41 41 41 LYS LYS A . n 
A 1 42 ARG 42 42 42 ARG ARG A . n 
A 1 43 ASN 43 43 43 ASN ASN A . n 
A 1 44 ASN 44 44 44 ASN ASN A . n 
A 1 45 PHE 45 45 45 PHE PHE A . n 
A 1 46 LYS 46 46 46 LYS LYS A . n 
A 1 47 SER 47 47 47 SER SER A . n 
A 1 48 ALA 48 48 48 ALA ALA A . n 
A 1 49 GLU 49 49 49 GLU GLU A . n 
A 1 50 ASP 50 50 50 ASP ASP A . n 
A 1 51 CYS 51 51 51 CYS CYS A . n 
A 1 52 MET 52 52 52 MET MET A . n 
A 1 53 ARG 53 53 53 ARG ARG A . n 
A 1 54 THR 54 54 54 THR THR A . n 
A 1 55 CYS 55 55 55 CYS CYS A . n 
A 1 56 GLY 56 56 56 GLY GLY A . n 
A 1 57 GLY 57 57 ?  ?   ?   A . n 
A 1 58 ALA 58 58 ?  ?   ?   A . n 
B 1 1  ARG 1  1  1  ARG ARG B . n 
B 1 2  PRO 2  2  2  PRO PRO B . n 
B 1 3  ASP 3  3  3  ASP ASP B . n 
B 1 4  PHE 4  4  4  PHE PHE B . n 
B 1 5  CYS 5  5  5  CYS CYS B . n 
B 1 6  LEU 6  6  6  LEU LEU B . n 
B 1 7  GLU 7  7  7  GLU GLU B . n 
B 1 8  PRO 8  8  8  PRO PRO B . n 
B 1 9  PRO 9  9  9  PRO PRO B . n 
B 1 10 TYR 10 10 10 TYR TYR B . n 
B 1 11 THR 11 11 11 THR THR B . n 
B 1 12 GLY 12 12 12 GLY GLY B . n 
B 1 13 PRO 13 13 13 PRO PRO B . n 
B 1 14 CYS 14 14 14 CYS CYS B . n 
B 1 15 LYS 15 15 15 LYS LYS B . n 
B 1 16 ALA 16 16 16 ALA ALA B . n 
B 1 17 ARG 17 17 17 ARG ARG B . n 
B 1 18 ILE 18 18 18 ILE ILE B . n 
B 1 19 ILE 19 19 19 ILE ILE B . n 
B 1 20 ARG 20 20 20 ARG ARG B . n 
B 1 21 TYR 21 21 21 TYR TYR B . n 
B 1 22 PHE 22 22 22 PHE PHE B . n 
B 1 23 TYR 23 23 23 TYR TYR B . n 
B 1 24 ASN 24 24 24 ASN ASN B . n 
B 1 25 ALA 25 25 25 ALA ALA B . n 
B 1 26 LYS 26 26 26 LYS LYS B . n 
B 1 27 ALA 27 27 27 ALA ALA B . n 
B 1 28 GLY 28 28 28 GLY GLY B . n 
B 1 29 LEU 29 29 29 LEU LEU B . n 
B 1 30 CYS 30 30 30 CYS CYS B . n 
B 1 31 GLN 31 31 31 GLN GLN B . n 
B 1 32 THR 32 32 32 THR THR B . n 
B 1 33 PHE 33 33 33 PHE PHE B . n 
B 1 34 VAL 34 34 34 VAL VAL B . n 
B 1 35 TYR 35 35 35 TYR TYR B . n 
B 1 36 GLY 36 36 36 GLY GLY B . n 
B 1 37 GLY 37 37 37 GLY GLY B . n 
B 1 38 CYS 38 38 38 CYS CYS B . n 
B 1 39 ARG 39 39 39 ARG ARG B . n 
B 1 40 ALA 40 40 40 ALA ALA B . n 
B 1 41 LYS 41 41 41 LYS LYS B . n 
B 1 42 ARG 42 42 42 ARG ARG B . n 
B 1 43 ASN 43 43 43 ASN ASN B . n 
B 1 44 ASN 44 44 44 ASN ASN B . n 
B 1 45 PHE 45 45 45 PHE PHE B . n 
B 1 46 LYS 46 46 46 LYS LYS B . n 
B 1 47 SER 47 47 47 SER SER B . n 
B 1 48 ALA 48 48 48 ALA ALA B . n 
B 1 49 GLU 49 49 49 GLU GLU B . n 
B 1 50 ASP 50 50 50 ASP ASP B . n 
B 1 51 CYS 51 51 51 CYS CYS B . n 
B 1 52 MET 52 52 52 MET MET B . n 
B 1 53 ARG 53 53 53 ARG ARG B . n 
B 1 54 THR 54 54 54 THR THR B . n 
B 1 55 CYS 55 55 55 CYS CYS B . n 
B 1 56 GLY 56 56 56 GLY GLY B . n 
B 1 57 GLY 57 57 ?  ?   ?   B . n 
B 1 58 ALA 58 58 ?  ?   ?   B . n 
C 1 1  ARG 1  1  1  ARG ARG C . n 
C 1 2  PRO 2  2  2  PRO PRO C . n 
C 1 3  ASP 3  3  3  ASP ASP C . n 
C 1 4  PHE 4  4  4  PHE PHE C . n 
C 1 5  CYS 5  5  5  CYS CYS C . n 
C 1 6  LEU 6  6  6  LEU LEU C . n 
C 1 7  GLU 7  7  7  GLU GLU C . n 
C 1 8  PRO 8  8  8  PRO PRO C . n 
C 1 9  PRO 9  9  9  PRO PRO C . n 
C 1 10 TYR 10 10 10 TYR TYR C . n 
C 1 11 THR 11 11 11 THR THR C . n 
C 1 12 GLY 12 12 12 GLY GLY C . n 
C 1 13 PRO 13 13 13 PRO PRO C . n 
C 1 14 CYS 14 14 14 CYS CYS C . n 
C 1 15 LYS 15 15 15 LYS LYS C . n 
C 1 16 ALA 16 16 16 ALA ALA C . n 
C 1 17 ARG 17 17 17 ARG ARG C . n 
C 1 18 ILE 18 18 18 ILE ILE C . n 
C 1 19 ILE 19 19 19 ILE ILE C . n 
C 1 20 ARG 20 20 20 ARG ARG C . n 
C 1 21 TYR 21 21 21 TYR TYR C . n 
C 1 22 PHE 22 22 22 PHE PHE C . n 
C 1 23 TYR 23 23 23 TYR TYR C . n 
C 1 24 ASN 24 24 24 ASN ASN C . n 
C 1 25 ALA 25 25 25 ALA ALA C . n 
C 1 26 LYS 26 26 26 LYS LYS C . n 
C 1 27 ALA 27 27 27 ALA ALA C . n 
C 1 28 GLY 28 28 28 GLY GLY C . n 
C 1 29 LEU 29 29 29 LEU LEU C . n 
C 1 30 CYS 30 30 30 CYS CYS C . n 
C 1 31 GLN 31 31 31 GLN GLN C . n 
C 1 32 THR 32 32 32 THR THR C . n 
C 1 33 PHE 33 33 33 PHE PHE C . n 
C 1 34 VAL 34 34 34 VAL VAL C . n 
C 1 35 TYR 35 35 35 TYR TYR C . n 
C 1 36 GLY 36 36 36 GLY GLY C . n 
C 1 37 GLY 37 37 37 GLY GLY C . n 
C 1 38 CYS 38 38 38 CYS CYS C . n 
C 1 39 ARG 39 39 39 ARG ARG C . n 
C 1 40 ALA 40 40 40 ALA ALA C . n 
C 1 41 LYS 41 41 41 LYS LYS C . n 
C 1 42 ARG 42 42 42 ARG ARG C . n 
C 1 43 ASN 43 43 43 ASN ASN C . n 
C 1 44 ASN 44 44 44 ASN ASN C . n 
C 1 45 PHE 45 45 45 PHE PHE C . n 
C 1 46 LYS 46 46 46 LYS LYS C . n 
C 1 47 SER 47 47 47 SER SER C . n 
C 1 48 ALA 48 48 48 ALA ALA C . n 
C 1 49 GLU 49 49 49 GLU GLU C . n 
C 1 50 ASP 50 50 50 ASP ASP C . n 
C 1 51 CYS 51 51 51 CYS CYS C . n 
C 1 52 MET 52 52 52 MET MET C . n 
C 1 53 ARG 53 53 53 ARG ARG C . n 
C 1 54 THR 54 54 54 THR THR C . n 
C 1 55 CYS 55 55 55 CYS CYS C . n 
C 1 56 GLY 56 56 56 GLY GLY C . n 
C 1 57 GLY 57 57 ?  ?   ?   C . n 
C 1 58 ALA 58 58 ?  ?   ?   C . n 
# 
loop_
_pdbx_branch_scheme.asym_id 
_pdbx_branch_scheme.entity_id 
_pdbx_branch_scheme.mon_id 
_pdbx_branch_scheme.num 
_pdbx_branch_scheme.pdb_asym_id 
_pdbx_branch_scheme.pdb_mon_id 
_pdbx_branch_scheme.pdb_seq_num 
_pdbx_branch_scheme.auth_asym_id 
_pdbx_branch_scheme.auth_mon_id 
_pdbx_branch_scheme.auth_seq_num 
_pdbx_branch_scheme.hetero 
D 2 GU4 1 D GU4 1 ? SCR 6124 n 
D 2 YYJ 2 D YYJ 2 ? SCR 6124 n 
# 
loop_
_pdbx_nonpoly_scheme.asym_id 
_pdbx_nonpoly_scheme.entity_id 
_pdbx_nonpoly_scheme.mon_id 
_pdbx_nonpoly_scheme.ndb_seq_num 
_pdbx_nonpoly_scheme.pdb_seq_num 
_pdbx_nonpoly_scheme.auth_seq_num 
_pdbx_nonpoly_scheme.pdb_mon_id 
_pdbx_nonpoly_scheme.auth_mon_id 
_pdbx_nonpoly_scheme.pdb_strand_id 
_pdbx_nonpoly_scheme.pdb_ins_code 
E 3 ACT 1  1209 1209 ACT ACT C . 
F 4 HOH 1  59   1    HOH HOH A . 
F 4 HOH 2  60   3    HOH HOH A . 
F 4 HOH 3  61   4    HOH HOH A . 
F 4 HOH 4  62   62   HOH HOH A . 
F 4 HOH 5  63   5    HOH HOH A . 
F 4 HOH 6  64   6    HOH HOH A . 
F 4 HOH 7  65   7    HOH HOH A . 
F 4 HOH 8  66   10   HOH HOH A . 
F 4 HOH 9  67   17   HOH HOH A . 
F 4 HOH 10 68   68   HOH HOH A . 
F 4 HOH 11 69   23   HOH HOH A . 
F 4 HOH 12 70   26   HOH HOH A . 
F 4 HOH 13 71   71   HOH HOH A . 
F 4 HOH 14 72   72   HOH HOH A . 
F 4 HOH 15 73   27   HOH HOH A . 
F 4 HOH 16 74   74   HOH HOH A . 
F 4 HOH 17 75   75   HOH HOH A . 
F 4 HOH 18 76   29   HOH HOH A . 
F 4 HOH 19 77   32   HOH HOH A . 
F 4 HOH 20 78   78   HOH HOH A . 
F 4 HOH 21 79   35   HOH HOH A . 
F 4 HOH 22 80   80   HOH HOH A . 
F 4 HOH 23 81   81   HOH HOH A . 
F 4 HOH 24 82   36   HOH HOH A . 
F 4 HOH 25 83   83   HOH HOH A . 
F 4 HOH 26 84   40   HOH HOH A . 
F 4 HOH 27 85   45   HOH HOH A . 
F 4 HOH 28 86   50   HOH HOH A . 
F 4 HOH 29 87   55   HOH HOH A . 
F 4 HOH 30 91   91   HOH HOH A . 
F 4 HOH 31 92   92   HOH HOH A . 
F 4 HOH 32 95   95   HOH HOH A . 
F 4 HOH 33 103  103  HOH HOH A . 
F 4 HOH 34 106  106  HOH HOH A . 
F 4 HOH 35 108  108  HOH HOH A . 
F 4 HOH 36 109  109  HOH HOH A . 
F 4 HOH 37 112  112  HOH HOH A . 
F 4 HOH 38 113  113  HOH HOH A . 
F 4 HOH 39 119  119  HOH HOH A . 
F 4 HOH 40 121  121  HOH HOH A . 
F 4 HOH 41 122  122  HOH HOH A . 
F 4 HOH 42 123  123  HOH HOH A . 
F 4 HOH 43 126  126  HOH HOH A . 
F 4 HOH 44 127  127  HOH HOH A . 
F 4 HOH 45 130  130  HOH HOH A . 
F 4 HOH 46 133  133  HOH HOH A . 
F 4 HOH 47 138  138  HOH HOH A . 
F 4 HOH 48 140  140  HOH HOH A . 
F 4 HOH 49 142  142  HOH HOH A . 
F 4 HOH 50 149  149  HOH HOH A . 
F 4 HOH 51 151  151  HOH HOH A . 
F 4 HOH 52 153  153  HOH HOH A . 
F 4 HOH 53 154  154  HOH HOH A . 
F 4 HOH 54 157  157  HOH HOH A . 
F 4 HOH 55 161  161  HOH HOH A . 
F 4 HOH 56 162  162  HOH HOH A . 
F 4 HOH 57 163  163  HOH HOH A . 
F 4 HOH 58 176  176  HOH HOH A . 
F 4 HOH 59 179  179  HOH HOH A . 
F 4 HOH 60 180  180  HOH HOH A . 
F 4 HOH 61 183  183  HOH HOH A . 
F 4 HOH 62 185  185  HOH HOH A . 
F 4 HOH 63 186  186  HOH HOH A . 
F 4 HOH 64 191  191  HOH HOH A . 
F 4 HOH 65 203  203  HOH HOH A . 
F 4 HOH 66 204  204  HOH HOH A . 
F 4 HOH 67 205  205  HOH HOH A . 
F 4 HOH 68 213  213  HOH HOH A . 
F 4 HOH 69 215  215  HOH HOH A . 
F 4 HOH 70 218  218  HOH HOH A . 
F 4 HOH 71 220  220  HOH HOH A . 
G 4 HOH 1  59   59   HOH HOH B . 
G 4 HOH 2  60   2    HOH HOH B . 
G 4 HOH 3  61   61   HOH HOH B . 
G 4 HOH 4  62   8    HOH HOH B . 
G 4 HOH 5  63   63   HOH HOH B . 
G 4 HOH 6  64   11   HOH HOH B . 
G 4 HOH 7  65   65   HOH HOH B . 
G 4 HOH 8  66   12   HOH HOH B . 
G 4 HOH 9  67   67   HOH HOH B . 
G 4 HOH 10 68   15   HOH HOH B . 
G 4 HOH 11 69   19   HOH HOH B . 
G 4 HOH 12 70   22   HOH HOH B . 
G 4 HOH 13 71   24   HOH HOH B . 
G 4 HOH 14 72   25   HOH HOH B . 
G 4 HOH 15 73   73   HOH HOH B . 
G 4 HOH 16 74   28   HOH HOH B . 
G 4 HOH 17 75   30   HOH HOH B . 
G 4 HOH 18 76   31   HOH HOH B . 
G 4 HOH 19 77   33   HOH HOH B . 
G 4 HOH 20 78   37   HOH HOH B . 
G 4 HOH 21 79   39   HOH HOH B . 
G 4 HOH 22 80   41   HOH HOH B . 
G 4 HOH 23 81   44   HOH HOH B . 
G 4 HOH 24 82   82   HOH HOH B . 
G 4 HOH 25 83   46   HOH HOH B . 
G 4 HOH 26 84   84   HOH HOH B . 
G 4 HOH 27 85   47   HOH HOH B . 
G 4 HOH 28 86   49   HOH HOH B . 
G 4 HOH 29 87   87   HOH HOH B . 
G 4 HOH 30 88   51   HOH HOH B . 
G 4 HOH 31 89   52   HOH HOH B . 
G 4 HOH 32 90   53   HOH HOH B . 
G 4 HOH 33 91   57   HOH HOH B . 
G 4 HOH 34 94   94   HOH HOH B . 
G 4 HOH 35 96   96   HOH HOH B . 
G 4 HOH 36 98   98   HOH HOH B . 
G 4 HOH 37 99   99   HOH HOH B . 
G 4 HOH 38 100  100  HOH HOH B . 
G 4 HOH 39 101  101  HOH HOH B . 
G 4 HOH 40 102  48   HOH HOH B . 
G 4 HOH 41 104  104  HOH HOH B . 
G 4 HOH 42 110  110  HOH HOH B . 
G 4 HOH 43 114  114  HOH HOH B . 
G 4 HOH 44 115  115  HOH HOH B . 
G 4 HOH 45 118  118  HOH HOH B . 
G 4 HOH 46 120  120  HOH HOH B . 
G 4 HOH 47 125  125  HOH HOH B . 
G 4 HOH 48 128  128  HOH HOH B . 
G 4 HOH 49 131  131  HOH HOH B . 
G 4 HOH 50 135  135  HOH HOH B . 
G 4 HOH 51 136  136  HOH HOH B . 
G 4 HOH 52 137  137  HOH HOH B . 
G 4 HOH 53 141  141  HOH HOH B . 
G 4 HOH 54 143  143  HOH HOH B . 
G 4 HOH 55 146  146  HOH HOH B . 
G 4 HOH 56 148  148  HOH HOH B . 
G 4 HOH 57 150  150  HOH HOH B . 
G 4 HOH 58 155  155  HOH HOH B . 
G 4 HOH 59 158  158  HOH HOH B . 
G 4 HOH 60 159  159  HOH HOH B . 
G 4 HOH 61 164  164  HOH HOH B . 
G 4 HOH 62 168  168  HOH HOH B . 
G 4 HOH 63 169  169  HOH HOH B . 
G 4 HOH 64 170  170  HOH HOH B . 
G 4 HOH 65 171  171  HOH HOH B . 
G 4 HOH 66 175  175  HOH HOH B . 
G 4 HOH 67 177  177  HOH HOH B . 
G 4 HOH 68 187  187  HOH HOH B . 
G 4 HOH 69 189  189  HOH HOH B . 
G 4 HOH 70 190  190  HOH HOH B . 
G 4 HOH 71 193  193  HOH HOH B . 
G 4 HOH 72 198  198  HOH HOH B . 
G 4 HOH 73 199  199  HOH HOH B . 
G 4 HOH 74 202  202  HOH HOH B . 
G 4 HOH 75 206  206  HOH HOH B . 
G 4 HOH 76 212  212  HOH HOH B . 
G 4 HOH 77 214  214  HOH HOH B . 
G 4 HOH 78 217  217  HOH HOH B . 
G 4 HOH 79 219  219  HOH HOH B . 
H 4 HOH 1  59   9    HOH HOH C . 
H 4 HOH 2  60   60   HOH HOH C . 
H 4 HOH 3  61   13   HOH HOH C . 
H 4 HOH 4  62   14   HOH HOH C . 
H 4 HOH 5  63   16   HOH HOH C . 
H 4 HOH 6  64   64   HOH HOH C . 
H 4 HOH 7  65   18   HOH HOH C . 
H 4 HOH 8  66   66   HOH HOH C . 
H 4 HOH 9  67   20   HOH HOH C . 
H 4 HOH 10 68   21   HOH HOH C . 
H 4 HOH 11 69   69   HOH HOH C . 
H 4 HOH 12 70   70   HOH HOH C . 
H 4 HOH 13 71   34   HOH HOH C . 
H 4 HOH 14 72   38   HOH HOH C . 
H 4 HOH 15 73   42   HOH HOH C . 
H 4 HOH 16 74   43   HOH HOH C . 
H 4 HOH 17 76   76   HOH HOH C . 
H 4 HOH 18 77   77   HOH HOH C . 
H 4 HOH 19 78   54   HOH HOH C . 
H 4 HOH 20 79   79   HOH HOH C . 
H 4 HOH 21 80   56   HOH HOH C . 
H 4 HOH 22 81   58   HOH HOH C . 
H 4 HOH 23 85   85   HOH HOH C . 
H 4 HOH 24 86   86   HOH HOH C . 
H 4 HOH 25 88   88   HOH HOH C . 
H 4 HOH 26 89   89   HOH HOH C . 
H 4 HOH 27 90   90   HOH HOH C . 
H 4 HOH 28 93   93   HOH HOH C . 
H 4 HOH 29 97   97   HOH HOH C . 
H 4 HOH 30 102  102  HOH HOH C . 
H 4 HOH 31 105  105  HOH HOH C . 
H 4 HOH 32 107  107  HOH HOH C . 
H 4 HOH 33 111  111  HOH HOH C . 
H 4 HOH 34 116  116  HOH HOH C . 
H 4 HOH 35 117  117  HOH HOH C . 
H 4 HOH 36 124  124  HOH HOH C . 
H 4 HOH 37 129  129  HOH HOH C . 
H 4 HOH 38 132  132  HOH HOH C . 
H 4 HOH 39 134  134  HOH HOH C . 
H 4 HOH 40 139  139  HOH HOH C . 
H 4 HOH 41 144  144  HOH HOH C . 
H 4 HOH 42 145  145  HOH HOH C . 
H 4 HOH 43 147  147  HOH HOH C . 
H 4 HOH 44 152  152  HOH HOH C . 
H 4 HOH 45 156  156  HOH HOH C . 
H 4 HOH 46 160  160  HOH HOH C . 
H 4 HOH 47 165  165  HOH HOH C . 
H 4 HOH 48 166  166  HOH HOH C . 
H 4 HOH 49 167  167  HOH HOH C . 
H 4 HOH 50 172  172  HOH HOH C . 
H 4 HOH 51 173  173  HOH HOH C . 
H 4 HOH 52 174  174  HOH HOH C . 
H 4 HOH 53 178  178  HOH HOH C . 
H 4 HOH 54 181  181  HOH HOH C . 
H 4 HOH 55 182  182  HOH HOH C . 
H 4 HOH 56 184  184  HOH HOH C . 
H 4 HOH 57 188  188  HOH HOH C . 
H 4 HOH 58 192  192  HOH HOH C . 
H 4 HOH 59 194  194  HOH HOH C . 
H 4 HOH 60 195  195  HOH HOH C . 
H 4 HOH 61 196  196  HOH HOH C . 
H 4 HOH 62 197  197  HOH HOH C . 
H 4 HOH 63 200  200  HOH HOH C . 
H 4 HOH 64 201  201  HOH HOH C . 
H 4 HOH 65 207  207  HOH HOH C . 
H 4 HOH 66 208  208  HOH HOH C . 
H 4 HOH 67 209  209  HOH HOH C . 
H 4 HOH 68 210  210  HOH HOH C . 
H 4 HOH 69 211  211  HOH HOH C . 
H 4 HOH 70 216  216  HOH HOH C . 
# 
loop_
_software.pdbx_ordinal 
_software.name 
_software.version 
_software.date 
_software.type 
_software.contact_author 
_software.contact_author_email 
_software.classification 
_software.location 
_software.language 
_software.citation_id 
1 REFMAC      5.2.0019 ?               program 'Garib N. Murshudov' garib@ysbl.york.ac.uk refinement        
http://www.ccp4.ac.uk/dist/html/refmac5.html Fortran_77 ? 
2 PDB_EXTRACT 3.005    'June 11, 2008' package PDB                  help@deposit.rcsb.org 'data extraction' 
http://sw-tools.pdb.org/apps/PDB_EXTRACT/    C++        ? 
3 HKL-2000    .        ?               ?       ?                    ?                     'data collection' ? ?          ? 
4 HKL-2000    .        ?               ?       ?                    ?                     'data reduction'  ? ?          ? 
5 HKL-2000    .        ?               ?       ?                    ?                     'data scaling'    ? ?          ? 
6 MOLREP      .        ?               ?       ?                    ?                     phasing           ? ?          ? 
# 
_cell.entry_id           3LDJ 
_cell.length_a           116.9470 
_cell.length_b           31.0030 
_cell.length_c           52.5430 
_cell.angle_alpha        90.0000 
_cell.angle_beta         116.9110 
_cell.angle_gamma        90.0000 
_cell.Z_PDB              12 
_cell.pdbx_unique_axis   ? 
_cell.length_a_esd       ? 
_cell.length_b_esd       ? 
_cell.length_c_esd       ? 
_cell.angle_alpha_esd    ? 
_cell.angle_beta_esd     ? 
_cell.angle_gamma_esd    ? 
# 
_symmetry.entry_id                         3LDJ 
_symmetry.space_group_name_H-M             'C 1 2 1' 
_symmetry.pdbx_full_space_group_name_H-M   ? 
_symmetry.cell_setting                     ? 
_symmetry.Int_Tables_number                5 
_symmetry.space_group_name_Hall            ? 
# 
_exptl.crystals_number   1 
_exptl.entry_id          3LDJ 
_exptl.method            'X-RAY DIFFRACTION' 
# 
_exptl_crystal.id                    1 
_exptl_crystal.pdbx_mosaicity        ? 
_exptl_crystal.pdbx_mosaicity_esd    ? 
_exptl_crystal.density_Matthews      2.17 
_exptl_crystal.density_diffrn        ? 
_exptl_crystal.density_meas          ? 
_exptl_crystal.density_meas_temp     ? 
_exptl_crystal.density_percent_sol   43.24 
_exptl_crystal.size_max              ? 
_exptl_crystal.size_mid              ? 
_exptl_crystal.size_min              ? 
_exptl_crystal.size_rad              ? 
_exptl_crystal.description           ? 
_exptl_crystal.F_000                 ? 
_exptl_crystal.preparation           ? 
# 
_exptl_crystal_grow.crystal_id      1 
_exptl_crystal_grow.method          'VAPOR DIFFUSION, HANGING DROP' 
_exptl_crystal_grow.pH              8 
_exptl_crystal_grow.temp            295 
_exptl_crystal_grow.temp_details    ? 
_exptl_crystal_grow.pdbx_details    '20-25% PEG4000, pH 8, VAPOR DIFFUSION, HANGING DROP, temperature 295K' 
_exptl_crystal_grow.pdbx_pH_range   . 
# 
_diffrn.id                     1 
_diffrn.ambient_temp           100 
_diffrn.ambient_temp_details   ? 
_diffrn.crystal_id             1 
# 
_diffrn_detector.diffrn_id              1 
_diffrn_detector.detector               CCD 
_diffrn_detector.type                   'ADSC QUANTUM 210' 
_diffrn_detector.pdbx_collection_date   ? 
_diffrn_detector.details                ? 
# 
_diffrn_radiation.diffrn_id                        1 
_diffrn_radiation.wavelength_id                    1 
_diffrn_radiation.pdbx_diffrn_protocol             'SINGLE WAVELENGTH' 
_diffrn_radiation.monochromator                    ? 
_diffrn_radiation.pdbx_monochromatic_or_laue_m_l   M 
_diffrn_radiation.pdbx_scattering_type             x-ray 
# 
_diffrn_radiation_wavelength.id           1 
_diffrn_radiation_wavelength.wavelength   1.0 
_diffrn_radiation_wavelength.wt           1.0 
# 
_diffrn_source.diffrn_id                   1 
_diffrn_source.source                      SYNCHROTRON 
_diffrn_source.type                        'PAL/PLS BEAMLINE 4A' 
_diffrn_source.pdbx_wavelength             ? 
_diffrn_source.pdbx_wavelength_list        1.0 
_diffrn_source.pdbx_synchrotron_site       PAL/PLS 
_diffrn_source.pdbx_synchrotron_beamline   4A 
# 
_reflns.entry_id                     3LDJ 
_reflns.observed_criterion_sigma_F   ? 
_reflns.observed_criterion_sigma_I   ? 
_reflns.d_resolution_high            1.5 
_reflns.d_resolution_low             52.130 
_reflns.number_all                   27447 
_reflns.number_obs                   27420 
_reflns.percent_possible_obs         99.9 
_reflns.pdbx_Rmerge_I_obs            ? 
_reflns.pdbx_Rsym_value              0.07 
_reflns.pdbx_netI_over_sigmaI        22.5 
_reflns.B_iso_Wilson_estimate        ? 
_reflns.pdbx_redundancy              ? 
_reflns.R_free_details               ? 
_reflns.limit_h_max                  ? 
_reflns.limit_h_min                  ? 
_reflns.limit_k_max                  ? 
_reflns.limit_k_min                  ? 
_reflns.limit_l_max                  ? 
_reflns.limit_l_min                  ? 
_reflns.observed_criterion_F_max     ? 
_reflns.observed_criterion_F_min     ? 
_reflns.pdbx_chi_squared             ? 
_reflns.pdbx_scaling_rejects         ? 
_reflns.pdbx_diffrn_id               1 
_reflns.pdbx_ordinal                 1 
# 
_reflns_shell.d_res_high             1.5 
_reflns_shell.d_res_low              1.55 
_reflns_shell.percent_possible_obs   ? 
_reflns_shell.percent_possible_all   100 
_reflns_shell.Rmerge_I_obs           ? 
_reflns_shell.meanI_over_sigI_obs    3.7 
_reflns_shell.pdbx_Rsym_value        0.40 
_reflns_shell.pdbx_redundancy        ? 
_reflns_shell.number_unique_all      ? 
_reflns_shell.number_measured_all    ? 
_reflns_shell.number_measured_obs    ? 
_reflns_shell.number_unique_obs      ? 
_reflns_shell.pdbx_chi_squared       ? 
_reflns_shell.pdbx_diffrn_id         ? 
_reflns_shell.pdbx_ordinal           1 
# 
_refine.entry_id                                 3LDJ 
_refine.ls_d_res_high                            1.70 
_refine.ls_d_res_low                             52.13 
_refine.pdbx_ls_sigma_F                          0.00 
_refine.pdbx_data_cutoff_high_absF               ? 
_refine.pdbx_data_cutoff_low_absF                ? 
_refine.ls_percent_reflns_obs                    98.96 
_refine.ls_number_reflns_obs                     17646 
_refine.ls_number_reflns_all                     ? 
_refine.pdbx_ls_cross_valid_method               THROUGHOUT 
_refine.pdbx_R_Free_selection_details            RANDOM 
_refine.details                                  'HYDROGENS HAVE BEEN ADDED IN THE RIDING POSITIONS' 
_refine.ls_R_factor_all                          ? 
_refine.ls_R_factor_obs                          0.19227 
_refine.ls_R_factor_R_work                       0.19002 
_refine.ls_wR_factor_R_work                      ? 
_refine.ls_R_factor_R_free                       0.23428 
_refine.ls_wR_factor_R_free                      ? 
_refine.ls_percent_reflns_R_free                 5.1 
_refine.ls_number_reflns_R_free                  949 
_refine.ls_R_factor_R_free_error                 ? 
_refine.B_iso_mean                               25.025 
_refine.solvent_model_param_bsol                 ? 
_refine.solvent_model_param_ksol                 ? 
_refine.pdbx_isotropic_thermal_model             ? 
_refine.aniso_B[1][1]                            -0.51 
_refine.aniso_B[2][2]                            0.410 
_refine.aniso_B[3][3]                            -0.22 
_refine.aniso_B[1][2]                            0.000 
_refine.aniso_B[1][3]                            0.16 
_refine.aniso_B[2][3]                            0.000 
_refine.correlation_coeff_Fo_to_Fc               0.956 
_refine.correlation_coeff_Fo_to_Fc_free          0.931 
_refine.overall_SU_R_Cruickshank_DPI             ? 
_refine.overall_SU_R_free                        ? 
_refine.pdbx_overall_ESU_R                       0.125 
_refine.pdbx_overall_ESU_R_Free                  0.123 
_refine.overall_SU_ML                            0.082 
_refine.overall_SU_B                             2.433 
_refine.solvent_model_details                    MASK 
_refine.pdbx_solvent_vdw_probe_radii             1.40 
_refine.pdbx_solvent_ion_probe_radii             0.80 
_refine.pdbx_solvent_shrinkage_radii             0.80 
_refine.ls_number_parameters                     ? 
_refine.ls_number_restraints                     ? 
_refine.pdbx_starting_model                      ? 
_refine.pdbx_method_to_determine_struct          'MOLECULAR REPLACEMENT' 
_refine.pdbx_stereochemistry_target_values       'MAXIMUM LIKELIHOOD' 
_refine.pdbx_stereochem_target_val_spec_case     ? 
_refine.overall_FOM_work_R_set                   ? 
_refine.B_iso_max                                55.37 
_refine.B_iso_min                                6.08 
_refine.occupancy_max                            1.00 
_refine.occupancy_min                            0.30 
_refine.pdbx_ls_sigma_I                          ? 
_refine.ls_redundancy_reflns_obs                 ? 
_refine.ls_R_factor_R_free_error_details         ? 
_refine.pdbx_data_cutoff_high_rms_absF           ? 
_refine.overall_FOM_free_R_set                   ? 
_refine.pdbx_refine_id                           'X-RAY DIFFRACTION' 
_refine.pdbx_overall_phase_error                 ? 
_refine.pdbx_diffrn_id                           1 
_refine.pdbx_TLS_residual_ADP_flag               ? 
_refine.pdbx_overall_SU_R_free_Cruickshank_DPI   ? 
_refine.pdbx_overall_SU_R_Blow_DPI               ? 
_refine.pdbx_overall_SU_R_free_Blow_DPI          ? 
# 
_refine_hist.pdbx_refine_id                   'X-RAY DIFFRACTION' 
_refine_hist.cycle_id                         LAST 
_refine_hist.pdbx_number_atoms_protein        1332 
_refine_hist.pdbx_number_atoms_nucleic_acid   0 
_refine_hist.pdbx_number_atoms_ligand         59 
_refine_hist.number_atoms_solvent             220 
_refine_hist.number_atoms_total               1611 
_refine_hist.d_res_high                       1.70 
_refine_hist.d_res_low                        52.13 
# 
loop_
_refine_ls_restr.type 
_refine_ls_restr.dev_ideal 
_refine_ls_restr.dev_ideal_target 
_refine_ls_restr.weight 
_refine_ls_restr.number 
_refine_ls_restr.pdbx_refine_id 
_refine_ls_restr.pdbx_restraint_function 
r_bond_refined_d             0.023  0.022  ? 1433 'X-RAY DIFFRACTION' ? 
r_bond_other_d               ?      ?      ? ?    'X-RAY DIFFRACTION' ? 
r_angle_refined_deg          2.237  2.012  ? 1943 'X-RAY DIFFRACTION' ? 
r_angle_other_deg            ?      ?      ? ?    'X-RAY DIFFRACTION' ? 
r_dihedral_angle_1_deg       6.714  5.000  ? 165  'X-RAY DIFFRACTION' ? 
r_dihedral_angle_2_deg       21.114 20.909 ? 66   'X-RAY DIFFRACTION' ? 
r_dihedral_angle_3_deg       13.620 15.000 ? 225  'X-RAY DIFFRACTION' ? 
r_dihedral_angle_4_deg       17.780 15.000 ? 18   'X-RAY DIFFRACTION' ? 
r_chiral_restr               0.142  0.200  ? 194  'X-RAY DIFFRACTION' ? 
r_gen_planes_refined         0.010  0.021  ? 1078 'X-RAY DIFFRACTION' ? 
r_gen_planes_other           ?      ?      ? ?    'X-RAY DIFFRACTION' ? 
r_nbd_refined                ?      ?      ? ?    'X-RAY DIFFRACTION' ? 
r_nbd_other                  ?      ?      ? ?    'X-RAY DIFFRACTION' ? 
r_nbtor_refined              ?      ?      ? ?    'X-RAY DIFFRACTION' ? 
r_nbtor_other                ?      ?      ? ?    'X-RAY DIFFRACTION' ? 
r_xyhbond_nbd_refined        ?      ?      ? ?    'X-RAY DIFFRACTION' ? 
r_xyhbond_nbd_other          ?      ?      ? ?    'X-RAY DIFFRACTION' ? 
r_metal_ion_refined          ?      ?      ? ?    'X-RAY DIFFRACTION' ? 
r_metal_ion_other            ?      ?      ? ?    'X-RAY DIFFRACTION' ? 
r_symmetry_vdw_refined       ?      ?      ? ?    'X-RAY DIFFRACTION' ? 
r_symmetry_vdw_other         ?      ?      ? ?    'X-RAY DIFFRACTION' ? 
r_symmetry_hbond_refined     ?      ?      ? ?    'X-RAY DIFFRACTION' ? 
r_symmetry_hbond_other       ?      ?      ? ?    'X-RAY DIFFRACTION' ? 
r_symmetry_metal_ion_refined ?      ?      ? ?    'X-RAY DIFFRACTION' ? 
r_symmetry_metal_ion_other   ?      ?      ? ?    'X-RAY DIFFRACTION' ? 
r_mcbond_it                  1.305  1.500  ? 837  'X-RAY DIFFRACTION' ? 
r_mcbond_other               ?      ?      ? ?    'X-RAY DIFFRACTION' ? 
r_mcangle_it                 2.077  2.000  ? 1331 'X-RAY DIFFRACTION' ? 
r_scbond_it                  3.230  3.000  ? 596  'X-RAY DIFFRACTION' ? 
r_scangle_it                 5.054  4.500  ? 612  'X-RAY DIFFRACTION' ? 
r_rigid_bond_restr           ?      ?      ? ?    'X-RAY DIFFRACTION' ? 
r_sphericity_free            ?      ?      ? ?    'X-RAY DIFFRACTION' ? 
r_sphericity_bonded          ?      ?      ? ?    'X-RAY DIFFRACTION' ? 
# 
_refine_ls_shell.d_res_high                       1.702 
_refine_ls_shell.d_res_low                        1.746 
_refine_ls_shell.pdbx_total_number_of_bins_used   20 
_refine_ls_shell.percent_reflns_obs               98.76 
_refine_ls_shell.number_reflns_R_work             1284 
_refine_ls_shell.R_factor_all                     ? 
_refine_ls_shell.R_factor_R_work                  0.240 
_refine_ls_shell.R_factor_R_free                  0.307 
_refine_ls_shell.percent_reflns_R_free            ? 
_refine_ls_shell.number_reflns_R_free             66 
_refine_ls_shell.R_factor_R_free_error            ? 
_refine_ls_shell.number_reflns_all                1962 
_refine_ls_shell.number_reflns_obs                ? 
_refine_ls_shell.redundancy_reflns_obs            ? 
_refine_ls_shell.pdbx_refine_id                   'X-RAY DIFFRACTION' 
# 
_struct.entry_id                  3LDJ 
_struct.title                     
'Crystal structure of aprotinin in complex with sucrose octasulfate: unusual interactions and implication for heparin binding' 
_struct.pdbx_model_details        ? 
_struct.pdbx_CASP_flag            ? 
_struct.pdbx_model_type_details   ? 
# 
_struct_keywords.entry_id        3LDJ 
_struct_keywords.pdbx_keywords   'HYDROLASE INHIBITOR' 
_struct_keywords.text            
'aprotinin, sucrose octasulfate, Disulfide bond, Protease inhibitor, Secreted, Serine protease inhibitor, HYDROLASE INHIBITOR' 
# 
loop_
_struct_asym.id 
_struct_asym.pdbx_blank_PDB_chainid_flag 
_struct_asym.pdbx_modified 
_struct_asym.entity_id 
_struct_asym.details 
A N N 1 ? 
B N N 1 ? 
C N N 1 ? 
D N N 2 ? 
E N N 3 ? 
F N N 4 ? 
G N N 4 ? 
H N N 4 ? 
# 
_struct_ref.id                         1 
_struct_ref.db_name                    UNP 
_struct_ref.db_code                    BPT1_BOVIN 
_struct_ref.pdbx_db_accession          P00974 
_struct_ref.entity_id                  1 
_struct_ref.pdbx_seq_one_letter_code   RPDFCLEPPYTGPCKARIIRYFYNAKAGLCQTFVYGGCRAKRNNFKSAEDCMRTCGGA 
_struct_ref.pdbx_align_begin           36 
_struct_ref.pdbx_db_isoform            ? 
# 
loop_
_struct_ref_seq.align_id 
_struct_ref_seq.ref_id 
_struct_ref_seq.pdbx_PDB_id_code 
_struct_ref_seq.pdbx_strand_id 
_struct_ref_seq.seq_align_beg 
_struct_ref_seq.pdbx_seq_align_beg_ins_code 
_struct_ref_seq.seq_align_end 
_struct_ref_seq.pdbx_seq_align_end_ins_code 
_struct_ref_seq.pdbx_db_accession 
_struct_ref_seq.db_align_beg 
_struct_ref_seq.pdbx_db_align_beg_ins_code 
_struct_ref_seq.db_align_end 
_struct_ref_seq.pdbx_db_align_end_ins_code 
_struct_ref_seq.pdbx_auth_seq_align_beg 
_struct_ref_seq.pdbx_auth_seq_align_end 
1 1 3LDJ A 1 ? 58 ? P00974 36 ? 93 ? 1 58 
2 1 3LDJ B 1 ? 58 ? P00974 36 ? 93 ? 1 58 
3 1 3LDJ C 1 ? 58 ? P00974 36 ? 93 ? 1 58 
# 
loop_
_pdbx_struct_assembly.id 
_pdbx_struct_assembly.details 
_pdbx_struct_assembly.method_details 
_pdbx_struct_assembly.oligomeric_details 
_pdbx_struct_assembly.oligomeric_count 
1 author_and_software_defined_assembly PISA monomeric 1 
2 author_and_software_defined_assembly PISA monomeric 1 
3 author_and_software_defined_assembly PISA monomeric 1 
# 
loop_
_pdbx_struct_assembly_gen.assembly_id 
_pdbx_struct_assembly_gen.oper_expression 
_pdbx_struct_assembly_gen.asym_id_list 
1 1 A,F   
2 1 B,D,G 
3 1 C,E,H 
# 
_pdbx_struct_oper_list.id                   1 
_pdbx_struct_oper_list.type                 'identity operation' 
_pdbx_struct_oper_list.name                 1_555 
_pdbx_struct_oper_list.symmetry_operation   x,y,z 
_pdbx_struct_oper_list.matrix[1][1]         1.0000000000 
_pdbx_struct_oper_list.matrix[1][2]         0.0000000000 
_pdbx_struct_oper_list.matrix[1][3]         0.0000000000 
_pdbx_struct_oper_list.vector[1]            0.0000000000 
_pdbx_struct_oper_list.matrix[2][1]         0.0000000000 
_pdbx_struct_oper_list.matrix[2][2]         1.0000000000 
_pdbx_struct_oper_list.matrix[2][3]         0.0000000000 
_pdbx_struct_oper_list.vector[2]            0.0000000000 
_pdbx_struct_oper_list.matrix[3][1]         0.0000000000 
_pdbx_struct_oper_list.matrix[3][2]         0.0000000000 
_pdbx_struct_oper_list.matrix[3][3]         1.0000000000 
_pdbx_struct_oper_list.vector[3]            0.0000000000 
# 
_struct_biol.id        1 
_struct_biol.details   ? 
# 
loop_
_struct_conf.conf_type_id 
_struct_conf.id 
_struct_conf.pdbx_PDB_helix_id 
_struct_conf.beg_label_comp_id 
_struct_conf.beg_label_asym_id 
_struct_conf.beg_label_seq_id 
_struct_conf.pdbx_beg_PDB_ins_code 
_struct_conf.end_label_comp_id 
_struct_conf.end_label_asym_id 
_struct_conf.end_label_seq_id 
_struct_conf.pdbx_end_PDB_ins_code 
_struct_conf.beg_auth_comp_id 
_struct_conf.beg_auth_asym_id 
_struct_conf.beg_auth_seq_id 
_struct_conf.end_auth_comp_id 
_struct_conf.end_auth_asym_id 
_struct_conf.end_auth_seq_id 
_struct_conf.pdbx_PDB_helix_class 
_struct_conf.details 
_struct_conf.pdbx_PDB_helix_length 
HELX_P HELX_P1 1 PRO A 2  ? GLU A 7  ? PRO A 2  GLU A 7  5 ? 6  
HELX_P HELX_P2 2 SER A 47 ? GLY A 56 ? SER A 47 GLY A 56 1 ? 10 
HELX_P HELX_P3 3 PRO B 2  ? GLU B 7  ? PRO B 2  GLU B 7  5 ? 6  
HELX_P HELX_P4 4 SER B 47 ? GLY B 56 ? SER B 47 GLY B 56 1 ? 10 
HELX_P HELX_P5 5 PRO C 2  ? GLU C 7  ? PRO C 2  GLU C 7  5 ? 6  
HELX_P HELX_P6 6 SER C 47 ? GLY C 56 ? SER C 47 GLY C 56 1 ? 10 
# 
_struct_conf_type.id          HELX_P 
_struct_conf_type.criteria    ? 
_struct_conf_type.reference   ? 
# 
loop_
_struct_conn.id 
_struct_conn.conn_type_id 
_struct_conn.pdbx_leaving_atom_flag 
_struct_conn.pdbx_PDB_id 
_struct_conn.ptnr1_label_asym_id 
_struct_conn.ptnr1_label_comp_id 
_struct_conn.ptnr1_label_seq_id 
_struct_conn.ptnr1_label_atom_id 
_struct_conn.pdbx_ptnr1_label_alt_id 
_struct_conn.pdbx_ptnr1_PDB_ins_code 
_struct_conn.pdbx_ptnr1_standard_comp_id 
_struct_conn.ptnr1_symmetry 
_struct_conn.ptnr2_label_asym_id 
_struct_conn.ptnr2_label_comp_id 
_struct_conn.ptnr2_label_seq_id 
_struct_conn.ptnr2_label_atom_id 
_struct_conn.pdbx_ptnr2_label_alt_id 
_struct_conn.pdbx_ptnr2_PDB_ins_code 
_struct_conn.ptnr1_auth_asym_id 
_struct_conn.ptnr1_auth_comp_id 
_struct_conn.ptnr1_auth_seq_id 
_struct_conn.ptnr2_auth_asym_id 
_struct_conn.ptnr2_auth_comp_id 
_struct_conn.ptnr2_auth_seq_id 
_struct_conn.ptnr2_symmetry 
_struct_conn.pdbx_ptnr3_label_atom_id 
_struct_conn.pdbx_ptnr3_label_seq_id 
_struct_conn.pdbx_ptnr3_label_comp_id 
_struct_conn.pdbx_ptnr3_label_asym_id 
_struct_conn.pdbx_ptnr3_label_alt_id 
_struct_conn.pdbx_ptnr3_PDB_ins_code 
_struct_conn.details 
_struct_conn.pdbx_dist_value 
_struct_conn.pdbx_value_order 
_struct_conn.pdbx_role 
disulf1 disulf ?    ? A CYS 5  SG ? ? ? 1_555 A CYS 55 SG ? ? A CYS 5  A CYS 55 1_555 ? ? ? ? ? ? ? 2.076 ?    ? 
disulf2 disulf ?    ? A CYS 14 SG ? ? ? 1_555 A CYS 38 SG ? ? A CYS 14 A CYS 38 1_555 ? ? ? ? ? ? ? 2.092 ?    ? 
disulf3 disulf ?    ? A CYS 30 SG ? ? ? 1_555 A CYS 51 SG ? ? A CYS 30 A CYS 51 1_555 ? ? ? ? ? ? ? 2.102 ?    ? 
disulf4 disulf ?    ? B CYS 5  SG ? ? ? 1_555 B CYS 55 SG ? ? B CYS 5  B CYS 55 1_555 ? ? ? ? ? ? ? 2.079 ?    ? 
disulf5 disulf ?    ? B CYS 14 SG ? ? ? 1_555 B CYS 38 SG ? ? B CYS 14 B CYS 38 1_555 ? ? ? ? ? ? ? 2.062 ?    ? 
disulf6 disulf ?    ? B CYS 30 SG ? ? ? 1_555 B CYS 51 SG ? ? B CYS 30 B CYS 51 1_555 ? ? ? ? ? ? ? 2.045 ?    ? 
disulf7 disulf ?    ? C CYS 5  SG ? ? ? 1_555 C CYS 55 SG ? ? C CYS 5  C CYS 55 1_555 ? ? ? ? ? ? ? 2.067 ?    ? 
disulf8 disulf ?    ? C CYS 14 SG ? ? ? 1_555 C CYS 38 SG ? ? C CYS 14 C CYS 38 1_555 ? ? ? ? ? ? ? 2.075 ?    ? 
disulf9 disulf ?    ? C CYS 30 SG ? ? ? 1_555 C CYS 51 SG ? ? C CYS 30 C CYS 51 1_555 ? ? ? ? ? ? ? 2.030 ?    ? 
covale1 covale both ? D GU4 .  C1 ? ? ? 1_555 D YYJ .  O2 ? ? D GU4 1  D YYJ 2  1_555 ? ? ? ? ? ? ? 1.486 sing ? 
# 
loop_
_struct_conn_type.id 
_struct_conn_type.criteria 
_struct_conn_type.reference 
disulf ? ? 
covale ? ? 
# 
loop_
_pdbx_modification_feature.ordinal 
_pdbx_modification_feature.label_comp_id 
_pdbx_modification_feature.label_asym_id 
_pdbx_modification_feature.label_seq_id 
_pdbx_modification_feature.label_alt_id 
_pdbx_modification_feature.modified_residue_label_comp_id 
_pdbx_modification_feature.modified_residue_label_asym_id 
_pdbx_modification_feature.modified_residue_label_seq_id 
_pdbx_modification_feature.modified_residue_label_alt_id 
_pdbx_modification_feature.auth_comp_id 
_pdbx_modification_feature.auth_asym_id 
_pdbx_modification_feature.auth_seq_id 
_pdbx_modification_feature.PDB_ins_code 
_pdbx_modification_feature.symmetry 
_pdbx_modification_feature.modified_residue_auth_comp_id 
_pdbx_modification_feature.modified_residue_auth_asym_id 
_pdbx_modification_feature.modified_residue_auth_seq_id 
_pdbx_modification_feature.modified_residue_PDB_ins_code 
_pdbx_modification_feature.modified_residue_symmetry 
_pdbx_modification_feature.comp_id_linking_atom 
_pdbx_modification_feature.modified_residue_id_linking_atom 
_pdbx_modification_feature.modified_residue_id 
_pdbx_modification_feature.ref_pcm_id 
_pdbx_modification_feature.ref_comp_id 
_pdbx_modification_feature.type 
_pdbx_modification_feature.category 
1 CYS A 5  ? CYS A 55 ? CYS A 5  ? 1_555 CYS A 55 ? 1_555 SG SG . . . None 'Disulfide bridge' 
2 CYS A 14 ? CYS A 38 ? CYS A 14 ? 1_555 CYS A 38 ? 1_555 SG SG . . . None 'Disulfide bridge' 
3 CYS A 30 ? CYS A 51 ? CYS A 30 ? 1_555 CYS A 51 ? 1_555 SG SG . . . None 'Disulfide bridge' 
4 CYS B 5  ? CYS B 55 ? CYS B 5  ? 1_555 CYS B 55 ? 1_555 SG SG . . . None 'Disulfide bridge' 
5 CYS B 14 ? CYS B 38 ? CYS B 14 ? 1_555 CYS B 38 ? 1_555 SG SG . . . None 'Disulfide bridge' 
6 CYS B 30 ? CYS B 51 ? CYS B 30 ? 1_555 CYS B 51 ? 1_555 SG SG . . . None 'Disulfide bridge' 
7 CYS C 5  ? CYS C 55 ? CYS C 5  ? 1_555 CYS C 55 ? 1_555 SG SG . . . None 'Disulfide bridge' 
8 CYS C 14 ? CYS C 38 ? CYS C 14 ? 1_555 CYS C 38 ? 1_555 SG SG . . . None 'Disulfide bridge' 
9 CYS C 30 ? CYS C 51 ? CYS C 30 ? 1_555 CYS C 51 ? 1_555 SG SG . . . None 'Disulfide bridge' 
# 
loop_
_struct_sheet.id 
_struct_sheet.type 
_struct_sheet.number_strands 
_struct_sheet.details 
A ? 2 ? 
B ? 2 ? 
C ? 2 ? 
# 
loop_
_struct_sheet_order.sheet_id 
_struct_sheet_order.range_id_1 
_struct_sheet_order.range_id_2 
_struct_sheet_order.offset 
_struct_sheet_order.sense 
A 1 2 ? anti-parallel 
B 1 2 ? anti-parallel 
C 1 2 ? anti-parallel 
# 
loop_
_struct_sheet_range.sheet_id 
_struct_sheet_range.id 
_struct_sheet_range.beg_label_comp_id 
_struct_sheet_range.beg_label_asym_id 
_struct_sheet_range.beg_label_seq_id 
_struct_sheet_range.pdbx_beg_PDB_ins_code 
_struct_sheet_range.end_label_comp_id 
_struct_sheet_range.end_label_asym_id 
_struct_sheet_range.end_label_seq_id 
_struct_sheet_range.pdbx_end_PDB_ins_code 
_struct_sheet_range.beg_auth_comp_id 
_struct_sheet_range.beg_auth_asym_id 
_struct_sheet_range.beg_auth_seq_id 
_struct_sheet_range.end_auth_comp_id 
_struct_sheet_range.end_auth_asym_id 
_struct_sheet_range.end_auth_seq_id 
A 1 ILE A 18 ? ASN A 24 ? ILE A 18 ASN A 24 
A 2 LEU A 29 ? TYR A 35 ? LEU A 29 TYR A 35 
B 1 ILE B 18 ? TYR B 23 ? ILE B 18 TYR B 23 
B 2 CYS B 30 ? TYR B 35 ? CYS B 30 TYR B 35 
C 1 ILE C 18 ? ASN C 24 ? ILE C 18 ASN C 24 
C 2 LEU C 29 ? TYR C 35 ? LEU C 29 TYR C 35 
# 
loop_
_pdbx_struct_sheet_hbond.sheet_id 
_pdbx_struct_sheet_hbond.range_id_1 
_pdbx_struct_sheet_hbond.range_id_2 
_pdbx_struct_sheet_hbond.range_1_label_atom_id 
_pdbx_struct_sheet_hbond.range_1_label_comp_id 
_pdbx_struct_sheet_hbond.range_1_label_asym_id 
_pdbx_struct_sheet_hbond.range_1_label_seq_id 
_pdbx_struct_sheet_hbond.range_1_PDB_ins_code 
_pdbx_struct_sheet_hbond.range_1_auth_atom_id 
_pdbx_struct_sheet_hbond.range_1_auth_comp_id 
_pdbx_struct_sheet_hbond.range_1_auth_asym_id 
_pdbx_struct_sheet_hbond.range_1_auth_seq_id 
_pdbx_struct_sheet_hbond.range_2_label_atom_id 
_pdbx_struct_sheet_hbond.range_2_label_comp_id 
_pdbx_struct_sheet_hbond.range_2_label_asym_id 
_pdbx_struct_sheet_hbond.range_2_label_seq_id 
_pdbx_struct_sheet_hbond.range_2_PDB_ins_code 
_pdbx_struct_sheet_hbond.range_2_auth_atom_id 
_pdbx_struct_sheet_hbond.range_2_auth_comp_id 
_pdbx_struct_sheet_hbond.range_2_auth_asym_id 
_pdbx_struct_sheet_hbond.range_2_auth_seq_id 
A 1 2 N ILE A 18 ? N ILE A 18 O TYR A 35 ? O TYR A 35 
B 1 2 N ILE B 18 ? N ILE B 18 O TYR B 35 ? O TYR B 35 
C 1 2 N ILE C 18 ? N ILE C 18 O TYR C 35 ? O TYR C 35 
# 
_pdbx_entry_details.entry_id                   3LDJ 
_pdbx_entry_details.compound_details           ? 
_pdbx_entry_details.source_details             ? 
_pdbx_entry_details.nonpolymer_details         ? 
_pdbx_entry_details.sequence_details           ? 
_pdbx_entry_details.has_ligand_of_interest     ? 
_pdbx_entry_details.has_protein_modification   Y 
# 
_pdbx_validate_close_contact.id               1 
_pdbx_validate_close_contact.PDB_model_num    1 
_pdbx_validate_close_contact.auth_atom_id_1   O 
_pdbx_validate_close_contact.auth_asym_id_1   B 
_pdbx_validate_close_contact.auth_comp_id_1   HOH 
_pdbx_validate_close_contact.auth_seq_id_1    73 
_pdbx_validate_close_contact.PDB_ins_code_1   ? 
_pdbx_validate_close_contact.label_alt_id_1   ? 
_pdbx_validate_close_contact.auth_atom_id_2   O 
_pdbx_validate_close_contact.auth_asym_id_2   B 
_pdbx_validate_close_contact.auth_comp_id_2   HOH 
_pdbx_validate_close_contact.auth_seq_id_2    217 
_pdbx_validate_close_contact.PDB_ins_code_2   ? 
_pdbx_validate_close_contact.label_alt_id_2   ? 
_pdbx_validate_close_contact.dist             2.13 
# 
_pdbx_validate_symm_contact.id                1 
_pdbx_validate_symm_contact.PDB_model_num     1 
_pdbx_validate_symm_contact.auth_atom_id_1    O 
_pdbx_validate_symm_contact.auth_asym_id_1    A 
_pdbx_validate_symm_contact.auth_comp_id_1    HOH 
_pdbx_validate_symm_contact.auth_seq_id_1     126 
_pdbx_validate_symm_contact.PDB_ins_code_1    ? 
_pdbx_validate_symm_contact.label_alt_id_1    ? 
_pdbx_validate_symm_contact.site_symmetry_1   1_555 
_pdbx_validate_symm_contact.auth_atom_id_2    O 
_pdbx_validate_symm_contact.auth_asym_id_2    A 
_pdbx_validate_symm_contact.auth_comp_id_2    HOH 
_pdbx_validate_symm_contact.auth_seq_id_2     126 
_pdbx_validate_symm_contact.PDB_ins_code_2    ? 
_pdbx_validate_symm_contact.label_alt_id_2    ? 
_pdbx_validate_symm_contact.site_symmetry_2   2_555 
_pdbx_validate_symm_contact.dist              1.91 
# 
_pdbx_validate_rmsd_bond.id                        1 
_pdbx_validate_rmsd_bond.PDB_model_num             1 
_pdbx_validate_rmsd_bond.auth_atom_id_1            CB 
_pdbx_validate_rmsd_bond.auth_asym_id_1            B 
_pdbx_validate_rmsd_bond.auth_comp_id_1            CYS 
_pdbx_validate_rmsd_bond.auth_seq_id_1             5 
_pdbx_validate_rmsd_bond.PDB_ins_code_1            ? 
_pdbx_validate_rmsd_bond.label_alt_id_1            ? 
_pdbx_validate_rmsd_bond.auth_atom_id_2            SG 
_pdbx_validate_rmsd_bond.auth_asym_id_2            B 
_pdbx_validate_rmsd_bond.auth_comp_id_2            CYS 
_pdbx_validate_rmsd_bond.auth_seq_id_2             5 
_pdbx_validate_rmsd_bond.PDB_ins_code_2            ? 
_pdbx_validate_rmsd_bond.label_alt_id_2            ? 
_pdbx_validate_rmsd_bond.bond_value                1.704 
_pdbx_validate_rmsd_bond.bond_target_value         1.812 
_pdbx_validate_rmsd_bond.bond_deviation            -0.108 
_pdbx_validate_rmsd_bond.bond_standard_deviation   0.016 
_pdbx_validate_rmsd_bond.linker_flag               N 
# 
loop_
_pdbx_validate_torsion.id 
_pdbx_validate_torsion.PDB_model_num 
_pdbx_validate_torsion.auth_comp_id 
_pdbx_validate_torsion.auth_asym_id 
_pdbx_validate_torsion.auth_seq_id 
_pdbx_validate_torsion.PDB_ins_code 
_pdbx_validate_torsion.label_alt_id 
_pdbx_validate_torsion.phi 
_pdbx_validate_torsion.psi 
1 1 ASN A 44 ? ? -162.11 105.99 
2 1 ASN B 44 ? ? -165.53 107.49 
3 1 ARG C 39 ? ? 71.02   30.18  
# 
_pdbx_molecule_features.prd_id    PRD_900013 
_pdbx_molecule_features.name      'sucrose octasulfate' 
_pdbx_molecule_features.type      Oligosaccharide 
_pdbx_molecule_features.class     'Substrate analog' 
_pdbx_molecule_features.details   'oligosaccharide with reducing-end-to-reducing-end glycosidic bond' 
# 
_pdbx_molecule.instance_id   1 
_pdbx_molecule.prd_id        PRD_900013 
_pdbx_molecule.asym_id       D 
# 
loop_
_pdbx_unobs_or_zero_occ_residues.id 
_pdbx_unobs_or_zero_occ_residues.PDB_model_num 
_pdbx_unobs_or_zero_occ_residues.polymer_flag 
_pdbx_unobs_or_zero_occ_residues.occupancy_flag 
_pdbx_unobs_or_zero_occ_residues.auth_asym_id 
_pdbx_unobs_or_zero_occ_residues.auth_comp_id 
_pdbx_unobs_or_zero_occ_residues.auth_seq_id 
_pdbx_unobs_or_zero_occ_residues.PDB_ins_code 
_pdbx_unobs_or_zero_occ_residues.label_asym_id 
_pdbx_unobs_or_zero_occ_residues.label_comp_id 
_pdbx_unobs_or_zero_occ_residues.label_seq_id 
1 1 Y 1 A GLY 57 ? A GLY 57 
2 1 Y 1 A ALA 58 ? A ALA 58 
3 1 Y 1 B GLY 57 ? B GLY 57 
4 1 Y 1 B ALA 58 ? B ALA 58 
5 1 Y 1 C GLY 57 ? C GLY 57 
6 1 Y 1 C ALA 58 ? C ALA 58 
# 
loop_
_chem_comp_atom.comp_id 
_chem_comp_atom.atom_id 
_chem_comp_atom.type_symbol 
_chem_comp_atom.pdbx_aromatic_flag 
_chem_comp_atom.pdbx_stereo_config 
_chem_comp_atom.pdbx_ordinal 
ACT C    C N N 1   
ACT O    O N N 2   
ACT OXT  O N N 3   
ACT CH3  C N N 4   
ACT H1   H N N 5   
ACT H2   H N N 6   
ACT H3   H N N 7   
ALA N    N N N 8   
ALA CA   C N S 9   
ALA C    C N N 10  
ALA O    O N N 11  
ALA CB   C N N 12  
ALA OXT  O N N 13  
ALA H    H N N 14  
ALA H2   H N N 15  
ALA HA   H N N 16  
ALA HB1  H N N 17  
ALA HB2  H N N 18  
ALA HB3  H N N 19  
ALA HXT  H N N 20  
ARG N    N N N 21  
ARG CA   C N S 22  
ARG C    C N N 23  
ARG O    O N N 24  
ARG CB   C N N 25  
ARG CG   C N N 26  
ARG CD   C N N 27  
ARG NE   N N N 28  
ARG CZ   C N N 29  
ARG NH1  N N N 30  
ARG NH2  N N N 31  
ARG OXT  O N N 32  
ARG H    H N N 33  
ARG H2   H N N 34  
ARG HA   H N N 35  
ARG HB2  H N N 36  
ARG HB3  H N N 37  
ARG HG2  H N N 38  
ARG HG3  H N N 39  
ARG HD2  H N N 40  
ARG HD3  H N N 41  
ARG HE   H N N 42  
ARG HH11 H N N 43  
ARG HH12 H N N 44  
ARG HH21 H N N 45  
ARG HH22 H N N 46  
ARG HXT  H N N 47  
ASN N    N N N 48  
ASN CA   C N S 49  
ASN C    C N N 50  
ASN O    O N N 51  
ASN CB   C N N 52  
ASN CG   C N N 53  
ASN OD1  O N N 54  
ASN ND2  N N N 55  
ASN OXT  O N N 56  
ASN H    H N N 57  
ASN H2   H N N 58  
ASN HA   H N N 59  
ASN HB2  H N N 60  
ASN HB3  H N N 61  
ASN HD21 H N N 62  
ASN HD22 H N N 63  
ASN HXT  H N N 64  
ASP N    N N N 65  
ASP CA   C N S 66  
ASP C    C N N 67  
ASP O    O N N 68  
ASP CB   C N N 69  
ASP CG   C N N 70  
ASP OD1  O N N 71  
ASP OD2  O N N 72  
ASP OXT  O N N 73  
ASP H    H N N 74  
ASP H2   H N N 75  
ASP HA   H N N 76  
ASP HB2  H N N 77  
ASP HB3  H N N 78  
ASP HD2  H N N 79  
ASP HXT  H N N 80  
CYS N    N N N 81  
CYS CA   C N R 82  
CYS C    C N N 83  
CYS O    O N N 84  
CYS CB   C N N 85  
CYS SG   S N N 86  
CYS OXT  O N N 87  
CYS H    H N N 88  
CYS H2   H N N 89  
CYS HA   H N N 90  
CYS HB2  H N N 91  
CYS HB3  H N N 92  
CYS HG   H N N 93  
CYS HXT  H N N 94  
GLN N    N N N 95  
GLN CA   C N S 96  
GLN C    C N N 97  
GLN O    O N N 98  
GLN CB   C N N 99  
GLN CG   C N N 100 
GLN CD   C N N 101 
GLN OE1  O N N 102 
GLN NE2  N N N 103 
GLN OXT  O N N 104 
GLN H    H N N 105 
GLN H2   H N N 106 
GLN HA   H N N 107 
GLN HB2  H N N 108 
GLN HB3  H N N 109 
GLN HG2  H N N 110 
GLN HG3  H N N 111 
GLN HE21 H N N 112 
GLN HE22 H N N 113 
GLN HXT  H N N 114 
GLU N    N N N 115 
GLU CA   C N S 116 
GLU C    C N N 117 
GLU O    O N N 118 
GLU CB   C N N 119 
GLU CG   C N N 120 
GLU CD   C N N 121 
GLU OE1  O N N 122 
GLU OE2  O N N 123 
GLU OXT  O N N 124 
GLU H    H N N 125 
GLU H2   H N N 126 
GLU HA   H N N 127 
GLU HB2  H N N 128 
GLU HB3  H N N 129 
GLU HG2  H N N 130 
GLU HG3  H N N 131 
GLU HE2  H N N 132 
GLU HXT  H N N 133 
GLY N    N N N 134 
GLY CA   C N N 135 
GLY C    C N N 136 
GLY O    O N N 137 
GLY OXT  O N N 138 
GLY H    H N N 139 
GLY H2   H N N 140 
GLY HA2  H N N 141 
GLY HA3  H N N 142 
GLY HXT  H N N 143 
GU4 O1   O N N 144 
GU4 C1   C N S 145 
GU4 O5   O N N 146 
GU4 C5   C N R 147 
GU4 C6   C N N 148 
GU4 O6   O N N 149 
GU4 S6   S N N 150 
GU4 O22  O N N 151 
GU4 O23  O N N 152 
GU4 O21  O N N 153 
GU4 C4   C N R 154 
GU4 O4   O N N 155 
GU4 S4   S N N 156 
GU4 O25  O N N 157 
GU4 O26  O N N 158 
GU4 O24  O N N 159 
GU4 C3   C N S 160 
GU4 O3   O N N 161 
GU4 S3   S N N 162 
GU4 O28  O N N 163 
GU4 O29  O N N 164 
GU4 O27  O N N 165 
GU4 C2   C N R 166 
GU4 O2   O N N 167 
GU4 S2   S N N 168 
GU4 O11  O N N 169 
GU4 O12  O N N 170 
GU4 O10  O N N 171 
GU4 HO1  H N N 172 
GU4 H1   H N N 173 
GU4 H5   H N N 174 
GU4 H61  H N N 175 
GU4 H62  H N N 176 
GU4 H4   H N N 177 
GU4 H3   H N N 178 
GU4 H2   H N N 179 
GU4 HO21 H N N 180 
GU4 HO24 H N N 181 
GU4 HO29 H N N 182 
GU4 HO10 H N N 183 
HOH O    O N N 184 
HOH H1   H N N 185 
HOH H2   H N N 186 
ILE N    N N N 187 
ILE CA   C N S 188 
ILE C    C N N 189 
ILE O    O N N 190 
ILE CB   C N S 191 
ILE CG1  C N N 192 
ILE CG2  C N N 193 
ILE CD1  C N N 194 
ILE OXT  O N N 195 
ILE H    H N N 196 
ILE H2   H N N 197 
ILE HA   H N N 198 
ILE HB   H N N 199 
ILE HG12 H N N 200 
ILE HG13 H N N 201 
ILE HG21 H N N 202 
ILE HG22 H N N 203 
ILE HG23 H N N 204 
ILE HD11 H N N 205 
ILE HD12 H N N 206 
ILE HD13 H N N 207 
ILE HXT  H N N 208 
LEU N    N N N 209 
LEU CA   C N S 210 
LEU C    C N N 211 
LEU O    O N N 212 
LEU CB   C N N 213 
LEU CG   C N N 214 
LEU CD1  C N N 215 
LEU CD2  C N N 216 
LEU OXT  O N N 217 
LEU H    H N N 218 
LEU H2   H N N 219 
LEU HA   H N N 220 
LEU HB2  H N N 221 
LEU HB3  H N N 222 
LEU HG   H N N 223 
LEU HD11 H N N 224 
LEU HD12 H N N 225 
LEU HD13 H N N 226 
LEU HD21 H N N 227 
LEU HD22 H N N 228 
LEU HD23 H N N 229 
LEU HXT  H N N 230 
LYS N    N N N 231 
LYS CA   C N S 232 
LYS C    C N N 233 
LYS O    O N N 234 
LYS CB   C N N 235 
LYS CG   C N N 236 
LYS CD   C N N 237 
LYS CE   C N N 238 
LYS NZ   N N N 239 
LYS OXT  O N N 240 
LYS H    H N N 241 
LYS H2   H N N 242 
LYS HA   H N N 243 
LYS HB2  H N N 244 
LYS HB3  H N N 245 
LYS HG2  H N N 246 
LYS HG3  H N N 247 
LYS HD2  H N N 248 
LYS HD3  H N N 249 
LYS HE2  H N N 250 
LYS HE3  H N N 251 
LYS HZ1  H N N 252 
LYS HZ2  H N N 253 
LYS HZ3  H N N 254 
LYS HXT  H N N 255 
MET N    N N N 256 
MET CA   C N S 257 
MET C    C N N 258 
MET O    O N N 259 
MET CB   C N N 260 
MET CG   C N N 261 
MET SD   S N N 262 
MET CE   C N N 263 
MET OXT  O N N 264 
MET H    H N N 265 
MET H2   H N N 266 
MET HA   H N N 267 
MET HB2  H N N 268 
MET HB3  H N N 269 
MET HG2  H N N 270 
MET HG3  H N N 271 
MET HE1  H N N 272 
MET HE2  H N N 273 
MET HE3  H N N 274 
MET HXT  H N N 275 
PHE N    N N N 276 
PHE CA   C N S 277 
PHE C    C N N 278 
PHE O    O N N 279 
PHE CB   C N N 280 
PHE CG   C Y N 281 
PHE CD1  C Y N 282 
PHE CD2  C Y N 283 
PHE CE1  C Y N 284 
PHE CE2  C Y N 285 
PHE CZ   C Y N 286 
PHE OXT  O N N 287 
PHE H    H N N 288 
PHE H2   H N N 289 
PHE HA   H N N 290 
PHE HB2  H N N 291 
PHE HB3  H N N 292 
PHE HD1  H N N 293 
PHE HD2  H N N 294 
PHE HE1  H N N 295 
PHE HE2  H N N 296 
PHE HZ   H N N 297 
PHE HXT  H N N 298 
PRO N    N N N 299 
PRO CA   C N S 300 
PRO C    C N N 301 
PRO O    O N N 302 
PRO CB   C N N 303 
PRO CG   C N N 304 
PRO CD   C N N 305 
PRO OXT  O N N 306 
PRO H    H N N 307 
PRO HA   H N N 308 
PRO HB2  H N N 309 
PRO HB3  H N N 310 
PRO HG2  H N N 311 
PRO HG3  H N N 312 
PRO HD2  H N N 313 
PRO HD3  H N N 314 
PRO HXT  H N N 315 
SER N    N N N 316 
SER CA   C N S 317 
SER C    C N N 318 
SER O    O N N 319 
SER CB   C N N 320 
SER OG   O N N 321 
SER OXT  O N N 322 
SER H    H N N 323 
SER H2   H N N 324 
SER HA   H N N 325 
SER HB2  H N N 326 
SER HB3  H N N 327 
SER HG   H N N 328 
SER HXT  H N N 329 
THR N    N N N 330 
THR CA   C N S 331 
THR C    C N N 332 
THR O    O N N 333 
THR CB   C N R 334 
THR OG1  O N N 335 
THR CG2  C N N 336 
THR OXT  O N N 337 
THR H    H N N 338 
THR H2   H N N 339 
THR HA   H N N 340 
THR HB   H N N 341 
THR HG1  H N N 342 
THR HG21 H N N 343 
THR HG22 H N N 344 
THR HG23 H N N 345 
THR HXT  H N N 346 
TYR N    N N N 347 
TYR CA   C N S 348 
TYR C    C N N 349 
TYR O    O N N 350 
TYR CB   C N N 351 
TYR CG   C Y N 352 
TYR CD1  C Y N 353 
TYR CD2  C Y N 354 
TYR CE1  C Y N 355 
TYR CE2  C Y N 356 
TYR CZ   C Y N 357 
TYR OH   O N N 358 
TYR OXT  O N N 359 
TYR H    H N N 360 
TYR H2   H N N 361 
TYR HA   H N N 362 
TYR HB2  H N N 363 
TYR HB3  H N N 364 
TYR HD1  H N N 365 
TYR HD2  H N N 366 
TYR HE1  H N N 367 
TYR HE2  H N N 368 
TYR HH   H N N 369 
TYR HXT  H N N 370 
VAL N    N N N 371 
VAL CA   C N S 372 
VAL C    C N N 373 
VAL O    O N N 374 
VAL CB   C N N 375 
VAL CG1  C N N 376 
VAL CG2  C N N 377 
VAL OXT  O N N 378 
VAL H    H N N 379 
VAL H2   H N N 380 
VAL HA   H N N 381 
VAL HB   H N N 382 
VAL HG11 H N N 383 
VAL HG12 H N N 384 
VAL HG13 H N N 385 
VAL HG21 H N N 386 
VAL HG22 H N N 387 
VAL HG23 H N N 388 
VAL HXT  H N N 389 
YYJ C1   C N N 390 
YYJ C2   C N R 391 
YYJ C3   C N S 392 
YYJ C4   C N R 393 
YYJ C5   C N R 394 
YYJ C6   C N N 395 
YYJ O1   O N N 396 
YYJ O1S1 O N N 397 
YYJ O1S3 O N N 398 
YYJ O1S4 O N N 399 
YYJ O1S6 O N N 400 
YYJ O2   O N N 401 
YYJ O2S1 O N N 402 
YYJ O2S3 O N N 403 
YYJ O2S4 O N N 404 
YYJ O2S6 O N N 405 
YYJ O3   O N N 406 
YYJ O3S1 O N N 407 
YYJ O3S3 O N N 408 
YYJ O3S4 O N N 409 
YYJ O3S6 O N N 410 
YYJ O4   O N N 411 
YYJ O5   O N N 412 
YYJ O6   O N N 413 
YYJ S1   S N N 414 
YYJ S3   S N N 415 
YYJ S4   S N N 416 
YYJ S6   S N N 417 
YYJ H11  H N N 418 
YYJ H12  H N N 419 
YYJ H1S1 H N N 420 
YYJ H1S3 H N N 421 
YYJ H1S4 H N N 422 
YYJ H1S6 H N N 423 
YYJ HO2  H N N 424 
YYJ H3   H N N 425 
YYJ H4   H N N 426 
YYJ H5   H N N 427 
YYJ H61  H N N 428 
YYJ H62  H N N 429 
# 
loop_
_chem_comp_bond.comp_id 
_chem_comp_bond.atom_id_1 
_chem_comp_bond.atom_id_2 
_chem_comp_bond.value_order 
_chem_comp_bond.pdbx_aromatic_flag 
_chem_comp_bond.pdbx_stereo_config 
_chem_comp_bond.pdbx_ordinal 
ACT C    O    doub N N 1   
ACT C    OXT  sing N N 2   
ACT C    CH3  sing N N 3   
ACT CH3  H1   sing N N 4   
ACT CH3  H2   sing N N 5   
ACT CH3  H3   sing N N 6   
ALA N    CA   sing N N 7   
ALA N    H    sing N N 8   
ALA N    H2   sing N N 9   
ALA CA   C    sing N N 10  
ALA CA   CB   sing N N 11  
ALA CA   HA   sing N N 12  
ALA C    O    doub N N 13  
ALA C    OXT  sing N N 14  
ALA CB   HB1  sing N N 15  
ALA CB   HB2  sing N N 16  
ALA CB   HB3  sing N N 17  
ALA OXT  HXT  sing N N 18  
ARG N    CA   sing N N 19  
ARG N    H    sing N N 20  
ARG N    H2   sing N N 21  
ARG CA   C    sing N N 22  
ARG CA   CB   sing N N 23  
ARG CA   HA   sing N N 24  
ARG C    O    doub N N 25  
ARG C    OXT  sing N N 26  
ARG CB   CG   sing N N 27  
ARG CB   HB2  sing N N 28  
ARG CB   HB3  sing N N 29  
ARG CG   CD   sing N N 30  
ARG CG   HG2  sing N N 31  
ARG CG   HG3  sing N N 32  
ARG CD   NE   sing N N 33  
ARG CD   HD2  sing N N 34  
ARG CD   HD3  sing N N 35  
ARG NE   CZ   sing N N 36  
ARG NE   HE   sing N N 37  
ARG CZ   NH1  sing N N 38  
ARG CZ   NH2  doub N N 39  
ARG NH1  HH11 sing N N 40  
ARG NH1  HH12 sing N N 41  
ARG NH2  HH21 sing N N 42  
ARG NH2  HH22 sing N N 43  
ARG OXT  HXT  sing N N 44  
ASN N    CA   sing N N 45  
ASN N    H    sing N N 46  
ASN N    H2   sing N N 47  
ASN CA   C    sing N N 48  
ASN CA   CB   sing N N 49  
ASN CA   HA   sing N N 50  
ASN C    O    doub N N 51  
ASN C    OXT  sing N N 52  
ASN CB   CG   sing N N 53  
ASN CB   HB2  sing N N 54  
ASN CB   HB3  sing N N 55  
ASN CG   OD1  doub N N 56  
ASN CG   ND2  sing N N 57  
ASN ND2  HD21 sing N N 58  
ASN ND2  HD22 sing N N 59  
ASN OXT  HXT  sing N N 60  
ASP N    CA   sing N N 61  
ASP N    H    sing N N 62  
ASP N    H2   sing N N 63  
ASP CA   C    sing N N 64  
ASP CA   CB   sing N N 65  
ASP CA   HA   sing N N 66  
ASP C    O    doub N N 67  
ASP C    OXT  sing N N 68  
ASP CB   CG   sing N N 69  
ASP CB   HB2  sing N N 70  
ASP CB   HB3  sing N N 71  
ASP CG   OD1  doub N N 72  
ASP CG   OD2  sing N N 73  
ASP OD2  HD2  sing N N 74  
ASP OXT  HXT  sing N N 75  
CYS N    CA   sing N N 76  
CYS N    H    sing N N 77  
CYS N    H2   sing N N 78  
CYS CA   C    sing N N 79  
CYS CA   CB   sing N N 80  
CYS CA   HA   sing N N 81  
CYS C    O    doub N N 82  
CYS C    OXT  sing N N 83  
CYS CB   SG   sing N N 84  
CYS CB   HB2  sing N N 85  
CYS CB   HB3  sing N N 86  
CYS SG   HG   sing N N 87  
CYS OXT  HXT  sing N N 88  
GLN N    CA   sing N N 89  
GLN N    H    sing N N 90  
GLN N    H2   sing N N 91  
GLN CA   C    sing N N 92  
GLN CA   CB   sing N N 93  
GLN CA   HA   sing N N 94  
GLN C    O    doub N N 95  
GLN C    OXT  sing N N 96  
GLN CB   CG   sing N N 97  
GLN CB   HB2  sing N N 98  
GLN CB   HB3  sing N N 99  
GLN CG   CD   sing N N 100 
GLN CG   HG2  sing N N 101 
GLN CG   HG3  sing N N 102 
GLN CD   OE1  doub N N 103 
GLN CD   NE2  sing N N 104 
GLN NE2  HE21 sing N N 105 
GLN NE2  HE22 sing N N 106 
GLN OXT  HXT  sing N N 107 
GLU N    CA   sing N N 108 
GLU N    H    sing N N 109 
GLU N    H2   sing N N 110 
GLU CA   C    sing N N 111 
GLU CA   CB   sing N N 112 
GLU CA   HA   sing N N 113 
GLU C    O    doub N N 114 
GLU C    OXT  sing N N 115 
GLU CB   CG   sing N N 116 
GLU CB   HB2  sing N N 117 
GLU CB   HB3  sing N N 118 
GLU CG   CD   sing N N 119 
GLU CG   HG2  sing N N 120 
GLU CG   HG3  sing N N 121 
GLU CD   OE1  doub N N 122 
GLU CD   OE2  sing N N 123 
GLU OE2  HE2  sing N N 124 
GLU OXT  HXT  sing N N 125 
GLY N    CA   sing N N 126 
GLY N    H    sing N N 127 
GLY N    H2   sing N N 128 
GLY CA   C    sing N N 129 
GLY CA   HA2  sing N N 130 
GLY CA   HA3  sing N N 131 
GLY C    O    doub N N 132 
GLY C    OXT  sing N N 133 
GLY OXT  HXT  sing N N 134 
GU4 O1   C1   sing N N 135 
GU4 O1   HO1  sing N N 136 
GU4 C1   O5   sing N N 137 
GU4 C1   C2   sing N N 138 
GU4 C1   H1   sing N N 139 
GU4 O5   C5   sing N N 140 
GU4 C5   C6   sing N N 141 
GU4 C5   C4   sing N N 142 
GU4 C5   H5   sing N N 143 
GU4 C6   O6   sing N N 144 
GU4 C6   H61  sing N N 145 
GU4 C6   H62  sing N N 146 
GU4 O6   S6   sing N N 147 
GU4 S6   O22  doub N N 148 
GU4 S6   O23  doub N N 149 
GU4 S6   O21  sing N N 150 
GU4 C4   O4   sing N N 151 
GU4 C4   C3   sing N N 152 
GU4 C4   H4   sing N N 153 
GU4 O4   S4   sing N N 154 
GU4 S4   O25  doub N N 155 
GU4 S4   O26  doub N N 156 
GU4 S4   O24  sing N N 157 
GU4 C3   O3   sing N N 158 
GU4 C3   C2   sing N N 159 
GU4 C3   H3   sing N N 160 
GU4 O3   S3   sing N N 161 
GU4 S3   O28  doub N N 162 
GU4 S3   O29  sing N N 163 
GU4 S3   O27  doub N N 164 
GU4 C2   O2   sing N N 165 
GU4 C2   H2   sing N N 166 
GU4 O2   S2   sing N N 167 
GU4 S2   O11  doub N N 168 
GU4 S2   O12  doub N N 169 
GU4 S2   O10  sing N N 170 
GU4 O21  HO21 sing N N 171 
GU4 O24  HO24 sing N N 172 
GU4 O29  HO29 sing N N 173 
GU4 O10  HO10 sing N N 174 
HOH O    H1   sing N N 175 
HOH O    H2   sing N N 176 
ILE N    CA   sing N N 177 
ILE N    H    sing N N 178 
ILE N    H2   sing N N 179 
ILE CA   C    sing N N 180 
ILE CA   CB   sing N N 181 
ILE CA   HA   sing N N 182 
ILE C    O    doub N N 183 
ILE C    OXT  sing N N 184 
ILE CB   CG1  sing N N 185 
ILE CB   CG2  sing N N 186 
ILE CB   HB   sing N N 187 
ILE CG1  CD1  sing N N 188 
ILE CG1  HG12 sing N N 189 
ILE CG1  HG13 sing N N 190 
ILE CG2  HG21 sing N N 191 
ILE CG2  HG22 sing N N 192 
ILE CG2  HG23 sing N N 193 
ILE CD1  HD11 sing N N 194 
ILE CD1  HD12 sing N N 195 
ILE CD1  HD13 sing N N 196 
ILE OXT  HXT  sing N N 197 
LEU N    CA   sing N N 198 
LEU N    H    sing N N 199 
LEU N    H2   sing N N 200 
LEU CA   C    sing N N 201 
LEU CA   CB   sing N N 202 
LEU CA   HA   sing N N 203 
LEU C    O    doub N N 204 
LEU C    OXT  sing N N 205 
LEU CB   CG   sing N N 206 
LEU CB   HB2  sing N N 207 
LEU CB   HB3  sing N N 208 
LEU CG   CD1  sing N N 209 
LEU CG   CD2  sing N N 210 
LEU CG   HG   sing N N 211 
LEU CD1  HD11 sing N N 212 
LEU CD1  HD12 sing N N 213 
LEU CD1  HD13 sing N N 214 
LEU CD2  HD21 sing N N 215 
LEU CD2  HD22 sing N N 216 
LEU CD2  HD23 sing N N 217 
LEU OXT  HXT  sing N N 218 
LYS N    CA   sing N N 219 
LYS N    H    sing N N 220 
LYS N    H2   sing N N 221 
LYS CA   C    sing N N 222 
LYS CA   CB   sing N N 223 
LYS CA   HA   sing N N 224 
LYS C    O    doub N N 225 
LYS C    OXT  sing N N 226 
LYS CB   CG   sing N N 227 
LYS CB   HB2  sing N N 228 
LYS CB   HB3  sing N N 229 
LYS CG   CD   sing N N 230 
LYS CG   HG2  sing N N 231 
LYS CG   HG3  sing N N 232 
LYS CD   CE   sing N N 233 
LYS CD   HD2  sing N N 234 
LYS CD   HD3  sing N N 235 
LYS CE   NZ   sing N N 236 
LYS CE   HE2  sing N N 237 
LYS CE   HE3  sing N N 238 
LYS NZ   HZ1  sing N N 239 
LYS NZ   HZ2  sing N N 240 
LYS NZ   HZ3  sing N N 241 
LYS OXT  HXT  sing N N 242 
MET N    CA   sing N N 243 
MET N    H    sing N N 244 
MET N    H2   sing N N 245 
MET CA   C    sing N N 246 
MET CA   CB   sing N N 247 
MET CA   HA   sing N N 248 
MET C    O    doub N N 249 
MET C    OXT  sing N N 250 
MET CB   CG   sing N N 251 
MET CB   HB2  sing N N 252 
MET CB   HB3  sing N N 253 
MET CG   SD   sing N N 254 
MET CG   HG2  sing N N 255 
MET CG   HG3  sing N N 256 
MET SD   CE   sing N N 257 
MET CE   HE1  sing N N 258 
MET CE   HE2  sing N N 259 
MET CE   HE3  sing N N 260 
MET OXT  HXT  sing N N 261 
PHE N    CA   sing N N 262 
PHE N    H    sing N N 263 
PHE N    H2   sing N N 264 
PHE CA   C    sing N N 265 
PHE CA   CB   sing N N 266 
PHE CA   HA   sing N N 267 
PHE C    O    doub N N 268 
PHE C    OXT  sing N N 269 
PHE CB   CG   sing N N 270 
PHE CB   HB2  sing N N 271 
PHE CB   HB3  sing N N 272 
PHE CG   CD1  doub Y N 273 
PHE CG   CD2  sing Y N 274 
PHE CD1  CE1  sing Y N 275 
PHE CD1  HD1  sing N N 276 
PHE CD2  CE2  doub Y N 277 
PHE CD2  HD2  sing N N 278 
PHE CE1  CZ   doub Y N 279 
PHE CE1  HE1  sing N N 280 
PHE CE2  CZ   sing Y N 281 
PHE CE2  HE2  sing N N 282 
PHE CZ   HZ   sing N N 283 
PHE OXT  HXT  sing N N 284 
PRO N    CA   sing N N 285 
PRO N    CD   sing N N 286 
PRO N    H    sing N N 287 
PRO CA   C    sing N N 288 
PRO CA   CB   sing N N 289 
PRO CA   HA   sing N N 290 
PRO C    O    doub N N 291 
PRO C    OXT  sing N N 292 
PRO CB   CG   sing N N 293 
PRO CB   HB2  sing N N 294 
PRO CB   HB3  sing N N 295 
PRO CG   CD   sing N N 296 
PRO CG   HG2  sing N N 297 
PRO CG   HG3  sing N N 298 
PRO CD   HD2  sing N N 299 
PRO CD   HD3  sing N N 300 
PRO OXT  HXT  sing N N 301 
SER N    CA   sing N N 302 
SER N    H    sing N N 303 
SER N    H2   sing N N 304 
SER CA   C    sing N N 305 
SER CA   CB   sing N N 306 
SER CA   HA   sing N N 307 
SER C    O    doub N N 308 
SER C    OXT  sing N N 309 
SER CB   OG   sing N N 310 
SER CB   HB2  sing N N 311 
SER CB   HB3  sing N N 312 
SER OG   HG   sing N N 313 
SER OXT  HXT  sing N N 314 
THR N    CA   sing N N 315 
THR N    H    sing N N 316 
THR N    H2   sing N N 317 
THR CA   C    sing N N 318 
THR CA   CB   sing N N 319 
THR CA   HA   sing N N 320 
THR C    O    doub N N 321 
THR C    OXT  sing N N 322 
THR CB   OG1  sing N N 323 
THR CB   CG2  sing N N 324 
THR CB   HB   sing N N 325 
THR OG1  HG1  sing N N 326 
THR CG2  HG21 sing N N 327 
THR CG2  HG22 sing N N 328 
THR CG2  HG23 sing N N 329 
THR OXT  HXT  sing N N 330 
TYR N    CA   sing N N 331 
TYR N    H    sing N N 332 
TYR N    H2   sing N N 333 
TYR CA   C    sing N N 334 
TYR CA   CB   sing N N 335 
TYR CA   HA   sing N N 336 
TYR C    O    doub N N 337 
TYR C    OXT  sing N N 338 
TYR CB   CG   sing N N 339 
TYR CB   HB2  sing N N 340 
TYR CB   HB3  sing N N 341 
TYR CG   CD1  doub Y N 342 
TYR CG   CD2  sing Y N 343 
TYR CD1  CE1  sing Y N 344 
TYR CD1  HD1  sing N N 345 
TYR CD2  CE2  doub Y N 346 
TYR CD2  HD2  sing N N 347 
TYR CE1  CZ   doub Y N 348 
TYR CE1  HE1  sing N N 349 
TYR CE2  CZ   sing Y N 350 
TYR CE2  HE2  sing N N 351 
TYR CZ   OH   sing N N 352 
TYR OH   HH   sing N N 353 
TYR OXT  HXT  sing N N 354 
VAL N    CA   sing N N 355 
VAL N    H    sing N N 356 
VAL N    H2   sing N N 357 
VAL CA   C    sing N N 358 
VAL CA   CB   sing N N 359 
VAL CA   HA   sing N N 360 
VAL C    O    doub N N 361 
VAL C    OXT  sing N N 362 
VAL CB   CG1  sing N N 363 
VAL CB   CG2  sing N N 364 
VAL CB   HB   sing N N 365 
VAL CG1  HG11 sing N N 366 
VAL CG1  HG12 sing N N 367 
VAL CG1  HG13 sing N N 368 
VAL CG2  HG21 sing N N 369 
VAL CG2  HG22 sing N N 370 
VAL CG2  HG23 sing N N 371 
VAL OXT  HXT  sing N N 372 
YYJ C1   C2   sing N N 373 
YYJ C1   O1   sing N N 374 
YYJ C1   H11  sing N N 375 
YYJ C1   H12  sing N N 376 
YYJ C2   C3   sing N N 377 
YYJ C2   O2   sing N N 378 
YYJ C2   O5   sing N N 379 
YYJ C3   C4   sing N N 380 
YYJ C3   O3   sing N N 381 
YYJ C3   H3   sing N N 382 
YYJ C4   C5   sing N N 383 
YYJ C4   O4   sing N N 384 
YYJ C4   H4   sing N N 385 
YYJ C5   C6   sing N N 386 
YYJ C5   O5   sing N N 387 
YYJ C5   H5   sing N N 388 
YYJ C6   O6   sing N N 389 
YYJ C6   H61  sing N N 390 
YYJ C6   H62  sing N N 391 
YYJ O1   S1   sing N N 392 
YYJ O1S1 S1   sing N N 393 
YYJ O1S1 H1S1 sing N N 394 
YYJ O1S3 H1S3 sing N N 395 
YYJ O1S3 S3   sing N N 396 
YYJ O1S4 S4   sing N N 397 
YYJ O1S4 H1S4 sing N N 398 
YYJ O1S6 H1S6 sing N N 399 
YYJ O1S6 S6   sing N N 400 
YYJ O2   HO2  sing N N 401 
YYJ O2S1 S1   doub N N 402 
YYJ O2S3 S3   doub N N 403 
YYJ O2S4 S4   doub N N 404 
YYJ O2S6 S6   doub N N 405 
YYJ O3   S3   sing N N 406 
YYJ O3S1 S1   doub N N 407 
YYJ O3S3 S3   doub N N 408 
YYJ O3S4 S4   doub N N 409 
YYJ O3S6 S6   doub N N 410 
YYJ O4   S4   sing N N 411 
YYJ O6   S6   sing N N 412 
# 
loop_
_pdbx_entity_branch_list.entity_id 
_pdbx_entity_branch_list.comp_id 
_pdbx_entity_branch_list.num 
_pdbx_entity_branch_list.hetero 
2 GU4 1 n 
2 YYJ 2 n 
# 
_atom_sites.entry_id                    3LDJ 
_atom_sites.fract_transf_matrix[1][1]   0.00678706 
_atom_sites.fract_transf_matrix[1][2]   -0.00245210 
_atom_sites.fract_transf_matrix[1][3]   0.00631542 
_atom_sites.fract_transf_matrix[2][1]   0.00938288 
_atom_sites.fract_transf_matrix[2][2]   0.03074879 
_atom_sites.fract_transf_matrix[2][3]   0.00185529 
_atom_sites.fract_transf_matrix[3][1]   -0.00558049 
_atom_sites.fract_transf_matrix[3][2]   0.00046333 
_atom_sites.fract_transf_matrix[3][3]   0.02054350 
_atom_sites.fract_transf_vector[1]      -0.119092 
_atom_sites.fract_transf_vector[2]      0.008806 
_atom_sites.fract_transf_vector[3]      -0.361317 
# 
loop_
_atom_type.symbol 
C 
N 
O 
S 
# 
loop_
_atom_site.group_PDB 
_atom_site.id 
_atom_site.type_symbol 
_atom_site.label_atom_id 
_atom_site.label_alt_id 
_atom_site.label_comp_id 
_atom_site.label_asym_id 
_atom_site.label_entity_id 
_atom_site.label_seq_id 
_atom_site.pdbx_PDB_ins_code 
_atom_site.Cartn_x 
_atom_site.Cartn_y 
_atom_site.Cartn_z 
_atom_site.occupancy 
_atom_site.B_iso_or_equiv 
_atom_site.pdbx_formal_charge 
_atom_site.auth_seq_id 
_atom_site.auth_comp_id 
_atom_site.auth_asym_id 
_atom_site.auth_atom_id 
_atom_site.pdbx_PDB_model_num 
ATOM   1    N N    . ARG A 1 1  ? 13.107  6.910   19.681  1.00 28.10 ? 1    ARG A N    1 
ATOM   2    C CA   . ARG A 1 1  ? 12.671  7.337   18.310  1.00 26.75 ? 1    ARG A CA   1 
ATOM   3    C C    . ARG A 1 1  ? 11.581  8.383   18.525  1.00 24.98 ? 1    ARG A C    1 
ATOM   4    O O    . ARG A 1 1  ? 10.906  8.371   19.551  1.00 24.84 ? 1    ARG A O    1 
ATOM   5    C CB   . ARG A 1 1  ? 12.250  6.143   17.400  1.00 26.68 ? 1    ARG A CB   1 
ATOM   6    C CG   . ARG A 1 1  ? 10.930  5.418   17.764  1.00 25.00 ? 1    ARG A CG   1 
ATOM   7    C CD   . ARG A 1 1  ? 10.647  3.996   17.114  1.00 25.08 ? 1    ARG A CD   1 
ATOM   8    N NE   . ARG A 1 1  ? 11.798  3.076   17.033  1.00 31.81 ? 1    ARG A NE   1 
ATOM   9    C CZ   . ARG A 1 1  ? 12.094  2.129   17.922  1.00 34.67 ? 1    ARG A CZ   1 
ATOM   10   N NH1  . ARG A 1 1  ? 11.347  1.962   19.016  1.00 37.69 ? 1    ARG A NH1  1 
ATOM   11   N NH2  . ARG A 1 1  ? 13.146  1.343   17.739  1.00 35.53 ? 1    ARG A NH2  1 
ATOM   12   N N    . PRO A 1 2  ? 11.422  9.317   17.566  1.00 23.48 ? 2    PRO A N    1 
ATOM   13   C CA   . PRO A 1 2  ? 10.274  10.193  17.568  1.00 21.96 ? 2    PRO A CA   1 
ATOM   14   C C    . PRO A 1 2  ? 8.984   9.371   17.569  1.00 18.41 ? 2    PRO A C    1 
ATOM   15   O O    . PRO A 1 2  ? 8.905   8.288   16.979  1.00 17.79 ? 2    PRO A O    1 
ATOM   16   C CB   . PRO A 1 2  ? 10.394  10.957  16.225  1.00 22.38 ? 2    PRO A CB   1 
ATOM   17   C CG   . PRO A 1 2  ? 11.805  10.772  15.811  1.00 23.19 ? 2    PRO A CG   1 
ATOM   18   C CD   . PRO A 1 2  ? 12.272  9.489   16.353  1.00 24.49 ? 2    PRO A CD   1 
ATOM   19   N N    . ASP A 1 3  ? 7.972   9.892   18.265  1.00 18.18 ? 3    ASP A N    1 
ATOM   20   C CA   . ASP A 1 3  ? 6.714   9.214   18.386  1.00 16.80 ? 3    ASP A CA   1 
ATOM   21   C C    . ASP A 1 3  ? 5.941   9.152   17.063  1.00 16.40 ? 3    ASP A C    1 
ATOM   22   O O    . ASP A 1 3  ? 5.108   8.283   16.928  1.00 15.58 ? 3    ASP A O    1 
ATOM   23   C CB   . ASP A 1 3  ? 5.822   9.905   19.402  1.00 16.70 ? 3    ASP A CB   1 
ATOM   24   C CG   . ASP A 1 3  ? 6.221   9.573   20.874  1.00 17.45 ? 3    ASP A CG   1 
ATOM   25   O OD1  . ASP A 1 3  ? 5.649   10.172  21.773  1.00 17.73 ? 3    ASP A OD1  1 
ATOM   26   O OD2  . ASP A 1 3  ? 7.038   8.701   21.100  1.00 21.59 ? 3    ASP A OD2  1 
ATOM   27   N N    . PHE A 1 4  ? 6.230   10.021  16.095  1.00 16.59 ? 4    PHE A N    1 
ATOM   28   C CA   . PHE A 1 4  ? 5.557   9.849   14.765  1.00 14.22 ? 4    PHE A CA   1 
ATOM   29   C C    . PHE A 1 4  ? 5.951   8.492   14.100  1.00 15.71 ? 4    PHE A C    1 
ATOM   30   O O    . PHE A 1 4  ? 5.269   8.016   13.222  1.00 14.73 ? 4    PHE A O    1 
ATOM   31   C CB   . PHE A 1 4  ? 5.793   11.092  13.854  1.00 15.89 ? 4    PHE A CB   1 
ATOM   32   C CG   . PHE A 1 4  ? 7.238   11.237  13.353  1.00 13.89 ? 4    PHE A CG   1 
ATOM   33   C CD1  . PHE A 1 4  ? 7.736   10.401  12.376  1.00 17.87 ? 4    PHE A CD1  1 
ATOM   34   C CD2  . PHE A 1 4  ? 8.089   12.241  13.860  1.00 17.61 ? 4    PHE A CD2  1 
ATOM   35   C CE1  . PHE A 1 4  ? 9.061   10.555  11.893  1.00 18.89 ? 4    PHE A CE1  1 
ATOM   36   C CE2  . PHE A 1 4  ? 9.393   12.399  13.395  1.00 19.08 ? 4    PHE A CE2  1 
ATOM   37   C CZ   . PHE A 1 4  ? 9.892   11.569  12.397  1.00 21.32 ? 4    PHE A CZ   1 
ATOM   38   N N    . CYS A 1 5  ? 7.069   7.888   14.504  1.00 13.36 ? 5    CYS A N    1 
ATOM   39   C CA   . CYS A 1 5  ? 7.450   6.587   14.013  1.00 16.82 ? 5    CYS A CA   1 
ATOM   40   C C    . CYS A 1 5  ? 6.479   5.510   14.362  1.00 16.53 ? 5    CYS A C    1 
ATOM   41   O O    . CYS A 1 5  ? 6.548   4.452   13.772  1.00 17.05 ? 5    CYS A O    1 
ATOM   42   C CB   . CYS A 1 5  ? 8.860   6.187   14.523  1.00 17.24 ? 5    CYS A CB   1 
ATOM   43   S SG   . CYS A 1 5  ? 10.091  7.367   14.161  1.00 18.80 ? 5    CYS A SG   1 
ATOM   44   N N    . LEU A 1 6  ? 5.576   5.807   15.330  1.00 14.22 ? 6    LEU A N    1 
ATOM   45   C CA   . LEU A 1 6  ? 4.520   4.875   15.731  1.00 14.00 ? 6    LEU A CA   1 
ATOM   46   C C    . LEU A 1 6  ? 3.170   4.965   14.932  1.00 13.40 ? 6    LEU A C    1 
ATOM   47   O O    . LEU A 1 6  ? 2.253   4.128   15.128  1.00 15.19 ? 6    LEU A O    1 
ATOM   48   C CB   . LEU A 1 6  ? 4.257   5.046   17.208  1.00 14.03 ? 6    LEU A CB   1 
ATOM   49   C CG   . LEU A 1 6  ? 5.496   4.964   18.130  1.00 16.21 ? 6    LEU A CG   1 
ATOM   50   C CD1  . LEU A 1 6  ? 5.082   5.229   19.629  1.00 17.46 ? 6    LEU A CD1  1 
ATOM   51   C CD2  . LEU A 1 6  ? 6.279   3.664   17.968  1.00 16.59 ? 6    LEU A CD2  1 
ATOM   52   N N    . GLU A 1 7  ? 3.040   6.006   14.103  1.00 14.64 ? 7    GLU A N    1 
ATOM   53   C CA   . GLU A 1 7  ? 1.779   6.184   13.332  1.00 14.47 ? 7    GLU A CA   1 
ATOM   54   C C    . GLU A 1 7  ? 1.598   5.067   12.342  1.00 13.92 ? 7    GLU A C    1 
ATOM   55   O O    . GLU A 1 7  ? 2.564   4.685   11.642  1.00 14.03 ? 7    GLU A O    1 
ATOM   56   C CB   . GLU A 1 7  ? 1.812   7.442   12.526  1.00 14.55 ? 7    GLU A CB   1 
ATOM   57   C CG   . GLU A 1 7  ? 1.996   8.787   13.272  1.00 16.67 ? 7    GLU A CG   1 
ATOM   58   C CD   . GLU A 1 7  ? 2.263   9.989   12.334  1.00 20.89 ? 7    GLU A CD   1 
ATOM   59   O OE1  . GLU A 1 7  ? 2.593   9.779   11.114  1.00 17.91 ? 7    GLU A OE1  1 
ATOM   60   O OE2  . GLU A 1 7  ? 2.265   11.169  12.843  1.00 23.53 ? 7    GLU A OE2  1 
ATOM   61   N N    . PRO A 1 8  ? 0.366   4.641   12.165  1.00 13.81 ? 8    PRO A N    1 
ATOM   62   C CA   . PRO A 1 8  ? 0.058   3.752   11.031  1.00 14.56 ? 8    PRO A CA   1 
ATOM   63   C C    . PRO A 1 8  ? 0.331   4.503   9.711   1.00 13.11 ? 8    PRO A C    1 
ATOM   64   O O    . PRO A 1 8  ? 0.188   5.727   9.654   1.00 13.31 ? 8    PRO A O    1 
ATOM   65   C CB   . PRO A 1 8  ? -1.461  3.547   11.158  1.00 13.80 ? 8    PRO A CB   1 
ATOM   66   C CG   . PRO A 1 8  ? -1.811  3.810   12.596  1.00 18.11 ? 8    PRO A CG   1 
ATOM   67   C CD   . PRO A 1 8  ? -0.841  4.960   12.985  1.00 14.73 ? 8    PRO A CD   1 
ATOM   68   N N    . PRO A 1 9  ? 0.719   3.805   8.641   1.00 13.12 ? 9    PRO A N    1 
ATOM   69   C CA   . PRO A 1 9  ? 0.908   4.501   7.389   1.00 13.17 ? 9    PRO A CA   1 
ATOM   70   C C    . PRO A 1 9  ? -0.377  5.219   6.899   1.00 13.66 ? 9    PRO A C    1 
ATOM   71   O O    . PRO A 1 9  ? -1.471  4.679   7.071   1.00 14.21 ? 9    PRO A O    1 
ATOM   72   C CB   . PRO A 1 9  ? 1.352   3.407   6.441   1.00 14.49 ? 9    PRO A CB   1 
ATOM   73   C CG   . PRO A 1 9  ? 0.772   2.198   6.973   1.00 12.65 ? 9    PRO A CG   1 
ATOM   74   C CD   . PRO A 1 9  ? 0.865   2.347   8.493   1.00 13.83 ? 9    PRO A CD   1 
ATOM   75   N N    . TYR A 1 10 ? -0.218  6.405   6.285   1.00 12.77 ? 10   TYR A N    1 
ATOM   76   C CA   . TYR A 1 10 ? -1.386  7.152   5.872   1.00 13.26 ? 10   TYR A CA   1 
ATOM   77   C C    . TYR A 1 10 ? -1.402  7.428   4.400   1.00 12.20 ? 10   TYR A C    1 
ATOM   78   O O    . TYR A 1 10 ? -0.612  8.243   3.859   1.00 11.51 ? 10   TYR A O    1 
ATOM   79   C CB   . TYR A 1 10 ? -1.385  8.446   6.652   1.00 13.61 ? 10   TYR A CB   1 
ATOM   80   C CG   . TYR A 1 10 ? -2.626  9.252   6.450   1.00 14.36 ? 10   TYR A CG   1 
ATOM   81   C CD1  . TYR A 1 10 ? -3.837  8.840   7.015   1.00 17.03 ? 10   TYR A CD1  1 
ATOM   82   C CD2  . TYR A 1 10 ? -2.551  10.455  5.742   1.00 17.28 ? 10   TYR A CD2  1 
ATOM   83   C CE1  . TYR A 1 10 ? -5.002  9.668   6.851   1.00 21.55 ? 10   TYR A CE1  1 
ATOM   84   C CE2  . TYR A 1 10 ? -3.682  11.237  5.559   1.00 17.06 ? 10   TYR A CE2  1 
ATOM   85   C CZ   . TYR A 1 10 ? -4.842  10.853  6.092   1.00 21.72 ? 10   TYR A CZ   1 
ATOM   86   O OH   . TYR A 1 10 ? -5.912  11.729  5.848   1.00 27.41 ? 10   TYR A OH   1 
ATOM   87   N N    . THR A 1 11 ? -2.319  6.741   3.697   1.00 11.64 ? 11   THR A N    1 
ATOM   88   C CA   . THR A 1 11 ? -2.420  6.942   2.236   1.00 12.46 ? 11   THR A CA   1 
ATOM   89   C C    . THR A 1 11 ? -2.892  8.342   1.903   1.00 12.54 ? 11   THR A C    1 
ATOM   90   O O    . THR A 1 11 ? -2.459  8.943   0.934   1.00 12.87 ? 11   THR A O    1 
ATOM   91   C CB   . THR A 1 11 ? -3.498  5.983   1.726   1.00 13.76 ? 11   THR A CB   1 
ATOM   92   O OG1  . THR A 1 11 ? -3.213  4.703   2.344   1.00 19.22 ? 11   THR A OG1  1 
ATOM   93   C CG2  . THR A 1 11 ? -3.495  5.898   0.202   1.00 11.94 ? 11   THR A CG2  1 
ATOM   94   N N    . GLY A 1 12 ? -3.809  8.815   2.742   1.00 13.54 ? 12   GLY A N    1 
ATOM   95   C CA   . GLY A 1 12 ? -4.450  10.085  2.413   1.00 13.78 ? 12   GLY A CA   1 
ATOM   96   C C    . GLY A 1 12 ? -5.513  9.858   1.363   1.00 14.72 ? 12   GLY A C    1 
ATOM   97   O O    . GLY A 1 12 ? -5.705  8.739   0.907   1.00 13.04 ? 12   GLY A O    1 
ATOM   98   N N    . PRO A 1 13 ? -6.242  10.932  0.997   1.00 14.02 ? 13   PRO A N    1 
ATOM   99   C CA   . PRO A 1 13 ? -7.398  10.840  0.134   1.00 13.46 ? 13   PRO A CA   1 
ATOM   100  C C    . PRO A 1 13 ? -7.119  11.019  -1.341  1.00 14.20 ? 13   PRO A C    1 
ATOM   101  O O    . PRO A 1 13 ? -8.018  10.659  -2.140  1.00 16.19 ? 13   PRO A O    1 
ATOM   102  C CB   . PRO A 1 13 ? -8.320  11.981  0.633   1.00 14.45 ? 13   PRO A CB   1 
ATOM   103  C CG   . PRO A 1 13 ? -7.323  13.095  1.018   1.00 12.29 ? 13   PRO A CG   1 
ATOM   104  C CD   . PRO A 1 13 ? -6.118  12.261  1.641   1.00 13.86 ? 13   PRO A CD   1 
ATOM   105  N N    . CYS A 1 14 ? -5.907  11.416  -1.718  1.00 14.16 ? 14   CYS A N    1 
ATOM   106  C CA   . CYS A 1 14 ? -5.612  11.744  -3.115  1.00 13.21 ? 14   CYS A CA   1 
ATOM   107  C C    . CYS A 1 14 ? -5.282  10.485  -3.908  1.00 12.63 ? 14   CYS A C    1 
ATOM   108  O O    . CYS A 1 14 ? -5.089  9.369   -3.326  1.00 12.68 ? 14   CYS A O    1 
ATOM   109  C CB   . CYS A 1 14 ? -4.518  12.784  -3.243  1.00 14.70 ? 14   CYS A CB   1 
ATOM   110  S SG   . CYS A 1 14 ? -5.248  14.410  -2.755  1.00 16.26 ? 14   CYS A SG   1 
ATOM   111  N N    . LYS A 1 15 ? -5.235  10.615  -5.240  1.00 13.23 ? 15   LYS A N    1 
ATOM   112  C CA   . LYS A 1 15 ? -5.264  9.397   -6.140  1.00 14.96 ? 15   LYS A CA   1 
ATOM   113  C C    . LYS A 1 15 ? -3.939  8.983   -6.744  1.00 14.05 ? 15   LYS A C    1 
ATOM   114  O O    . LYS A 1 15 ? -3.856  8.155   -7.696  1.00 17.27 ? 15   LYS A O    1 
ATOM   115  C CB   . LYS A 1 15 ? -6.316  9.612   -7.228  1.00 15.36 ? 15   LYS A CB   1 
ATOM   116  C CG   . LYS A 1 15 ? -7.674  9.775   -6.637  1.00 14.81 ? 15   LYS A CG   1 
ATOM   117  C CD   . LYS A 1 15 ? -8.603  10.080  -7.812  1.00 19.45 ? 15   LYS A CD   1 
ATOM   118  C CE   . LYS A 1 15 ? -10.008 10.040  -7.325  1.00 17.13 ? 15   LYS A CE   1 
ATOM   119  N NZ   . LYS A 1 15 ? -10.835 10.053  -8.597  1.00 19.93 ? 15   LYS A NZ   1 
ATOM   120  N N    . ALA A 1 16 ? -2.840  9.559   -6.258  1.00 14.25 ? 16   ALA A N    1 
ATOM   121  C CA   . ALA A 1 16 ? -1.537  9.265   -6.895  1.00 13.13 ? 16   ALA A CA   1 
ATOM   122  C C    . ALA A 1 16 ? -1.021  7.911   -6.457  1.00 13.13 ? 16   ALA A C    1 
ATOM   123  O O    . ALA A 1 16 ? -1.582  7.256   -5.562  1.00 13.77 ? 16   ALA A O    1 
ATOM   124  C CB   . ALA A 1 16 ? -0.441  10.367  -6.562  1.00 15.41 ? 16   ALA A CB   1 
ATOM   125  N N    . ARG A 1 17 ? 0.019   7.478   -7.160  1.00 14.30 ? 17   ARG A N    1 
ATOM   126  C CA   . ARG A 1 17 ? 0.536   6.103   -6.996  1.00 13.79 ? 17   ARG A CA   1 
ATOM   127  C C    . ARG A 1 17 ? 2.017   6.217   -6.664  1.00 14.66 ? 17   ARG A C    1 
ATOM   128  O O    . ARG A 1 17 ? 2.878   5.916   -7.485  1.00 17.02 ? 17   ARG A O    1 
ATOM   129  C CB   . ARG A 1 17 ? 0.344   5.334   -8.315  1.00 15.19 ? 17   ARG A CB   1 
ATOM   130  C CG   . ARG A 1 17 ? -1.115  5.056   -8.534  1.00 17.05 ? 17   ARG A CG   1 
ATOM   131  C CD   . ARG A 1 17 ? -1.267  4.183   -9.794  1.00 28.18 ? 17   ARG A CD   1 
ATOM   132  N NE   . ARG A 1 17 ? -0.923  4.949   -10.963 1.00 35.03 ? 17   ARG A NE   1 
ATOM   133  C CZ   . ARG A 1 17 ? -1.849  5.477   -11.762 1.00 41.74 ? 17   ARG A CZ   1 
ATOM   134  N NH1  . ARG A 1 17 ? -3.145  5.276   -11.498 1.00 39.76 ? 17   ARG A NH1  1 
ATOM   135  N NH2  . ARG A 1 17 ? -1.482  6.176   -12.825 1.00 44.21 ? 17   ARG A NH2  1 
ATOM   136  N N    . ILE A 1 18 ? 2.305   6.719   -5.498  1.00 14.53 ? 18   ILE A N    1 
ATOM   137  C CA   . ILE A 1 18 ? 3.657   7.056   -5.144  1.00 14.47 ? 18   ILE A CA   1 
ATOM   138  C C    . ILE A 1 18 ? 4.145   6.050   -4.057  1.00 15.59 ? 18   ILE A C    1 
ATOM   139  O O    . ILE A 1 18 ? 3.502   5.974   -2.965  1.00 15.70 ? 18   ILE A O    1 
ATOM   140  C CB   . ILE A 1 18 ? 3.718   8.440   -4.527  1.00 15.41 ? 18   ILE A CB   1 
ATOM   141  C CG1  . ILE A 1 18 ? 3.133   9.513   -5.477  1.00 17.33 ? 18   ILE A CG1  1 
ATOM   142  C CG2  . ILE A 1 18 ? 5.138   8.748   -4.143  1.00 15.08 ? 18   ILE A CG2  1 
ATOM   143  C CD1  . ILE A 1 18 ? 2.872   10.828  -4.811  1.00 19.71 ? 18   ILE A CD1  1 
ATOM   144  N N    . ILE A 1 19 ? 5.249   5.364   -4.322  1.00 13.70 ? 19   ILE A N    1 
ATOM   145  C CA   . ILE A 1 19 ? 5.788   4.377   -3.345  1.00 14.42 ? 19   ILE A CA   1 
ATOM   146  C C    . ILE A 1 19 ? 6.575   5.214   -2.293  1.00 14.24 ? 19   ILE A C    1 
ATOM   147  O O    . ILE A 1 19 ? 7.530   5.980   -2.650  1.00 14.46 ? 19   ILE A O    1 
ATOM   148  C CB   . ILE A 1 19 ? 6.748   3.319   -3.977  1.00 15.14 ? 19   ILE A CB   1 
ATOM   149  C CG1  . ILE A 1 19 ? 6.013   2.426   -5.024  1.00 17.93 ? 19   ILE A CG1  1 
ATOM   150  C CG2  . ILE A 1 19 ? 7.497   2.522   -2.810  1.00 15.19 ? 19   ILE A CG2  1 
ATOM   151  C CD1  . ILE A 1 19 ? 5.252   1.351   -4.449  1.00 24.15 ? 19   ILE A CD1  1 
ATOM   152  N N    . ARG A 1 20 ? 6.190   5.083   -1.043  1.00 12.10 ? 20   ARG A N    1 
ATOM   153  C CA   . ARG A 1 20 ? 6.905   5.682   0.095   1.00 13.48 ? 20   ARG A CA   1 
ATOM   154  C C    . ARG A 1 20 ? 7.187   4.591   1.135   1.00 11.15 ? 20   ARG A C    1 
ATOM   155  O O    . ARG A 1 20 ? 6.799   3.410   0.964   1.00 11.36 ? 20   ARG A O    1 
ATOM   156  C CB   . ARG A 1 20 ? 6.098   6.834   0.732   1.00 11.42 ? 20   ARG A CB   1 
ATOM   157  C CG   . ARG A 1 20 ? 5.866   7.999   -0.236  1.00 13.18 ? 20   ARG A CG   1 
ATOM   158  C CD   . ARG A 1 20 ? 7.196   8.763   -0.361  1.00 15.45 ? 20   ARG A CD   1 
ATOM   159  N NE   . ARG A 1 20 ? 6.999   9.904   -1.326  1.00 15.39 ? 20   ARG A NE   1 
ATOM   160  C CZ   . ARG A 1 20 ? 6.459   11.057  -1.000  1.00 16.15 ? 20   ARG A CZ   1 
ATOM   161  N NH1  . ARG A 1 20 ? 6.000   11.317  0.226   1.00 15.18 ? 20   ARG A NH1  1 
ATOM   162  N NH2  . ARG A 1 20 ? 6.360   11.993  -1.966  1.00 17.96 ? 20   ARG A NH2  1 
ATOM   163  N N    . TYR A 1 21 ? 7.853   5.006   2.202   1.00 11.47 ? 21   TYR A N    1 
ATOM   164  C CA   . TYR A 1 21 ? 8.330   4.063   3.217   1.00 12.35 ? 21   TYR A CA   1 
ATOM   165  C C    . TYR A 1 21 ? 7.823   4.557   4.549   1.00 12.08 ? 21   TYR A C    1 
ATOM   166  O O    . TYR A 1 21 ? 7.804   5.740   4.815   1.00 13.28 ? 21   TYR A O    1 
ATOM   167  C CB   . TYR A 1 21 ? 9.869   3.908   3.314   1.00 13.53 ? 21   TYR A CB   1 
ATOM   168  C CG   . TYR A 1 21 ? 10.441  3.363   2.021   1.00 13.75 ? 21   TYR A CG   1 
ATOM   169  C CD1  . TYR A 1 21 ? 10.712  2.020   1.893   1.00 17.34 ? 21   TYR A CD1  1 
ATOM   170  C CD2  . TYR A 1 21 ? 10.570  4.213   0.921   1.00 17.79 ? 21   TYR A CD2  1 
ATOM   171  C CE1  . TYR A 1 21 ? 11.219  1.501   0.647   1.00 18.48 ? 21   TYR A CE1  1 
ATOM   172  C CE2  . TYR A 1 21 ? 11.063  3.719   -0.335  1.00 18.57 ? 21   TYR A CE2  1 
ATOM   173  C CZ   . TYR A 1 21 ? 11.347  2.378   -0.416  1.00 19.30 ? 21   TYR A CZ   1 
ATOM   174  O OH   . TYR A 1 21 ? 11.781  1.881   -1.640  1.00 25.41 ? 21   TYR A OH   1 
ATOM   175  N N    . PHE A 1 22 ? 7.336   3.625   5.380   1.00 12.32 ? 22   PHE A N    1 
ATOM   176  C CA   . PHE A 1 22 ? 6.939   3.935   6.751   1.00 13.10 ? 22   PHE A CA   1 
ATOM   177  C C    . PHE A 1 22 ? 7.646   2.993   7.710   1.00 13.07 ? 22   PHE A C    1 
ATOM   178  O O    . PHE A 1 22 ? 7.953   1.867   7.370   1.00 14.11 ? 22   PHE A O    1 
ATOM   179  C CB   . PHE A 1 22 ? 5.402   3.894   6.933   1.00 13.87 ? 22   PHE A CB   1 
ATOM   180  C CG   . PHE A 1 22 ? 4.845   2.518   6.988   1.00 11.00 ? 22   PHE A CG   1 
ATOM   181  C CD1  . PHE A 1 22 ? 4.690   1.760   5.809   1.00 12.08 ? 22   PHE A CD1  1 
ATOM   182  C CD2  . PHE A 1 22 ? 4.502   1.948   8.221   1.00 13.40 ? 22   PHE A CD2  1 
ATOM   183  C CE1  . PHE A 1 22 ? 4.179   0.483   5.820   1.00 13.57 ? 22   PHE A CE1  1 
ATOM   184  C CE2  . PHE A 1 22 ? 3.973   0.645   8.250   1.00 13.76 ? 22   PHE A CE2  1 
ATOM   185  C CZ   . PHE A 1 22 ? 3.801   -0.104  7.040   1.00 16.31 ? 22   PHE A CZ   1 
ATOM   186  N N    . TYR A 1 23 ? 7.825   3.443   8.950   1.00 13.35 ? 23   TYR A N    1 
ATOM   187  C CA   . TYR A 1 23 ? 8.399   2.558   9.996   1.00 15.77 ? 23   TYR A CA   1 
ATOM   188  C C    . TYR A 1 23 ? 7.277   1.772   10.661  1.00 16.12 ? 23   TYR A C    1 
ATOM   189  O O    . TYR A 1 23 ? 6.240   2.334   11.056  1.00 14.23 ? 23   TYR A O    1 
ATOM   190  C CB   . TYR A 1 23 ? 9.119   3.404   11.053  1.00 15.27 ? 23   TYR A CB   1 
ATOM   191  C CG   . TYR A 1 23 ? 9.793   2.527   12.112  1.00 15.59 ? 23   TYR A CG   1 
ATOM   192  C CD1  . TYR A 1 23 ? 10.904  1.830   11.798  1.00 19.68 ? 23   TYR A CD1  1 
ATOM   193  C CD2  . TYR A 1 23 ? 9.256   2.433   13.426  1.00 17.32 ? 23   TYR A CD2  1 
ATOM   194  C CE1  . TYR A 1 23 ? 11.552  1.011   12.763  1.00 20.43 ? 23   TYR A CE1  1 
ATOM   195  C CE2  . TYR A 1 23 ? 9.904   1.633   14.426  1.00 17.99 ? 23   TYR A CE2  1 
ATOM   196  C CZ   . TYR A 1 23 ? 11.051  0.948   14.070  1.00 24.81 ? 23   TYR A CZ   1 
ATOM   197  O OH   . TYR A 1 23 ? 11.686  0.130   15.010  1.00 27.33 ? 23   TYR A OH   1 
ATOM   198  N N    . ASN A 1 24 ? 7.482   0.455   10.735  1.00 18.52 ? 24   ASN A N    1 
ATOM   199  C CA   . ASN A 1 24 ? 6.533   -0.450  11.338  1.00 19.78 ? 24   ASN A CA   1 
ATOM   200  C C    . ASN A 1 24 ? 7.182   -0.880  12.657  1.00 22.00 ? 24   ASN A C    1 
ATOM   201  O O    . ASN A 1 24 ? 8.047   -1.769  12.671  1.00 20.25 ? 24   ASN A O    1 
ATOM   202  C CB   . ASN A 1 24 ? 6.302   -1.649  10.381  1.00 20.12 ? 24   ASN A CB   1 
ATOM   203  C CG   . ASN A 1 24 ? 5.341   -2.690  10.956  1.00 22.34 ? 24   ASN A CG   1 
ATOM   204  O OD1  . ASN A 1 24 ? 5.245   -2.832  12.193  1.00 27.32 ? 24   ASN A OD1  1 
ATOM   205  N ND2  . ASN A 1 24 ? 4.663   -3.418  10.089  1.00 26.20 ? 24   ASN A ND2  1 
ATOM   206  N N    . ALA A 1 25 ? 6.727   -0.282  13.756  1.00 23.01 ? 25   ALA A N    1 
ATOM   207  C CA   . ALA A 1 25 ? 7.383   -0.507  15.054  1.00 27.52 ? 25   ALA A CA   1 
ATOM   208  C C    . ALA A 1 25 ? 7.276   -1.916  15.630  1.00 29.19 ? 25   ALA A C    1 
ATOM   209  O O    . ALA A 1 25 ? 8.214   -2.396  16.297  1.00 30.03 ? 25   ALA A O    1 
ATOM   210  C CB   . ALA A 1 25 ? 6.980   0.565   16.062  1.00 27.26 ? 25   ALA A CB   1 
ATOM   211  N N    . LYS A 1 26 ? 6.188   -2.598  15.332  1.00 31.10 ? 26   LYS A N    1 
ATOM   212  C CA   . LYS A 1 26 ? 6.019   -3.973  15.752  1.00 32.73 ? 26   LYS A CA   1 
ATOM   213  C C    . LYS A 1 26 ? 7.027   -4.883  15.000  1.00 32.39 ? 26   LYS A C    1 
ATOM   214  O O    . LYS A 1 26 ? 7.655   -5.782  15.602  1.00 33.30 ? 26   LYS A O    1 
ATOM   215  C CB   . LYS A 1 26 ? 4.550   -4.385  15.516  1.00 34.56 ? 26   LYS A CB   1 
ATOM   216  C CG   . LYS A 1 26 ? 4.219   -5.890  15.702  1.00 40.01 ? 26   LYS A CG   1 
ATOM   217  C CD   . LYS A 1 26 ? 3.910   -6.266  17.169  1.00 45.47 ? 26   LYS A CD   1 
ATOM   218  C CE   . LYS A 1 26 ? 4.092   -7.762  17.420  1.00 47.14 ? 26   LYS A CE   1 
ATOM   219  N NZ   . LYS A 1 26 ? 5.515   -8.214  17.190  1.00 48.94 ? 26   LYS A NZ   1 
ATOM   220  N N    . ALA A 1 27 ? 7.233   -4.605  13.705  1.00 31.22 ? 27   ALA A N    1 
ATOM   221  C CA   . ALA A 1 27 ? 8.102   -5.414  12.855  1.00 29.47 ? 27   ALA A CA   1 
ATOM   222  C C    . ALA A 1 27 ? 9.537   -5.053  13.054  1.00 28.99 ? 27   ALA A C    1 
ATOM   223  O O    . ALA A 1 27 ? 10.415  -5.888  12.765  1.00 29.88 ? 27   ALA A O    1 
ATOM   224  C CB   . ALA A 1 27 ? 7.725   -5.273  11.421  1.00 29.49 ? 27   ALA A CB   1 
ATOM   225  N N    . GLY A 1 28 ? 9.778   -3.827  13.527  1.00 25.44 ? 28   GLY A N    1 
ATOM   226  C CA   . GLY A 1 28 ? 11.104  -3.260  13.713  1.00 25.53 ? 28   GLY A CA   1 
ATOM   227  C C    . GLY A 1 28 ? 11.847  -2.927  12.443  1.00 23.35 ? 28   GLY A C    1 
ATOM   228  O O    . GLY A 1 28 ? 13.072  -2.983  12.396  1.00 25.38 ? 28   GLY A O    1 
ATOM   229  N N    . LEU A 1 29 ? 11.105  -2.566  11.394  1.00 21.03 ? 29   LEU A N    1 
ATOM   230  C CA   . LEU A 1 29 ? 11.748  -2.270  10.126  1.00 18.85 ? 29   LEU A CA   1 
ATOM   231  C C    . LEU A 1 29 ? 10.763  -1.345  9.351   1.00 18.10 ? 29   LEU A C    1 
ATOM   232  O O    . LEU A 1 29 ? 9.591   -1.129  9.768   1.00 16.27 ? 29   LEU A O    1 
ATOM   233  C CB   . LEU A 1 29 ? 12.034  -3.537  9.316   1.00 19.22 ? 29   LEU A CB   1 
ATOM   234  C CG   . LEU A 1 29 ? 10.995  -4.637  9.206   1.00 23.10 ? 29   LEU A CG   1 
ATOM   235  C CD1  . LEU A 1 29 ? 9.737   -4.173  8.475   1.00 23.16 ? 29   LEU A CD1  1 
ATOM   236  C CD2  . LEU A 1 29 ? 11.532  -5.879  8.537   1.00 24.72 ? 29   LEU A CD2  1 
ATOM   237  N N    . CYS A 1 30 ? 11.253  -0.809  8.251   1.00 16.41 ? 30   CYS A N    1 
ATOM   238  C CA   . CYS A 1 30 ? 10.393  -0.011  7.351   1.00 16.88 ? 30   CYS A CA   1 
ATOM   239  C C    . CYS A 1 30 ? 9.825   -0.863  6.273   1.00 16.68 ? 30   CYS A C    1 
ATOM   240  O O    . CYS A 1 30 ? 10.455  -1.818  5.775   1.00 19.46 ? 30   CYS A O    1 
ATOM   241  C CB   . CYS A 1 30 ? 11.228  1.144   6.748   1.00 17.38 ? 30   CYS A CB   1 
ATOM   242  S SG   . CYS A 1 30 ? 11.729  2.249   8.085   1.00 22.76 ? 30   CYS A SG   1 
ATOM   243  N N    . GLN A 1 31 ? 8.587   -0.534  5.849   1.00 15.41 ? 31   GLN A N    1 
ATOM   244  C CA   . GLN A 1 31 ? 7.987   -1.202  4.696   1.00 12.62 ? 31   GLN A CA   1 
ATOM   245  C C    . GLN A 1 31 ? 7.451   -0.143  3.708   1.00 13.98 ? 31   GLN A C    1 
ATOM   246  O O    . GLN A 1 31 ? 7.340   1.055   4.024   1.00 14.13 ? 31   GLN A O    1 
ATOM   247  C CB   . GLN A 1 31 ? 6.731   -1.990  5.158   1.00 12.74 ? 31   GLN A CB   1 
ATOM   248  C CG   . GLN A 1 31 ? 6.999   -3.277  6.047   1.00 13.71 ? 31   GLN A CG   1 
ATOM   249  C CD   . GLN A 1 31 ? 5.702   -3.936  6.402   1.00 17.56 ? 31   GLN A CD   1 
ATOM   250  O OE1  . GLN A 1 31 ? 5.010   -3.529  7.328   1.00 21.53 ? 31   GLN A OE1  1 
ATOM   251  N NE2  . GLN A 1 31 ? 5.292   -4.902  5.587   1.00 24.95 ? 31   GLN A NE2  1 
ATOM   252  N N    . THR A 1 32 ? 7.134   -0.615  2.516   1.00 13.35 ? 32   THR A N    1 
ATOM   253  C CA   . THR A 1 32 ? 6.592   0.291   1.509   1.00 13.30 ? 32   THR A CA   1 
ATOM   254  C C    . THR A 1 32 ? 5.089   0.457   1.705   1.00 13.11 ? 32   THR A C    1 
ATOM   255  O O    . THR A 1 32 ? 4.415   -0.415  2.262   1.00 14.18 ? 32   THR A O    1 
ATOM   256  C CB   . THR A 1 32 ? 6.847   -0.243  0.100   1.00 11.51 ? 32   THR A CB   1 
ATOM   257  O OG1  . THR A 1 32 ? 6.442   -1.617  -0.002  1.00 14.02 ? 32   THR A OG1  1 
ATOM   258  C CG2  . THR A 1 32 ? 8.322   -0.091  -0.268  1.00 16.73 ? 32   THR A CG2  1 
ATOM   259  N N    . PHE A 1 33 ? 4.562   1.606   1.244   1.00 11.69 ? 33   PHE A N    1 
ATOM   260  C CA   . PHE A 1 33 ? 3.148   1.798   1.159   1.00 11.15 ? 33   PHE A CA   1 
ATOM   261  C C    . PHE A 1 33 ? 2.878   2.746   0.003   1.00 12.30 ? 33   PHE A C    1 
ATOM   262  O O    . PHE A 1 33 ? 3.795   3.409   -0.451  1.00 12.37 ? 33   PHE A O    1 
ATOM   263  C CB   . PHE A 1 33 ? 2.536   2.325   2.490   1.00 11.27 ? 33   PHE A CB   1 
ATOM   264  C CG   . PHE A 1 33 ? 2.815   3.783   2.785   1.00 11.32 ? 33   PHE A CG   1 
ATOM   265  C CD1  . PHE A 1 33 ? 4.080   4.207   3.176   1.00 12.70 ? 33   PHE A CD1  1 
ATOM   266  C CD2  . PHE A 1 33 ? 1.749   4.678   2.697   1.00 12.25 ? 33   PHE A CD2  1 
ATOM   267  C CE1  . PHE A 1 33 ? 4.327   5.552   3.532   1.00 10.86 ? 33   PHE A CE1  1 
ATOM   268  C CE2  . PHE A 1 33 ? 1.932   6.028   3.027   1.00 10.93 ? 33   PHE A CE2  1 
ATOM   269  C CZ   . PHE A 1 33 ? 3.193   6.462   3.427   1.00 12.73 ? 33   PHE A CZ   1 
ATOM   270  N N    . VAL A 1 34 ? 1.615   2.784   -0.442  1.00 12.25 ? 34   VAL A N    1 
ATOM   271  C CA   . VAL A 1 34 ? 1.290   3.732   -1.561  1.00 11.76 ? 34   VAL A CA   1 
ATOM   272  C C    . VAL A 1 34 ? 0.732   4.991   -0.954  1.00 9.97  ? 34   VAL A C    1 
ATOM   273  O O    . VAL A 1 34 ? -0.247  4.951   -0.157  1.00 10.73 ? 34   VAL A O    1 
ATOM   274  C CB   . VAL A 1 34 ? 0.284   3.103   -2.536  1.00 11.05 ? 34   VAL A CB   1 
ATOM   275  C CG1  . VAL A 1 34 ? -0.104  4.198   -3.631  1.00 12.57 ? 34   VAL A CG1  1 
ATOM   276  C CG2  . VAL A 1 34 ? 0.973   1.846   -3.190  1.00 11.71 ? 34   VAL A CG2  1 
ATOM   277  N N    . TYR A 1 35 ? 1.395   6.120   -1.246  1.00 10.30 ? 35   TYR A N    1 
ATOM   278  C CA   . TYR A 1 35 ? 0.917   7.434   -0.776  1.00 10.96 ? 35   TYR A CA   1 
ATOM   279  C C    . TYR A 1 35 ? 0.166   8.144   -1.928  1.00 10.77 ? 35   TYR A C    1 
ATOM   280  O O    . TYR A 1 35 ? 0.635   8.141   -3.049  1.00 12.31 ? 35   TYR A O    1 
ATOM   281  C CB   . TYR A 1 35 ? 2.163   8.240   -0.377  1.00 11.93 ? 35   TYR A CB   1 
ATOM   282  C CG   . TYR A 1 35 ? 1.845   9.679   -0.077  1.00 10.42 ? 35   TYR A CG   1 
ATOM   283  C CD1  . TYR A 1 35 ? 0.818   10.024  0.823   1.00 11.47 ? 35   TYR A CD1  1 
ATOM   284  C CD2  . TYR A 1 35 ? 2.571   10.678  -0.774  1.00 16.40 ? 35   TYR A CD2  1 
ATOM   285  C CE1  . TYR A 1 35 ? 0.530   11.403  1.047   1.00 10.45 ? 35   TYR A CE1  1 
ATOM   286  C CE2  . TYR A 1 35 ? 2.323   11.997  -0.543  1.00 11.57 ? 35   TYR A CE2  1 
ATOM   287  C CZ   . TYR A 1 35 ? 1.318   12.332  0.363   1.00 12.23 ? 35   TYR A CZ   1 
ATOM   288  O OH   . TYR A 1 35 ? 1.018   13.647  0.550   1.00 17.21 ? 35   TYR A OH   1 
ATOM   289  N N    . GLY A 1 36 ? -0.972  8.765   -1.609  1.00 10.19 ? 36   GLY A N    1 
ATOM   290  C CA   . GLY A 1 36 ? -1.821  9.286   -2.687  1.00 13.39 ? 36   GLY A CA   1 
ATOM   291  C C    . GLY A 1 36 ? -1.559  10.711  -3.148  1.00 13.25 ? 36   GLY A C    1 
ATOM   292  O O    . GLY A 1 36 ? -2.215  11.224  -4.041  1.00 13.38 ? 36   GLY A O    1 
ATOM   293  N N    . GLY A 1 37 ? -0.562  11.327  -2.543  1.00 14.24 ? 37   GLY A N    1 
ATOM   294  C CA   . GLY A 1 37 ? -0.034  12.620  -3.029  1.00 15.77 ? 37   GLY A CA   1 
ATOM   295  C C    . GLY A 1 37 ? -0.576  13.853  -2.321  1.00 18.01 ? 37   GLY A C    1 
ATOM   296  O O    . GLY A 1 37 ? -0.235  14.964  -2.764  1.00 19.24 ? 37   GLY A O    1 
ATOM   297  N N    . CYS A 1 38 ? -1.435  13.718  -1.303  1.00 16.18 ? 38   CYS A N    1 
ATOM   298  C CA   . CYS A 1 38 ? -1.763  14.873  -0.429  1.00 17.29 ? 38   CYS A CA   1 
ATOM   299  C C    . CYS A 1 38 ? -1.988  14.441  0.997   1.00 17.01 ? 38   CYS A C    1 
ATOM   300  O O    . CYS A 1 38 ? -2.240  13.263  1.273   1.00 14.98 ? 38   CYS A O    1 
ATOM   301  C CB   . CYS A 1 38 ? -3.054  15.599  -0.943  1.00 16.87 ? 38   CYS A CB   1 
ATOM   302  S SG   . CYS A 1 38 ? -4.583  14.708  -0.794  1.00 17.70 ? 38   CYS A SG   1 
ATOM   303  N N    . ARG A 1 39 ? -1.831  15.376  1.939   1.00 15.15 ? 39   ARG A N    1 
ATOM   304  C CA   . ARG A 1 39 ? -2.067  15.162  3.325   1.00 17.72 ? 39   ARG A CA   1 
ATOM   305  C C    . ARG A 1 39 ? -1.122  14.159  4.018   1.00 16.56 ? 39   ARG A C    1 
ATOM   306  O O    . ARG A 1 39 ? -1.565  13.502  4.983   1.00 16.19 ? 39   ARG A O    1 
ATOM   307  C CB   . ARG A 1 39 ? -3.490  14.819  3.574   1.00 16.83 ? 39   ARG A CB   1 
ATOM   308  C CG   . ARG A 1 39 ? -4.384  15.974  2.994   1.00 24.14 ? 39   ARG A CG   1 
ATOM   309  C CD   . ARG A 1 39 ? -5.762  16.010  3.516   1.00 31.96 ? 39   ARG A CD   1 
ATOM   310  N NE   . ARG A 1 39 ? -6.400  17.267  3.063   1.00 36.88 ? 39   ARG A NE   1 
ATOM   311  C CZ   . ARG A 1 39 ? -7.660  17.590  3.313   1.00 39.28 ? 39   ARG A CZ   1 
ATOM   312  N NH1  . ARG A 1 39 ? -8.449  16.760  3.998   1.00 43.52 ? 39   ARG A NH1  1 
ATOM   313  N NH2  . ARG A 1 39 ? -8.135  18.735  2.845   1.00 40.65 ? 39   ARG A NH2  1 
ATOM   314  N N    . ALA A 1 40 ? 0.096   14.099  3.537   1.00 16.17 ? 40   ALA A N    1 
ATOM   315  C CA   . ALA A 1 40 ? 1.148   13.203  4.105   1.00 16.73 ? 40   ALA A CA   1 
ATOM   316  C C    . ALA A 1 40 ? 1.269   13.448  5.580   1.00 17.97 ? 40   ALA A C    1 
ATOM   317  O O    . ALA A 1 40 ? 1.281   14.642  6.046   1.00 18.64 ? 40   ALA A O    1 
ATOM   318  C CB   . ALA A 1 40 ? 2.478   13.462  3.476   1.00 15.64 ? 40   ALA A CB   1 
ATOM   319  N N    . LYS A 1 41 ? 1.367   12.349  6.329   1.00 16.48 ? 41   LYS A N    1 
ATOM   320  C CA   . LYS A 1 41 ? 1.714   12.432  7.760   1.00 17.62 ? 41   LYS A CA   1 
ATOM   321  C C    . LYS A 1 41 ? 3.234   12.244  7.898   1.00 15.98 ? 41   LYS A C    1 
ATOM   322  O O    . LYS A 1 41 ? 3.976   12.103  6.884   1.00 16.03 ? 41   LYS A O    1 
ATOM   323  C CB   . LYS A 1 41 ? 0.870   11.396  8.530   1.00 16.69 ? 41   LYS A CB   1 
ATOM   324  C CG   . LYS A 1 41 ? -0.584  11.751  8.613   1.00 18.98 ? 41   LYS A CG   1 
ATOM   325  C CD   . LYS A 1 41 ? -1.235  10.888  9.670   1.00 21.56 ? 41   LYS A CD   1 
ATOM   326  C CE   . LYS A 1 41 ? -2.744  11.126  9.785   1.00 27.10 ? 41   LYS A CE   1 
ATOM   327  N NZ   . LYS A 1 41 ? -3.109  12.584  9.829   1.00 32.10 ? 41   LYS A NZ   1 
ATOM   328  N N    . ARG A 1 42 ? 3.783   12.254  9.138   1.00 15.77 ? 42   ARG A N    1 
ATOM   329  C CA   . ARG A 1 42 ? 5.231   12.257  9.228   1.00 14.84 ? 42   ARG A CA   1 
ATOM   330  C C    . ARG A 1 42 ? 5.949   10.950  8.987   1.00 15.27 ? 42   ARG A C    1 
ATOM   331  O O    . ARG A 1 42 ? 7.118   10.879  8.540   1.00 17.72 ? 42   ARG A O    1 
ATOM   332  C CB   . ARG A 1 42 ? 5.649   12.774  10.638  1.00 14.97 ? 42   ARG A CB   1 
ATOM   333  C CG   . ARG A 1 42 ? 5.172   14.204  10.872  1.00 19.24 ? 42   ARG A CG   1 
ATOM   334  C CD   . ARG A 1 42 ? 5.882   14.777  12.152  1.00 17.78 ? 42   ARG A CD   1 
ATOM   335  N NE   . ARG A 1 42 ? 7.261   15.093  11.854  1.00 23.60 ? 42   ARG A NE   1 
ATOM   336  C CZ   . ARG A 1 42 ? 8.103   15.648  12.738  1.00 26.67 ? 42   ARG A CZ   1 
ATOM   337  N NH1  . ARG A 1 42 ? 7.706   15.873  13.979  1.00 27.46 ? 42   ARG A NH1  1 
ATOM   338  N NH2  . ARG A 1 42 ? 9.360   15.907  12.382  1.00 29.88 ? 42   ARG A NH2  1 
ATOM   339  N N    . ASN A 1 43 ? 5.220   9.886   9.298   1.00 13.38 ? 43   ASN A N    1 
ATOM   340  C CA   . ASN A 1 43 ? 5.787   8.558   9.062   1.00 13.78 ? 43   ASN A CA   1 
ATOM   341  C C    . ASN A 1 43 ? 5.664   8.167   7.546   1.00 13.39 ? 43   ASN A C    1 
ATOM   342  O O    . ASN A 1 43 ? 4.921   7.280   7.157   1.00 13.24 ? 43   ASN A O    1 
ATOM   343  C CB   . ASN A 1 43 ? 5.132   7.530   10.051  1.00 14.75 ? 43   ASN A CB   1 
ATOM   344  C CG   . ASN A 1 43 ? 5.889   6.207   10.112  1.00 11.68 ? 43   ASN A CG   1 
ATOM   345  O OD1  . ASN A 1 43 ? 6.997   6.050   9.557   1.00 11.92 ? 43   ASN A OD1  1 
ATOM   346  N ND2  . ASN A 1 43 ? 5.240   5.193   10.716  1.00 12.83 ? 43   ASN A ND2  1 
ATOM   347  N N    . ASN A 1 44 ? 6.458   8.854   6.732   1.00 11.56 ? 44   ASN A N    1 
ATOM   348  C CA   . ASN A 1 44 ? 6.313   8.829   5.294   1.00 13.62 ? 44   ASN A CA   1 
ATOM   349  C C    . ASN A 1 44 ? 7.657   9.351   4.801   1.00 13.90 ? 44   ASN A C    1 
ATOM   350  O O    . ASN A 1 44 ? 7.976   10.539  4.933   1.00 15.91 ? 44   ASN A O    1 
ATOM   351  C CB   . ASN A 1 44 ? 5.054   9.692   4.884   1.00 12.17 ? 44   ASN A CB   1 
ATOM   352  C CG   . ASN A 1 44 ? 4.927   9.844   3.390   1.00 13.73 ? 44   ASN A CG   1 
ATOM   353  O OD1  . ASN A 1 44 ? 5.926   9.744   2.687   1.00 14.13 ? 44   ASN A OD1  1 
ATOM   354  N ND2  . ASN A 1 44 ? 3.708   10.097  2.893   1.00 12.33 ? 44   ASN A ND2  1 
ATOM   355  N N    . PHE A 1 45 ? 8.452   8.419   4.284   1.00 13.26 ? 45   PHE A N    1 
ATOM   356  C CA   . PHE A 1 45 ? 9.825   8.657   3.813   1.00 14.77 ? 45   PHE A CA   1 
ATOM   357  C C    . PHE A 1 45 ? 9.996   8.279   2.377   1.00 17.21 ? 45   PHE A C    1 
ATOM   358  O O    . PHE A 1 45 ? 9.348   7.327   1.864   1.00 16.08 ? 45   PHE A O    1 
ATOM   359  C CB   . PHE A 1 45 ? 10.805  7.820   4.641   1.00 14.13 ? 45   PHE A CB   1 
ATOM   360  C CG   . PHE A 1 45 ? 10.784  8.170   6.104   1.00 15.80 ? 45   PHE A CG   1 
ATOM   361  C CD1  . PHE A 1 45 ? 9.940   7.460   6.987   1.00 14.02 ? 45   PHE A CD1  1 
ATOM   362  C CD2  . PHE A 1 45 ? 11.613  9.199   6.602   1.00 15.66 ? 45   PHE A CD2  1 
ATOM   363  C CE1  . PHE A 1 45 ? 9.944   7.750   8.349   1.00 14.49 ? 45   PHE A CE1  1 
ATOM   364  C CE2  . PHE A 1 45 ? 11.618  9.509   8.016   1.00 17.67 ? 45   PHE A CE2  1 
ATOM   365  C CZ   . PHE A 1 45 ? 10.760  8.818   8.859   1.00 17.10 ? 45   PHE A CZ   1 
ATOM   366  N N    . LYS A 1 46 ? 10.959  8.963   1.760   1.00 19.53 ? 46   LYS A N    1 
ATOM   367  C CA   . LYS A 1 46 ? 11.264  8.715   0.373   1.00 22.44 ? 46   LYS A CA   1 
ATOM   368  C C    . LYS A 1 46 ? 12.217  7.551   0.137   1.00 22.42 ? 46   LYS A C    1 
ATOM   369  O O    . LYS A 1 46 ? 12.388  7.121   -1.014  1.00 24.21 ? 46   LYS A O    1 
ATOM   370  C CB   . LYS A 1 46 ? 11.772  10.011  -0.290  1.00 22.18 ? 46   LYS A CB   1 
ATOM   371  C CG   . LYS A 1 46 ? 10.629  11.063  -0.500  1.00 27.23 ? 46   LYS A CG   1 
ATOM   372  C CD   . LYS A 1 46 ? 11.124  12.425  -1.023  1.00 32.24 ? 46   LYS A CD   1 
ATOM   373  C CE   . LYS A 1 46 ? 9.930   13.320  -1.291  1.00 32.20 ? 46   LYS A CE   1 
ATOM   374  N NZ   . LYS A 1 46 ? 9.296   13.599  0.022   1.00 32.16 ? 46   LYS A NZ   1 
ATOM   375  N N    . SER A 1 47 ? 12.841  7.009   1.186   1.00 22.01 ? 47   SER A N    1 
ATOM   376  C CA   . SER A 1 47 ? 13.672  5.793   1.006   1.00 22.74 ? 47   SER A CA   1 
ATOM   377  C C    . SER A 1 47 ? 13.717  5.005   2.331   1.00 21.11 ? 47   SER A C    1 
ATOM   378  O O    . SER A 1 47 ? 13.445  5.591   3.377   1.00 20.73 ? 47   SER A O    1 
ATOM   379  C CB   . SER A 1 47 ? 15.122  6.182   0.660   1.00 23.73 ? 47   SER A CB   1 
ATOM   380  O OG   . SER A 1 47 ? 15.725  6.789   1.809   1.00 24.82 ? 47   SER A OG   1 
ATOM   381  N N    . ALA A 1 48 ? 14.052  3.719   2.280   1.00 20.89 ? 48   ALA A N    1 
ATOM   382  C CA   . ALA A 1 48 ? 14.134  2.862   3.473   1.00 20.94 ? 48   ALA A CA   1 
ATOM   383  C C    . ALA A 1 48 ? 15.256  3.387   4.348   1.00 23.47 ? 48   ALA A C    1 
ATOM   384  O O    . ALA A 1 48 ? 15.160  3.396   5.581   1.00 23.33 ? 48   ALA A O    1 
ATOM   385  C CB   . ALA A 1 48 ? 14.417  1.409   3.111   1.00 21.27 ? 48   ALA A CB   1 
ATOM   386  N N    . GLU A 1 49 ? 16.335  3.815   3.699   1.00 24.97 ? 49   GLU A N    1 
ATOM   387  C CA   . GLU A 1 49 ? 17.474  4.374   4.445   1.00 26.72 ? 49   GLU A CA   1 
ATOM   388  C C    . GLU A 1 49 ? 17.111  5.599   5.321   1.00 25.42 ? 49   GLU A C    1 
ATOM   389  O O    . GLU A 1 49 ? 17.467  5.626   6.524   1.00 24.39 ? 49   GLU A O    1 
ATOM   390  C CB   . GLU A 1 49 ? 18.645  4.660   3.497   1.00 29.24 ? 49   GLU A CB   1 
ATOM   391  C CG   . GLU A 1 49 ? 19.821  5.381   4.155   1.00 33.81 ? 49   GLU A CG   1 
ATOM   392  C CD   . GLU A 1 49 ? 21.090  5.320   3.311   1.00 40.73 ? 49   GLU A CD   1 
ATOM   393  O OE1  . GLU A 1 49 ? 22.178  5.666   3.839   1.00 42.83 ? 49   GLU A OE1  1 
ATOM   394  O OE2  . GLU A 1 49 ? 20.987  4.920   2.124   1.00 45.75 ? 49   GLU A OE2  1 
ATOM   395  N N    . ASP A 1 50 ? 16.362  6.558   4.774   1.00 23.47 ? 50   ASP A N    1 
ATOM   396  C CA   . ASP A 1 50 ? 15.926  7.674   5.572   1.00 22.21 ? 50   ASP A CA   1 
ATOM   397  C C    . ASP A 1 50 ? 14.961  7.215   6.659   1.00 20.06 ? 50   ASP A C    1 
ATOM   398  O O    . ASP A 1 50 ? 15.011  7.690   7.784   1.00 19.52 ? 50   ASP A O    1 
ATOM   399  C CB   . ASP A 1 50 ? 15.212  8.754   4.805   1.00 23.36 ? 50   ASP A CB   1 
ATOM   400  C CG   . ASP A 1 50 ? 15.158  10.082  5.606   1.00 31.07 ? 50   ASP A CG   1 
ATOM   401  O OD1  . ASP A 1 50 ? 15.945  10.265  6.583   1.00 38.52 ? 50   ASP A OD1  1 
ATOM   402  O OD2  . ASP A 1 50 ? 14.333  10.964  5.293   1.00 35.44 ? 50   ASP A OD2  1 
ATOM   403  N N    . CYS A 1 51 ? 14.087  6.288   6.313   1.00 19.56 ? 51   CYS A N    1 
ATOM   404  C CA   . CYS A 1 51 ? 13.137  5.828   7.307   1.00 18.18 ? 51   CYS A CA   1 
ATOM   405  C C    . CYS A 1 51 ? 13.882  5.171   8.529   1.00 19.75 ? 51   CYS A C    1 
ATOM   406  O O    . CYS A 1 51 ? 13.611  5.539   9.693   1.00 19.68 ? 51   CYS A O    1 
ATOM   407  C CB   . CYS A 1 51 ? 12.176  4.869   6.620   1.00 18.18 ? 51   CYS A CB   1 
ATOM   408  S SG   . CYS A 1 51 ? 10.898  4.140   7.697   1.00 17.44 ? 51   CYS A SG   1 
ATOM   409  N N    . MET A 1 52 ? 14.815  4.259   8.239   1.00 21.67 ? 52   MET A N    1 
ATOM   410  C CA   . MET A 1 52 ? 15.540  3.569   9.324   1.00 22.97 ? 52   MET A CA   1 
ATOM   411  C C    . MET A 1 52 ? 16.461  4.541   10.082  1.00 23.76 ? 52   MET A C    1 
ATOM   412  O O    . MET A 1 52 ? 16.588  4.416   11.305  1.00 23.33 ? 52   MET A O    1 
ATOM   413  C CB   . MET A 1 52 ? 16.239  2.278   8.834   1.00 23.61 ? 52   MET A CB   1 
ATOM   414  C CG   . MET A 1 52 ? 15.261  1.084   8.535   1.00 21.06 ? 52   MET A CG   1 
ATOM   415  S SD   . MET A 1 52 ? 14.192  0.564   9.927   1.00 26.29 ? 52   MET A SD   1 
ATOM   416  C CE   . MET A 1 52 ? 15.487  -0.092  11.049  1.00 19.97 ? 52   MET A CE   1 
ATOM   417  N N    . ARG A 1 53 ? 17.080  5.490   9.396   1.00 23.63 ? 53   ARG A N    1 
ATOM   418  C CA   . ARG A 1 53 ? 17.919  6.504   10.055  1.00 26.53 ? 53   ARG A CA   1 
ATOM   419  C C    . ARG A 1 53 ? 17.094  7.324   11.052  1.00 25.50 ? 53   ARG A C    1 
ATOM   420  O O    . ARG A 1 53 ? 17.560  7.638   12.154  1.00 25.55 ? 53   ARG A O    1 
ATOM   421  C CB   . ARG A 1 53 ? 18.630  7.418   9.027   1.00 26.67 ? 53   ARG A CB   1 
ATOM   422  C CG   . ARG A 1 53 ? 19.448  8.532   9.693   1.00 32.52 ? 53   ARG A CG   1 
ATOM   423  C CD   . ARG A 1 53 ? 20.286  9.317   8.694   1.00 39.34 ? 53   ARG A CD   1 
ATOM   424  N NE   . ARG A 1 53 ? 19.497  9.873   7.592   1.00 47.96 ? 53   ARG A NE   1 
ATOM   425  C CZ   . ARG A 1 53 ? 18.985  11.101  7.567   1.00 50.84 ? 53   ARG A CZ   1 
ATOM   426  N NH1  . ARG A 1 53 ? 19.170  11.932  8.589   1.00 52.40 ? 53   ARG A NH1  1 
ATOM   427  N NH2  . ARG A 1 53 ? 18.282  11.495  6.506   1.00 54.87 ? 53   ARG A NH2  1 
ATOM   428  N N    . THR A 1 54 ? 15.844  7.619   10.694  1.00 22.96 ? 54   THR A N    1 
ATOM   429  C CA   . THR A 1 54 ? 14.993  8.424   11.536  1.00 22.56 ? 54   THR A CA   1 
ATOM   430  C C    . THR A 1 54 ? 14.287  7.624   12.630  1.00 22.01 ? 54   THR A C    1 
ATOM   431  O O    . THR A 1 54 ? 14.178  8.089   13.773  1.00 22.35 ? 54   THR A O    1 
ATOM   432  C CB   . THR A 1 54 ? 13.923  9.190   10.636  1.00 19.98 ? 54   THR A CB   1 
ATOM   433  O OG1  . THR A 1 54 ? 14.642  9.946   9.664   1.00 24.50 ? 54   THR A OG1  1 
ATOM   434  C CG2  . THR A 1 54 ? 13.150  10.163  11.445  1.00 23.79 ? 54   THR A CG2  1 
ATOM   435  N N    . CYS A 1 55 ? 13.812  6.420   12.280  1.00 21.33 ? 55   CYS A N    1 
ATOM   436  C CA   . CYS A 1 55 ? 12.956  5.686   13.148  1.00 22.12 ? 55   CYS A CA   1 
ATOM   437  C C    . CYS A 1 55 ? 13.480  4.361   13.696  1.00 23.63 ? 55   CYS A C    1 
ATOM   438  O O    . CYS A 1 55 ? 12.779  3.728   14.499  1.00 23.70 ? 55   CYS A O    1 
ATOM   439  C CB   . CYS A 1 55 ? 11.617  5.433   12.405  1.00 21.47 ? 55   CYS A CB   1 
ATOM   440  S SG   . CYS A 1 55 ? 10.576  6.920   12.192  1.00 19.69 ? 55   CYS A SG   1 
ATOM   441  N N    . GLY A 1 56 ? 14.644  3.884   13.204  1.00 25.72 ? 56   GLY A N    1 
ATOM   442  C CA   . GLY A 1 56 ? 15.201  2.595   13.620  1.00 27.67 ? 56   GLY A CA   1 
ATOM   443  C C    . GLY A 1 56 ? 15.606  2.514   15.106  1.00 29.79 ? 56   GLY A C    1 
ATOM   444  O O    . GLY A 1 56 ? 15.804  3.563   15.741  1.00 32.98 ? 56   GLY A O    1 
ATOM   445  N N    . ARG B 1 1  ? 18.838  -13.805 -17.534 1.00 40.84 ? 1    ARG B N    1 
ATOM   446  C CA   . ARG B 1 1  ? 17.443  -13.310 -17.246 1.00 40.47 ? 1    ARG B CA   1 
ATOM   447  C C    . ARG B 1 1  ? 16.595  -13.606 -18.446 1.00 39.75 ? 1    ARG B C    1 
ATOM   448  O O    . ARG B 1 1  ? 17.019  -13.290 -19.575 1.00 40.29 ? 1    ARG B O    1 
ATOM   449  C CB   . ARG B 1 1  ? 17.424  -11.804 -17.019 1.00 40.49 ? 1    ARG B CB   1 
ATOM   450  C CG   . ARG B 1 1  ? 18.010  -11.413 -15.748 1.00 43.04 ? 1    ARG B CG   1 
ATOM   451  C CD   . ARG B 1 1  ? 18.550  -10.028 -15.859 1.00 44.91 ? 1    ARG B CD   1 
ATOM   452  N NE   . ARG B 1 1  ? 19.896  -10.059 -15.309 1.00 48.83 ? 1    ARG B NE   1 
ATOM   453  C CZ   . ARG B 1 1  ? 20.857  -9.187  -15.585 1.00 50.33 ? 1    ARG B CZ   1 
ATOM   454  N NH1  . ARG B 1 1  ? 20.643  -8.173  -16.422 1.00 51.57 ? 1    ARG B NH1  1 
ATOM   455  N NH2  . ARG B 1 1  ? 22.049  -9.350  -15.025 1.00 51.41 ? 1    ARG B NH2  1 
ATOM   456  N N    . PRO B 1 2  ? 15.410  -14.230 -18.234 1.00 38.32 ? 2    PRO B N    1 
ATOM   457  C CA   . PRO B 1 2  ? 14.369  -14.253 -19.278 1.00 36.34 ? 2    PRO B CA   1 
ATOM   458  C C    . PRO B 1 2  ? 14.168  -12.839 -19.870 1.00 34.03 ? 2    PRO B C    1 
ATOM   459  O O    . PRO B 1 2  ? 14.402  -11.812 -19.193 1.00 33.79 ? 2    PRO B O    1 
ATOM   460  C CB   . PRO B 1 2  ? 13.113  -14.729 -18.532 1.00 37.13 ? 2    PRO B CB   1 
ATOM   461  C CG   . PRO B 1 2  ? 13.587  -15.358 -17.288 1.00 36.47 ? 2    PRO B CG   1 
ATOM   462  C CD   . PRO B 1 2  ? 14.914  -14.748 -16.940 1.00 39.12 ? 2    PRO B CD   1 
ATOM   463  N N    . ASP B 1 3  ? 13.827  -12.767 -21.154 1.00 31.33 ? 3    ASP B N    1 
ATOM   464  C CA   . ASP B 1 3  ? 13.721  -11.446 -21.792 1.00 28.97 ? 3    ASP B CA   1 
ATOM   465  C C    . ASP B 1 3  ? 12.533  -10.620 -21.274 1.00 27.19 ? 3    ASP B C    1 
ATOM   466  O O    . ASP B 1 3  ? 12.568  -9.386  -21.322 1.00 26.68 ? 3    ASP B O    1 
ATOM   467  C CB   . ASP B 1 3  ? 13.606  -11.577 -23.299 1.00 29.94 ? 3    ASP B CB   1 
ATOM   468  C CG   . ASP B 1 3  ? 14.891  -12.110 -23.919 1.00 30.77 ? 3    ASP B CG   1 
ATOM   469  O OD1  . ASP B 1 3  ? 14.758  -12.622 -25.045 1.00 33.59 ? 3    ASP B OD1  1 
ATOM   470  O OD2  . ASP B 1 3  ? 15.974  -11.994 -23.263 1.00 31.72 ? 3    ASP B OD2  1 
ATOM   471  N N    . PHE B 1 4  ? 11.540  -11.291 -20.742 1.00 26.52 ? 4    PHE B N    1 
ATOM   472  C CA   . PHE B 1 4  ? 10.443  -10.516 -20.118 1.00 25.79 ? 4    PHE B CA   1 
ATOM   473  C C    . PHE B 1 4  ? 10.870  -9.709  -18.899 1.00 26.04 ? 4    PHE B C    1 
ATOM   474  O O    . PHE B 1 4  ? 10.169  -8.750  -18.563 1.00 24.85 ? 4    PHE B O    1 
ATOM   475  C CB   . PHE B 1 4  ? 9.206   -11.368 -19.835 1.00 26.63 ? 4    PHE B CB   1 
ATOM   476  C CG   . PHE B 1 4  ? 9.354   -12.288 -18.679 1.00 29.07 ? 4    PHE B CG   1 
ATOM   477  C CD1  . PHE B 1 4  ? 9.470   -11.792 -17.386 1.00 31.10 ? 4    PHE B CD1  1 
ATOM   478  C CD2  . PHE B 1 4  ? 9.265   -13.659 -18.876 1.00 32.93 ? 4    PHE B CD2  1 
ATOM   479  C CE1  . PHE B 1 4  ? 9.625   -12.663 -16.299 1.00 35.01 ? 4    PHE B CE1  1 
ATOM   480  C CE2  . PHE B 1 4  ? 9.377   -14.532 -17.793 1.00 36.69 ? 4    PHE B CE2  1 
ATOM   481  C CZ   . PHE B 1 4  ? 9.564   -14.019 -16.500 1.00 36.39 ? 4    PHE B CZ   1 
ATOM   482  N N    . CYS B 1 5  ? 12.012  -10.047 -18.263 1.00 25.50 ? 5    CYS B N    1 
ATOM   483  C CA   . CYS B 1 5  ? 12.625  -9.237  -17.187 1.00 25.90 ? 5    CYS B CA   1 
ATOM   484  C C    . CYS B 1 5  ? 13.119  -7.892  -17.648 1.00 25.99 ? 5    CYS B C    1 
ATOM   485  O O    . CYS B 1 5  ? 13.360  -6.967  -16.850 1.00 26.33 ? 5    CYS B O    1 
ATOM   486  C CB   . CYS B 1 5  ? 13.792  -10.004 -16.545 1.00 26.25 ? 5    CYS B CB   1 
ATOM   487  S SG   . CYS B 1 5  ? 13.425  -11.598 -16.067 1.00 28.02 ? 5    CYS B SG   1 
ATOM   488  N N    . LEU B 1 6  ? 13.267  -7.749  -18.964 1.00 24.55 ? 6    LEU B N    1 
ATOM   489  C CA   . LEU B 1 6  ? 13.697  -6.467  -19.528 1.00 24.48 ? 6    LEU B CA   1 
ATOM   490  C C    . LEU B 1 6  ? 12.533  -5.507  -19.793 1.00 22.66 ? 6    LEU B C    1 
ATOM   491  O O    . LEU B 1 6  ? 12.725  -4.348  -20.181 1.00 21.99 ? 6    LEU B O    1 
ATOM   492  C CB   . LEU B 1 6  ? 14.530  -6.768  -20.812 1.00 23.65 ? 6    LEU B CB   1 
ATOM   493  C CG   . LEU B 1 6  ? 15.783  -7.631  -20.490 1.00 26.39 ? 6    LEU B CG   1 
ATOM   494  C CD1  . LEU B 1 6  ? 16.553  -7.831  -21.775 1.00 26.30 ? 6    LEU B CD1  1 
ATOM   495  C CD2  . LEU B 1 6  ? 16.658  -7.005  -19.383 1.00 25.88 ? 6    LEU B CD2  1 
ATOM   496  N N    . GLU B 1 7  ? 11.289  -5.983  -19.585 1.00 22.02 ? 7    GLU B N    1 
ATOM   497  C CA   . GLU B 1 7  ? 10.135  -5.122  -19.868 1.00 22.25 ? 7    GLU B CA   1 
ATOM   498  C C    . GLU B 1 7  ? 10.029  -3.986  -18.861 1.00 20.91 ? 7    GLU B C    1 
ATOM   499  O O    . GLU B 1 7  ? 10.155  -4.227  -17.672 1.00 22.51 ? 7    GLU B O    1 
ATOM   500  C CB   . GLU B 1 7  ? 8.828   -5.914  -19.758 1.00 21.20 ? 7    GLU B CB   1 
ATOM   501  C CG   . GLU B 1 7  ? 8.619   -7.085  -20.655 1.00 22.87 ? 7    GLU B CG   1 
ATOM   502  C CD   . GLU B 1 7  ? 7.327   -7.843  -20.300 1.00 25.44 ? 7    GLU B CD   1 
ATOM   503  O OE1  . GLU B 1 7  ? 6.767   -7.582  -19.173 1.00 23.64 ? 7    GLU B OE1  1 
ATOM   504  O OE2  . GLU B 1 7  ? 6.908   -8.738  -21.105 1.00 26.68 ? 7    GLU B OE2  1 
ATOM   505  N N    . PRO B 1 8  ? 9.758   -2.763  -19.320 1.00 21.28 ? 8    PRO B N    1 
ATOM   506  C CA   . PRO B 1 8  ? 9.469   -1.710  -18.338 1.00 19.37 ? 8    PRO B CA   1 
ATOM   507  C C    . PRO B 1 8  ? 8.229   -2.134  -17.468 1.00 19.59 ? 8    PRO B C    1 
ATOM   508  O O    . PRO B 1 8  ? 7.359   -2.875  -17.973 1.00 19.26 ? 8    PRO B O    1 
ATOM   509  C CB   . PRO B 1 8  ? 9.143   -0.488  -19.189 1.00 21.20 ? 8    PRO B CB   1 
ATOM   510  C CG   . PRO B 1 8  ? 9.603   -0.818  -20.601 1.00 21.75 ? 8    PRO B CG   1 
ATOM   511  C CD   . PRO B 1 8  ? 9.682   -2.315  -20.720 1.00 22.24 ? 8    PRO B CD   1 
ATOM   512  N N    . PRO B 1 9  ? 8.171   -1.690  -16.190 1.00 18.69 ? 9    PRO B N    1 
ATOM   513  C CA   . PRO B 1 9  ? 6.954   -2.007  -15.403 1.00 19.00 ? 9    PRO B CA   1 
ATOM   514  C C    . PRO B 1 9  ? 5.643   -1.408  -16.042 1.00 16.53 ? 9    PRO B C    1 
ATOM   515  O O    . PRO B 1 9  ? 5.651   -0.266  -16.577 1.00 18.14 ? 9    PRO B O    1 
ATOM   516  C CB   . PRO B 1 9  ? 7.240   -1.302  -14.056 1.00 17.08 ? 9    PRO B CB   1 
ATOM   517  C CG   . PRO B 1 9  ? 8.122   -0.102  -14.373 1.00 20.91 ? 9    PRO B CG   1 
ATOM   518  C CD   . PRO B 1 9  ? 9.030   -0.678  -15.513 1.00 19.41 ? 9    PRO B CD   1 
ATOM   519  N N    . TYR B 1 10 ? 4.535   -2.115  -15.824 1.00 17.41 ? 10   TYR B N    1 
ATOM   520  C CA   . TYR B 1 10 ? 3.274   -1.801  -16.518 1.00 15.58 ? 10   TYR B CA   1 
ATOM   521  C C    . TYR B 1 10 ? 2.160   -1.735  -15.478 1.00 14.16 ? 10   TYR B C    1 
ATOM   522  O O    . TYR B 1 10 ? 1.665   -2.760  -15.024 1.00 13.51 ? 10   TYR B O    1 
ATOM   523  C CB   . TYR B 1 10 ? 2.983   -2.839  -17.603 1.00 15.51 ? 10   TYR B CB   1 
ATOM   524  C CG   . TYR B 1 10 ? 1.732   -2.481  -18.403 1.00 17.25 ? 10   TYR B CG   1 
ATOM   525  C CD1  . TYR B 1 10 ? 1.691   -1.324  -19.202 1.00 21.67 ? 10   TYR B CD1  1 
ATOM   526  C CD2  . TYR B 1 10 ? 0.597   -3.270  -18.315 1.00 19.62 ? 10   TYR B CD2  1 
ATOM   527  C CE1  . TYR B 1 10 ? 0.524   -0.982  -19.926 1.00 23.86 ? 10   TYR B CE1  1 
ATOM   528  C CE2  . TYR B 1 10 ? -0.569  -2.971  -19.063 1.00 21.50 ? 10   TYR B CE2  1 
ATOM   529  C CZ   . TYR B 1 10 ? -0.598  -1.827  -19.848 1.00 23.04 ? 10   TYR B CZ   1 
ATOM   530  O OH   . TYR B 1 10 ? -1.695  -1.419  -20.592 1.00 27.01 ? 10   TYR B OH   1 
ATOM   531  N N    . THR B 1 11 ? 1.804   -0.510  -15.130 1.00 14.82 ? 11   THR B N    1 
ATOM   532  C CA   . THR B 1 11 ? 0.661   -0.275  -14.188 1.00 13.98 ? 11   THR B CA   1 
ATOM   533  C C    . THR B 1 11 ? -0.660  -0.764  -14.781 1.00 15.13 ? 11   THR B C    1 
ATOM   534  O O    . THR B 1 11 ? -1.478  -1.316  -14.081 1.00 14.54 ? 11   THR B O    1 
ATOM   535  C CB   . THR B 1 11 ? 0.629   1.227   -13.811 1.00 15.99 ? 11   THR B CB   1 
ATOM   536  O OG1  . THR B 1 11 ? 1.853   1.513   -13.112 1.00 15.41 ? 11   THR B OG1  1 
ATOM   537  C CG2  . THR B 1 11 ? -0.597  1.572   -12.876 1.00 14.04 ? 11   THR B CG2  1 
ATOM   538  N N    . GLY B 1 12 ? -0.858  -0.516  -16.074 1.00 15.71 ? 12   GLY B N    1 
ATOM   539  C CA   . GLY B 1 12 ? -2.141  -0.874  -16.742 1.00 16.76 ? 12   GLY B CA   1 
ATOM   540  C C    . GLY B 1 12 ? -3.228  0.140   -16.390 1.00 17.56 ? 12   GLY B C    1 
ATOM   541  O O    . GLY B 1 12 ? -3.005  1.134   -15.639 1.00 17.60 ? 12   GLY B O    1 
ATOM   542  N N    . PRO B 1 13 ? -4.426  -0.100  -16.955 1.00 17.86 ? 13   PRO B N    1 
ATOM   543  C CA   . PRO B 1 13 ? -5.533  0.853   -16.930 1.00 17.26 ? 13   PRO B CA   1 
ATOM   544  C C    . PRO B 1 13 ? -6.448  0.783   -15.725 1.00 16.32 ? 13   PRO B C    1 
ATOM   545  O O    . PRO B 1 13 ? -7.331  1.653   -15.568 1.00 19.05 ? 13   PRO B O    1 
ATOM   546  C CB   . PRO B 1 13 ? -6.366  0.423   -18.163 1.00 17.87 ? 13   PRO B CB   1 
ATOM   547  C CG   . PRO B 1 13 ? -6.162  -1.059  -18.184 1.00 18.81 ? 13   PRO B CG   1 
ATOM   548  C CD   . PRO B 1 13 ? -4.758  -1.346  -17.681 1.00 18.44 ? 13   PRO B CD   1 
ATOM   549  N N    . CYS B 1 14 ? -6.322  -0.241  -14.898 1.00 16.43 ? 14   CYS B N    1 
ATOM   550  C CA   . CYS B 1 14 ? -7.241  -0.397  -13.749 1.00 16.13 ? 14   CYS B CA   1 
ATOM   551  C C    . CYS B 1 14 ? -6.902  0.529   -12.568 1.00 16.88 ? 14   CYS B C    1 
ATOM   552  O O    . CYS B 1 14 ? -5.864  1.200   -12.585 1.00 17.73 ? 14   CYS B O    1 
ATOM   553  C CB   . CYS B 1 14 ? -7.401  -1.813  -13.311 1.00 15.31 ? 14   CYS B CB   1 
ATOM   554  S SG   . CYS B 1 14 ? -8.463  -2.693  -14.543 1.00 19.54 ? 14   CYS B SG   1 
ATOM   555  N N    . LYS B 1 15 ? -7.860  0.632   -11.633 1.00 15.23 ? 15   LYS B N    1 
ATOM   556  C CA   . LYS B 1 15 ? -7.880  1.699   -10.617 1.00 15.76 ? 15   LYS B CA   1 
ATOM   557  C C    . LYS B 1 15 ? -7.183  1.414   -9.305  1.00 15.95 ? 15   LYS B C    1 
ATOM   558  O O    . LYS B 1 15 ? -7.137  2.276   -8.434  1.00 15.98 ? 15   LYS B O    1 
ATOM   559  C CB   . LYS B 1 15 ? -9.343  2.051   -10.272 1.00 16.50 ? 15   LYS B CB   1 
ATOM   560  C CG   . LYS B 1 15 ? -10.029 2.697   -11.447 1.00 17.77 ? 15   LYS B CG   1 
ATOM   561  C CD   . LYS B 1 15 ? -11.490 3.014   -11.168 1.00 22.05 ? 15   LYS B CD   1 
ATOM   562  C CE   . LYS B 1 15 ? -12.193 3.369   -12.511 1.00 25.14 ? 15   LYS B CE   1 
ATOM   563  N NZ   . LYS B 1 15 ? -13.574 3.768   -12.240 1.00 23.70 ? 15   LYS B NZ   1 
ATOM   564  N N    . ALA B 1 16 ? -6.776  0.162   -9.115  1.00 14.12 ? 16   ALA B N    1 
ATOM   565  C CA   . ALA B 1 16 ? -6.147  -0.251  -7.878  1.00 12.11 ? 16   ALA B CA   1 
ATOM   566  C C    . ALA B 1 16 ? -4.695  0.311   -7.778  1.00 12.08 ? 16   ALA B C    1 
ATOM   567  O O    . ALA B 1 16 ? -4.163  0.873   -8.742  1.00 12.91 ? 16   ALA B O    1 
ATOM   568  C CB   . ALA B 1 16 ? -6.101  -1.852  -7.733  1.00 13.60 ? 16   ALA B CB   1 
ATOM   569  N N    . ARG B 1 17 ? -4.126  0.195   -6.556  1.00 12.17 ? 17   ARG B N    1 
ATOM   570  C CA   . ARG B 1 17 ? -2.766  0.692   -6.303  1.00 10.71 ? 17   ARG B CA   1 
ATOM   571  C C    . ARG B 1 17 ? -2.047  -0.366  -5.496  1.00 13.24 ? 17   ARG B C    1 
ATOM   572  O O    . ARG B 1 17 ? -1.853  -0.230  -4.281  1.00 14.73 ? 17   ARG B O    1 
ATOM   573  C CB   . ARG B 1 17 ? -2.775  2.069   -5.608  1.00 11.23 ? 17   ARG B CB   1 
ATOM   574  C CG   . ARG B 1 17 ? -3.429  3.183   -6.449  1.00 11.22 ? 17   ARG B CG   1 
ATOM   575  C CD   . ARG B 1 17 ? -3.466  4.544   -5.719  1.00 14.37 ? 17   ARG B CD   1 
ATOM   576  N NE   . ARG B 1 17 ? -4.576  4.612   -4.743  1.00 16.28 ? 17   ARG B NE   1 
ATOM   577  C CZ   . ARG B 1 17 ? -4.821  5.632   -3.960  1.00 15.88 ? 17   ARG B CZ   1 
ATOM   578  N NH1  . ARG B 1 17 ? -3.998  6.709   -4.032  1.00 14.53 ? 17   ARG B NH1  1 
ATOM   579  N NH2  . ARG B 1 17 ? -5.893  5.574   -3.144  1.00 13.41 ? 17   ARG B NH2  1 
ATOM   580  N N    . ILE B 1 18 ? -1.734  -1.458  -6.200  1.00 12.76 ? 18   ILE B N    1 
ATOM   581  C CA   . ILE B 1 18 ? -1.169  -2.668  -5.573  1.00 12.56 ? 18   ILE B CA   1 
ATOM   582  C C    . ILE B 1 18 ? 0.375   -2.643  -5.696  1.00 13.72 ? 18   ILE B C    1 
ATOM   583  O O    . ILE B 1 18 ? 0.899   -2.389  -6.783  1.00 13.27 ? 18   ILE B O    1 
ATOM   584  C CB   . ILE B 1 18 ? -1.682  -3.933  -6.302  1.00 12.17 ? 18   ILE B CB   1 
ATOM   585  C CG1  . ILE B 1 18 ? -3.231  -3.998  -6.291  1.00 13.52 ? 18   ILE B CG1  1 
ATOM   586  C CG2  . ILE B 1 18 ? -1.033  -5.169  -5.652  1.00 13.58 ? 18   ILE B CG2  1 
ATOM   587  C CD1  . ILE B 1 18 ? -3.894  -5.086  -7.280  1.00 15.78 ? 18   ILE B CD1  1 
ATOM   588  N N    . ILE B 1 19 ? 1.071   -2.904  -4.588  1.00 13.66 ? 19   ILE B N    1 
ATOM   589  C CA   . ILE B 1 19 ? 2.551   -2.901  -4.585  1.00 14.90 ? 19   ILE B CA   1 
ATOM   590  C C    . ILE B 1 19 ? 2.993   -4.238  -5.219  1.00 14.66 ? 19   ILE B C    1 
ATOM   591  O O    . ILE B 1 19 ? 2.665   -5.324  -4.725  1.00 16.22 ? 19   ILE B O    1 
ATOM   592  C CB   . ILE B 1 19 ? 3.099   -2.775  -3.171  1.00 14.31 ? 19   ILE B CB   1 
ATOM   593  C CG1  . ILE B 1 19 ? 2.660   -1.395  -2.575  1.00 15.93 ? 19   ILE B CG1  1 
ATOM   594  C CG2  . ILE B 1 19 ? 4.669   -2.933  -3.168  1.00 15.70 ? 19   ILE B CG2  1 
ATOM   595  C CD1  . ILE B 1 19 ? 3.100   -1.278  -1.141  1.00 15.60 ? 19   ILE B CD1  1 
ATOM   596  N N    . ARG B 1 20 ? 3.731   -4.138  -6.304  1.00 14.00 ? 20   ARG B N    1 
ATOM   597  C CA   . ARG B 1 20 ? 4.257   -5.319  -6.997  1.00 16.18 ? 20   ARG B CA   1 
ATOM   598  C C    . ARG B 1 20 ? 5.711   -5.048  -7.226  1.00 15.38 ? 20   ARG B C    1 
ATOM   599  O O    . ARG B 1 20 ? 6.199   -3.946  -6.942  1.00 15.10 ? 20   ARG B O    1 
ATOM   600  C CB   . ARG B 1 20 ? 3.530   -5.507  -8.317  1.00 15.42 ? 20   ARG B CB   1 
ATOM   601  C CG   . ARG B 1 20 ? 2.065   -6.036  -8.158  1.00 14.10 ? 20   ARG B CG   1 
ATOM   602  C CD   . ARG B 1 20 ? 1.982   -7.482  -7.587  1.00 15.64 ? 20   ARG B CD   1 
ATOM   603  N NE   . ARG B 1 20 ? 0.625   -7.970  -7.571  1.00 19.74 ? 20   ARG B NE   1 
ATOM   604  C CZ   . ARG B 1 20 ? -0.031  -8.547  -8.586  1.00 22.01 ? 20   ARG B CZ   1 
ATOM   605  N NH1  . ARG B 1 20 ? 0.560   -8.769  -9.775  1.00 21.88 ? 20   ARG B NH1  1 
ATOM   606  N NH2  . ARG B 1 20 ? -1.308  -8.962  -8.412  1.00 22.83 ? 20   ARG B NH2  1 
ATOM   607  N N    . TYR B 1 21 ? 6.407   -6.058  -7.748  1.00 17.03 ? 21   TYR B N    1 
ATOM   608  C CA   . TYR B 1 21 ? 7.873   -5.964  -7.919  1.00 15.08 ? 21   TYR B CA   1 
ATOM   609  C C    . TYR B 1 21 ? 8.186   -6.281  -9.393  1.00 15.54 ? 21   TYR B C    1 
ATOM   610  O O    . TYR B 1 21 ? 7.485   -7.099  -10.060 1.00 16.67 ? 21   TYR B O    1 
ATOM   611  C CB   . TYR B 1 21 ? 8.558   -7.050  -7.076  1.00 16.53 ? 21   TYR B CB   1 
ATOM   612  C CG   . TYR B 1 21 ? 8.375   -6.782  -5.591  1.00 19.06 ? 21   TYR B CG   1 
ATOM   613  C CD1  . TYR B 1 21 ? 9.314   -6.037  -4.900  1.00 19.89 ? 21   TYR B CD1  1 
ATOM   614  C CD2  . TYR B 1 21 ? 7.215   -7.167  -4.945  1.00 19.66 ? 21   TYR B CD2  1 
ATOM   615  C CE1  . TYR B 1 21 ? 9.153   -5.772  -3.522  1.00 16.42 ? 21   TYR B CE1  1 
ATOM   616  C CE2  . TYR B 1 21 ? 7.027   -6.857  -3.580  1.00 17.59 ? 21   TYR B CE2  1 
ATOM   617  C CZ   . TYR B 1 21 ? 7.980   -6.161  -2.910  1.00 21.66 ? 21   TYR B CZ   1 
ATOM   618  O OH   . TYR B 1 21 ? 7.747   -5.870  -1.579  1.00 21.99 ? 21   TYR B OH   1 
ATOM   619  N N    . PHE B 1 22 ? 9.192   -5.583  -9.881  1.00 15.49 ? 22   PHE B N    1 
ATOM   620  C CA   . PHE B 1 22 ? 9.671   -5.872  -11.269 1.00 17.74 ? 22   PHE B CA   1 
ATOM   621  C C    . PHE B 1 22 ? 11.179  -5.817  -11.267 1.00 20.79 ? 22   PHE B C    1 
ATOM   622  O O    . PHE B 1 22 ? 11.771  -5.200  -10.429 1.00 21.07 ? 22   PHE B O    1 
ATOM   623  C CB   . PHE B 1 22 ? 9.127   -4.813  -12.242 1.00 15.05 ? 22   PHE B CB   1 
ATOM   624  C CG   . PHE B 1 22 ? 9.750   -3.453  -12.088 1.00 16.49 ? 22   PHE B CG   1 
ATOM   625  C CD1  . PHE B 1 22 ? 9.532   -2.653  -10.948 1.00 17.99 ? 22   PHE B CD1  1 
ATOM   626  C CD2  . PHE B 1 22 ? 10.626  -2.968  -13.076 1.00 22.37 ? 22   PHE B CD2  1 
ATOM   627  C CE1  . PHE B 1 22 ? 10.108  -1.427  -10.843 1.00 17.47 ? 22   PHE B CE1  1 
ATOM   628  C CE2  . PHE B 1 22 ? 11.233  -1.728  -12.960 1.00 20.88 ? 22   PHE B CE2  1 
ATOM   629  C CZ   . PHE B 1 22 ? 10.973  -0.944  -11.857 1.00 23.78 ? 22   PHE B CZ   1 
ATOM   630  N N    . TYR B 1 23 ? 11.808  -6.467  -12.254 1.00 23.10 ? 23   TYR B N    1 
ATOM   631  C CA   . TYR B 1 23 ? 13.266  -6.333  -12.402 1.00 25.31 ? 23   TYR B CA   1 
ATOM   632  C C    . TYR B 1 23 ? 13.580  -5.073  -13.197 1.00 26.31 ? 23   TYR B C    1 
ATOM   633  O O    . TYR B 1 23 ? 13.051  -4.925  -14.291 1.00 25.14 ? 23   TYR B O    1 
ATOM   634  C CB   . TYR B 1 23 ? 13.829  -7.603  -13.056 1.00 27.00 ? 23   TYR B CB   1 
ATOM   635  C CG   . TYR B 1 23 ? 15.331  -7.464  -13.241 1.00 29.36 ? 23   TYR B CG   1 
ATOM   636  C CD1  . TYR B 1 23 ? 16.207  -7.776  -12.209 1.00 33.43 ? 23   TYR B CD1  1 
ATOM   637  C CD2  . TYR B 1 23 ? 15.859  -6.877  -14.417 1.00 31.25 ? 23   TYR B CD2  1 
ATOM   638  C CE1  . TYR B 1 23 ? 17.607  -7.585  -12.376 1.00 31.17 ? 23   TYR B CE1  1 
ATOM   639  C CE2  . TYR B 1 23 ? 17.225  -6.670  -14.575 1.00 31.81 ? 23   TYR B CE2  1 
ATOM   640  C CZ   . TYR B 1 23 ? 18.087  -7.040  -13.550 1.00 32.83 ? 23   TYR B CZ   1 
ATOM   641  O OH   . TYR B 1 23 ? 19.447  -6.810  -13.727 1.00 36.27 ? 23   TYR B OH   1 
ATOM   642  N N    . ASN B 1 24 ? 14.381  -4.149  -12.635 1.00 26.52 ? 24   ASN B N    1 
ATOM   643  C CA   . ASN B 1 24 ? 14.791  -2.885  -13.274 1.00 28.33 ? 24   ASN B CA   1 
ATOM   644  C C    . ASN B 1 24 ? 16.223  -2.918  -13.825 1.00 29.92 ? 24   ASN B C    1 
ATOM   645  O O    . ASN B 1 24 ? 17.141  -2.525  -13.120 1.00 29.85 ? 24   ASN B O    1 
ATOM   646  C CB   . ASN B 1 24 ? 14.766  -1.718  -12.286 1.00 29.13 ? 24   ASN B CB   1 
ATOM   647  C CG   . ASN B 1 24 ? 14.949  -0.359  -12.957 1.00 28.20 ? 24   ASN B CG   1 
ATOM   648  O OD1  . ASN B 1 24 ? 15.184  -0.275  -14.160 1.00 33.30 ? 24   ASN B OD1  1 
ATOM   649  N ND2  . ASN B 1 24 ? 14.813  0.720   -12.178 1.00 30.52 ? 24   ASN B ND2  1 
ATOM   650  N N    . ALA B 1 25 ? 16.415  -3.338  -15.067 1.00 31.84 ? 25   ALA B N    1 
ATOM   651  C CA   . ALA B 1 25 ? 17.769  -3.232  -15.713 1.00 33.67 ? 25   ALA B CA   1 
ATOM   652  C C    . ALA B 1 25 ? 18.625  -1.938  -15.483 1.00 34.55 ? 25   ALA B C    1 
ATOM   653  O O    . ALA B 1 25 ? 19.866  -1.979  -15.482 1.00 34.58 ? 25   ALA B O    1 
ATOM   654  C CB   . ALA B 1 25 ? 17.645  -3.517  -17.212 1.00 34.12 ? 25   ALA B CB   1 
ATOM   655  N N    . LYS B 1 26 ? 17.977  -0.785  -15.333 1.00 34.68 ? 26   LYS B N    1 
ATOM   656  C CA   . LYS B 1 26 ? 18.694  0.469   -15.093 1.00 33.93 ? 26   LYS B CA   1 
ATOM   657  C C    . LYS B 1 26 ? 19.355  0.507   -13.700 1.00 34.01 ? 26   LYS B C    1 
ATOM   658  O O    . LYS B 1 26 ? 20.308  1.258   -13.475 1.00 32.84 ? 26   LYS B O    1 
ATOM   659  C CB   . LYS B 1 26 ? 17.738  1.637   -15.312 1.00 34.36 ? 26   LYS B CB   1 
ATOM   660  C CG   . LYS B 1 26 ? 17.022  1.536   -16.645 1.00 35.92 ? 26   LYS B CG   1 
ATOM   661  C CD   . LYS B 1 26 ? 16.274  2.799   -17.019 1.00 39.22 ? 26   LYS B CD   1 
ATOM   662  C CE   . LYS B 1 26 ? 15.389  2.521   -18.264 1.00 42.27 ? 26   LYS B CE   1 
ATOM   663  N NZ   . LYS B 1 26 ? 14.775  3.770   -18.800 1.00 45.09 ? 26   LYS B NZ   1 
ATOM   664  N N    . ALA B 1 27 ? 18.866  -0.346  -12.799 1.00 32.51 ? 27   ALA B N    1 
ATOM   665  C CA   . ALA B 1 27 ? 19.343  -0.473  -11.407 1.00 31.98 ? 27   ALA B CA   1 
ATOM   666  C C    . ALA B 1 27 ? 20.065  -1.797  -11.166 1.00 31.14 ? 27   ALA B C    1 
ATOM   667  O O    . ALA B 1 27 ? 20.826  -1.920  -10.191 1.00 30.19 ? 27   ALA B O    1 
ATOM   668  C CB   . ALA B 1 27 ? 18.141  -0.374  -10.428 1.00 32.13 ? 27   ALA B CB   1 
ATOM   669  N N    . GLY B 1 28 ? 19.803  -2.781  -12.028 1.00 30.37 ? 28   GLY B N    1 
ATOM   670  C CA   . GLY B 1 28 ? 20.372  -4.075  -11.872 1.00 31.31 ? 28   GLY B CA   1 
ATOM   671  C C    . GLY B 1 28 ? 19.802  -4.895  -10.726 1.00 31.61 ? 28   GLY B C    1 
ATOM   672  O O    . GLY B 1 28 ? 20.457  -5.819  -10.269 1.00 32.30 ? 28   GLY B O    1 
ATOM   673  N N    . LEU B 1 29 ? 18.575  -4.581  -10.261 1.00 30.20 ? 29   LEU B N    1 
ATOM   674  C CA   . LEU B 1 29 ? 17.842  -5.553  -9.423  1.00 30.39 ? 29   LEU B CA   1 
ATOM   675  C C    . LEU B 1 29 ? 16.326  -5.238  -9.378  1.00 29.35 ? 29   LEU B C    1 
ATOM   676  O O    . LEU B 1 29 ? 15.863  -4.297  -10.054 1.00 28.37 ? 29   LEU B O    1 
ATOM   677  C CB   . LEU B 1 29 ? 18.433  -5.647  -8.006  1.00 32.59 ? 29   LEU B CB   1 
ATOM   678  C CG   . LEU B 1 29 ? 17.892  -4.743  -6.897  1.00 33.49 ? 29   LEU B CG   1 
ATOM   679  C CD1  . LEU B 1 29 ? 18.673  -5.053  -5.568  1.00 36.24 ? 29   LEU B CD1  1 
ATOM   680  C CD2  . LEU B 1 29 ? 17.917  -3.242  -7.282  1.00 33.81 ? 29   LEU B CD2  1 
ATOM   681  N N    . CYS B 1 30 ? 15.598  -6.034  -8.596  1.00 27.09 ? 30   CYS B N    1 
ATOM   682  C CA   . CYS B 1 30 ? 14.131  -5.879  -8.425  1.00 27.69 ? 30   CYS B CA   1 
ATOM   683  C C    . CYS B 1 30 ? 13.710  -4.729  -7.544  1.00 25.54 ? 30   CYS B C    1 
ATOM   684  O O    . CYS B 1 30 ? 14.282  -4.480  -6.489  1.00 26.21 ? 30   CYS B O    1 
ATOM   685  C CB   . CYS B 1 30 ? 13.494  -7.170  -7.900  1.00 26.84 ? 30   CYS B CB   1 
ATOM   686  S SG   . CYS B 1 30 ? 13.513  -8.589  -9.108  1.00 34.51 ? 30   CYS B SG   1 
ATOM   687  N N    . GLN B 1 31 ? 12.650  -4.040  -7.967  1.00 23.27 ? 31   GLN B N    1 
ATOM   688  C CA   . GLN B 1 31 ? 12.236  -2.817  -7.265  1.00 20.03 ? 31   GLN B CA   1 
ATOM   689  C C    . GLN B 1 31 ? 10.704  -2.815  -7.216  1.00 19.90 ? 31   GLN B C    1 
ATOM   690  O O    . GLN B 1 31 ? 10.065  -3.657  -7.821  1.00 17.79 ? 31   GLN B O    1 
ATOM   691  C CB   . GLN B 1 31 ? 12.705  -1.577  -7.957  1.00 20.51 ? 31   GLN B CB   1 
ATOM   692  C CG   . GLN B 1 31 ? 14.251  -1.450  -7.953  1.00 24.60 ? 31   GLN B CG   1 
ATOM   693  C CD   . GLN B 1 31 ? 14.697  -0.164  -8.564  1.00 29.61 ? 31   GLN B CD   1 
ATOM   694  O OE1  . GLN B 1 31 ? 14.100  0.340   -9.521  1.00 35.02 ? 31   GLN B OE1  1 
ATOM   695  N NE2  . GLN B 1 31 ? 15.749  0.403   -7.995  1.00 35.53 ? 31   GLN B NE2  1 
ATOM   696  N N    . THR B 1 32 ? 10.163  -1.903  -6.446  1.00 16.45 ? 32   THR B N    1 
ATOM   697  C CA   . THR B 1 32 ? 8.682   -1.905  -6.330  1.00 16.10 ? 32   THR B CA   1 
ATOM   698  C C    . THR B 1 32 ? 8.065   -1.005  -7.373  1.00 14.62 ? 32   THR B C    1 
ATOM   699  O O    . THR B 1 32 ? 8.639   0.002   -7.768  1.00 14.77 ? 32   THR B O    1 
ATOM   700  C CB   . THR B 1 32 ? 8.219   -1.464  -4.946  1.00 15.93 ? 32   THR B CB   1 
ATOM   701  O OG1  . THR B 1 32 ? 8.862   -0.236  -4.582  1.00 20.15 ? 32   THR B OG1  1 
ATOM   702  C CG2  . THR B 1 32 ? 8.467   -2.591  -3.965  1.00 19.34 ? 32   THR B CG2  1 
ATOM   703  N N    . PHE B 1 33 ? 6.842   -1.357  -7.818  1.00 14.75 ? 33   PHE B N    1 
ATOM   704  C CA   . PHE B 1 33 ? 6.049   -0.389  -8.599  1.00 14.06 ? 33   PHE B CA   1 
ATOM   705  C C    . PHE B 1 33 ? 4.573   -0.580  -8.203  1.00 13.92 ? 33   PHE B C    1 
ATOM   706  O O    . PHE B 1 33 ? 4.256   -1.500  -7.465  1.00 14.57 ? 33   PHE B O    1 
ATOM   707  C CB   . PHE B 1 33 ? 6.257   -0.586  -10.132 1.00 13.95 ? 33   PHE B CB   1 
ATOM   708  C CG   . PHE B 1 33 ? 5.567   -1.775  -10.735 1.00 10.38 ? 33   PHE B CG   1 
ATOM   709  C CD1  . PHE B 1 33 ? 5.963   -3.072  -10.428 1.00 10.82 ? 33   PHE B CD1  1 
ATOM   710  C CD2  . PHE B 1 33 ? 4.418   -1.567  -11.563 1.00 13.79 ? 33   PHE B CD2  1 
ATOM   711  C CE1  . PHE B 1 33 ? 5.347   -4.200  -10.988 1.00 11.31 ? 33   PHE B CE1  1 
ATOM   712  C CE2  . PHE B 1 33 ? 3.759   -2.645  -12.156 1.00 12.21 ? 33   PHE B CE2  1 
ATOM   713  C CZ   . PHE B 1 33 ? 4.164   -4.015  -11.848 1.00 13.44 ? 33   PHE B CZ   1 
ATOM   714  N N    . VAL B 1 34 ? 3.695   0.295   -8.738  1.00 13.40 ? 34   VAL B N    1 
ATOM   715  C CA   . VAL B 1 34 ? 2.289   0.245   -8.375  1.00 13.09 ? 34   VAL B CA   1 
ATOM   716  C C    . VAL B 1 34 ? 1.492   -0.354  -9.555  1.00 13.70 ? 34   VAL B C    1 
ATOM   717  O O    . VAL B 1 34 ? 1.548   0.173   -10.711 1.00 15.23 ? 34   VAL B O    1 
ATOM   718  C CB   . VAL B 1 34 ? 1.729   1.664   -7.982  1.00 12.64 ? 34   VAL B CB   1 
ATOM   719  C CG1  . VAL B 1 34 ? 0.227   1.587   -7.665  1.00 13.05 ? 34   VAL B CG1  1 
ATOM   720  C CG2  . VAL B 1 34 ? 2.567   2.292   -6.813  1.00 11.62 ? 34   VAL B CG2  1 
ATOM   721  N N    . TYR B 1 35 ? 0.788   -1.443  -9.275  1.00 12.45 ? 35   TYR B N    1 
ATOM   722  C CA   . TYR B 1 35 ? 0.047   -2.127  -10.334 1.00 12.18 ? 35   TYR B CA   1 
ATOM   723  C C    . TYR B 1 35 ? -1.439  -1.809  -10.186 1.00 13.48 ? 35   TYR B C    1 
ATOM   724  O O    . TYR B 1 35 ? -1.936  -1.779  -9.061  1.00 13.19 ? 35   TYR B O    1 
ATOM   725  C CB   . TYR B 1 35 ? 0.301   -3.624  -10.135 1.00 13.08 ? 35   TYR B CB   1 
ATOM   726  C CG   . TYR B 1 35 ? -0.580  -4.555  -11.013 1.00 13.67 ? 35   TYR B CG   1 
ATOM   727  C CD1  . TYR B 1 35 ? -0.702  -4.353  -12.413 1.00 13.26 ? 35   TYR B CD1  1 
ATOM   728  C CD2  . TYR B 1 35 ? -1.289  -5.623  -10.414 1.00 14.25 ? 35   TYR B CD2  1 
ATOM   729  C CE1  . TYR B 1 35 ? -1.555  -5.230  -13.192 1.00 12.70 ? 35   TYR B CE1  1 
ATOM   730  C CE2  . TYR B 1 35 ? -2.124  -6.487  -11.170 1.00 16.67 ? 35   TYR B CE2  1 
ATOM   731  C CZ   . TYR B 1 35 ? -2.212  -6.293  -12.568 1.00 15.92 ? 35   TYR B CZ   1 
ATOM   732  O OH   . TYR B 1 35 ? -3.006  -7.054  -13.397 1.00 15.75 ? 35   TYR B OH   1 
ATOM   733  N N    . GLY B 1 36 ? -2.118  -1.604  -11.311 1.00 13.19 ? 36   GLY B N    1 
ATOM   734  C CA   . GLY B 1 36 ? -3.548  -1.159  -11.331 1.00 12.82 ? 36   GLY B CA   1 
ATOM   735  C C    . GLY B 1 36 ? -4.578  -2.261  -11.088 1.00 13.33 ? 36   GLY B C    1 
ATOM   736  O O    . GLY B 1 36 ? -5.800  -1.985  -10.892 1.00 13.84 ? 36   GLY B O    1 
ATOM   737  N N    . GLY B 1 37 ? -4.109  -3.492  -11.129 1.00 12.99 ? 37   GLY B N    1 
ATOM   738  C CA   . GLY B 1 37 ? -4.982  -4.638  -10.894 1.00 15.37 ? 37   GLY B CA   1 
ATOM   739  C C    . GLY B 1 37 ? -5.529  -5.404  -12.074 1.00 16.87 ? 37   GLY B C    1 
ATOM   740  O O    . GLY B 1 37 ? -6.219  -6.402  -11.848 1.00 17.78 ? 37   GLY B O    1 
ATOM   741  N N    . CYS B 1 38 ? -5.242  -4.988  -13.291 1.00 15.35 ? 38   CYS B N    1 
ATOM   742  C CA   . CYS B 1 38 ? -5.624  -5.767  -14.481 1.00 16.77 ? 38   CYS B CA   1 
ATOM   743  C C    . CYS B 1 38 ? -4.564  -5.626  -15.522 1.00 15.91 ? 38   CYS B C    1 
ATOM   744  O O    . CYS B 1 38 ? -3.823  -4.634  -15.552 1.00 16.72 ? 38   CYS B O    1 
ATOM   745  C CB   . CYS B 1 38 ? -6.984  -5.257  -15.064 1.00 15.97 ? 38   CYS B CB   1 
ATOM   746  S SG   . CYS B 1 38 ? -7.089  -3.631  -15.762 1.00 19.92 ? 38   CYS B SG   1 
ATOM   747  N N    . ARG B 1 39 ? -4.586  -6.555  -16.491 1.00 18.81 ? 39   ARG B N    1 
ATOM   748  C CA   . ARG B 1 39 ? -3.731  -6.403  -17.690 1.00 18.88 ? 39   ARG B CA   1 
ATOM   749  C C    . ARG B 1 39 ? -2.246  -6.531  -17.351 1.00 18.74 ? 39   ARG B C    1 
ATOM   750  O O    . ARG B 1 39 ? -1.459  -5.868  -18.024 1.00 17.20 ? 39   ARG B O    1 
ATOM   751  C CB   . ARG B 1 39 ? -4.037  -5.154  -18.513 1.00 22.01 ? 39   ARG B CB   1 
ATOM   752  C CG   . ARG B 1 39 ? -5.383  -5.304  -19.310 1.00 25.48 ? 39   ARG B CG   1 
ATOM   753  C CD   . ARG B 1 39 ? -5.643  -4.116  -20.229 1.00 33.77 ? 39   ARG B CD   1 
ATOM   754  N NE   . ARG B 1 39 ? -5.237  -4.364  -21.603 1.00 40.64 ? 39   ARG B NE   1 
ATOM   755  C CZ   . ARG B 1 39 ? -4.430  -3.571  -22.305 1.00 46.11 ? 39   ARG B CZ   1 
ATOM   756  N NH1  . ARG B 1 39 ? -3.920  -2.444  -21.770 1.00 45.51 ? 39   ARG B NH1  1 
ATOM   757  N NH2  . ARG B 1 39 ? -4.149  -3.899  -23.559 1.00 46.85 ? 39   ARG B NH2  1 
ATOM   758  N N    . ALA B 1 40 ? -1.898  -7.356  -16.359 1.00 18.67 ? 40   ALA B N    1 
ATOM   759  C CA   . ALA B 1 40 ? -0.500  -7.524  -15.911 1.00 17.96 ? 40   ALA B CA   1 
ATOM   760  C C    . ALA B 1 40 ? 0.331   -8.049  -17.066 1.00 20.05 ? 40   ALA B C    1 
ATOM   761  O O    . ALA B 1 40 ? -0.122  -8.954  -17.810 1.00 19.60 ? 40   ALA B O    1 
ATOM   762  C CB   . ALA B 1 40 ? -0.339  -8.481  -14.757 1.00 18.53 ? 40   ALA B CB   1 
ATOM   763  N N    . LYS B 1 41 ? 1.481   -7.422  -17.233 1.00 19.36 ? 41   LYS B N    1 
ATOM   764  C CA   . LYS B 1 41 ? 2.559   -8.022  -18.061 1.00 20.56 ? 41   LYS B CA   1 
ATOM   765  C C    . LYS B 1 41 ? 3.424   -8.991  -17.219 1.00 20.86 ? 41   LYS B C    1 
ATOM   766  O O    . LYS B 1 41 ? 3.220   -9.156  -16.000 1.00 21.91 ? 41   LYS B O    1 
ATOM   767  C CB   . LYS B 1 41 ? 3.337   -6.877  -18.743 1.00 19.18 ? 41   LYS B CB   1 
ATOM   768  C CG   . LYS B 1 41 ? 2.515   -6.221  -19.789 1.00 22.78 ? 41   LYS B CG   1 
ATOM   769  C CD   . LYS B 1 41 ? 3.252   -5.127  -20.498 1.00 21.19 ? 41   LYS B CD   1 
ATOM   770  C CE   . LYS B 1 41 ? 2.289   -4.491  -21.490 1.00 29.77 ? 41   LYS B CE   1 
ATOM   771  N NZ   . LYS B 1 41 ? 2.881   -3.837  -22.690 1.00 36.05 ? 41   LYS B NZ   1 
ATOM   772  N N    . ARG B 1 42 ? 4.400   -9.688  -17.829 1.00 21.82 ? 42   ARG B N    1 
ATOM   773  C CA   . ARG B 1 42 ? 5.062   -10.754 -17.064 1.00 22.27 ? 42   ARG B CA   1 
ATOM   774  C C    . ARG B 1 42 ? 6.099   -10.275 -16.045 1.00 19.57 ? 42   ARG B C    1 
ATOM   775  O O    . ARG B 1 42 ? 6.415   -11.005 -15.102 1.00 21.67 ? 42   ARG B O    1 
ATOM   776  C CB   . ARG B 1 42 ? 5.733   -11.779 -18.007 1.00 23.67 ? 42   ARG B CB   1 
ATOM   777  C CG   . ARG B 1 42 ? 4.758   -12.672 -18.764 1.00 27.60 ? 42   ARG B CG   1 
ATOM   778  C CD   . ARG B 1 42 ? 5.561   -13.473 -19.841 1.00 33.73 ? 42   ARG B CD   1 
ATOM   779  N NE   . ARG B 1 42 ? 6.045   -12.594 -20.906 1.00 37.79 ? 42   ARG B NE   1 
ATOM   780  C CZ   . ARG B 1 42 ? 6.858   -12.970 -21.905 1.00 41.45 ? 42   ARG B CZ   1 
ATOM   781  N NH1  . ARG B 1 42 ? 7.308   -14.236 -21.963 1.00 42.62 ? 42   ARG B NH1  1 
ATOM   782  N NH2  . ARG B 1 42 ? 7.234   -12.079 -22.837 1.00 41.62 ? 42   ARG B NH2  1 
ATOM   783  N N    . ASN B 1 43 ? 6.660   -9.086  -16.233 1.00 18.64 ? 43   ASN B N    1 
ATOM   784  C CA   . ASN B 1 43 ? 7.627   -8.552  -15.277 1.00 18.72 ? 43   ASN B CA   1 
ATOM   785  C C    . ASN B 1 43 ? 6.863   -7.849  -14.131 1.00 18.51 ? 43   ASN B C    1 
ATOM   786  O O    . ASN B 1 43 ? 6.833   -6.616  -14.062 1.00 17.38 ? 43   ASN B O    1 
ATOM   787  C CB   . ASN B 1 43 ? 8.533   -7.536  -15.972 1.00 17.03 ? 43   ASN B CB   1 
ATOM   788  C CG   . ASN B 1 43 ? 9.760   -7.182  -15.128 1.00 18.15 ? 43   ASN B CG   1 
ATOM   789  O OD1  . ASN B 1 43 ? 10.027  -7.864  -14.163 1.00 19.23 ? 43   ASN B OD1  1 
ATOM   790  N ND2  . ASN B 1 43 ? 10.487  -6.132  -15.509 1.00 21.21 ? 43   ASN B ND2  1 
ATOM   791  N N    . ASN B 1 44 ? 6.208   -8.671  -13.318 1.00 19.80 ? 44   ASN B N    1 
ATOM   792  C CA   . ASN B 1 44 ? 5.224   -8.199  -12.307 1.00 17.79 ? 44   ASN B CA   1 
ATOM   793  C C    . ASN B 1 44 ? 5.056   -9.440  -11.416 1.00 17.84 ? 44   ASN B C    1 
ATOM   794  O O    . ASN B 1 44 ? 4.456   -10.456 -11.833 1.00 19.20 ? 44   ASN B O    1 
ATOM   795  C CB   . ASN B 1 44 ? 3.913   -7.820  -13.025 1.00 16.66 ? 44   ASN B CB   1 
ATOM   796  C CG   . ASN B 1 44 ? 2.841   -7.388  -12.041 1.00 17.11 ? 44   ASN B CG   1 
ATOM   797  O OD1  . ASN B 1 44 ? 2.994   -7.684  -10.862 1.00 17.22 ? 44   ASN B OD1  1 
ATOM   798  N ND2  . ASN B 1 44 ? 1.762   -6.730  -12.508 1.00 18.69 ? 44   ASN B ND2  1 
ATOM   799  N N    . PHE B 1 45 ? 5.632   -9.309  -10.229 1.00 18.71 ? 45   PHE B N    1 
ATOM   800  C CA   . PHE B 1 45 ? 5.741   -10.345 -9.168  1.00 20.96 ? 45   PHE B CA   1 
ATOM   801  C C    . PHE B 1 45 ? 5.128   -9.845  -7.869  1.00 21.96 ? 45   PHE B C    1 
ATOM   802  O O    . PHE B 1 45 ? 5.251   -8.658  -7.477  1.00 19.70 ? 45   PHE B O    1 
ATOM   803  C CB   . PHE B 1 45 ? 7.204   -10.672 -8.893  1.00 19.70 ? 45   PHE B CB   1 
ATOM   804  C CG   . PHE B 1 45 ? 7.954   -11.182 -10.124 1.00 25.29 ? 45   PHE B CG   1 
ATOM   805  C CD1  . PHE B 1 45 ? 8.583   -10.287 -10.979 1.00 23.72 ? 45   PHE B CD1  1 
ATOM   806  C CD2  . PHE B 1 45 ? 7.926   -12.526 -10.462 1.00 26.15 ? 45   PHE B CD2  1 
ATOM   807  C CE1  . PHE B 1 45 ? 9.233   -10.708 -12.130 1.00 25.82 ? 45   PHE B CE1  1 
ATOM   808  C CE2  . PHE B 1 45 ? 8.611   -12.972 -11.643 1.00 26.32 ? 45   PHE B CE2  1 
ATOM   809  C CZ   . PHE B 1 45 ? 9.231   -12.059 -12.458 1.00 26.60 ? 45   PHE B CZ   1 
ATOM   810  N N    . LYS B 1 46 ? 4.513   -10.792 -7.173  1.00 23.21 ? 46   LYS B N    1 
ATOM   811  C CA   . LYS B 1 46 ? 3.913   -10.470 -5.893  1.00 23.77 ? 46   LYS B CA   1 
ATOM   812  C C    . LYS B 1 46 ? 4.920   -10.344 -4.774  1.00 24.33 ? 46   LYS B C    1 
ATOM   813  O O    . LYS B 1 46 ? 4.605   -9.802  -3.725  1.00 24.73 ? 46   LYS B O    1 
ATOM   814  C CB   . LYS B 1 46 ? 2.884   -11.503 -5.531  1.00 23.49 ? 46   LYS B CB   1 
ATOM   815  C CG   . LYS B 1 46 ? 1.720   -11.443 -6.383  1.00 23.73 ? 46   LYS B CG   1 
ATOM   816  C CD   . LYS B 1 46 ? 0.692   -12.431 -5.932  1.00 30.88 ? 46   LYS B CD   1 
ATOM   817  C CE   . LYS B 1 46 ? -0.363  -12.374 -6.986  1.00 33.93 ? 46   LYS B CE   1 
ATOM   818  N NZ   . LYS B 1 46 ? -1.530  -13.228 -6.709  1.00 35.56 ? 46   LYS B NZ   1 
ATOM   819  N N    . SER B 1 47 ? 6.131   -10.817 -4.991  1.00 25.11 ? 47   SER B N    1 
ATOM   820  C CA   . SER B 1 47 ? 7.187   -10.664 -3.974  1.00 26.39 ? 47   SER B CA   1 
ATOM   821  C C    . SER B 1 47 ? 8.549   -10.421 -4.595  1.00 27.40 ? 47   SER B C    1 
ATOM   822  O O    . SER B 1 47 ? 8.787   -10.828 -5.726  1.00 29.02 ? 47   SER B O    1 
ATOM   823  C CB   . SER B 1 47 ? 7.227   -11.896 -3.058  1.00 28.29 ? 47   SER B CB   1 
ATOM   824  O OG   . SER B 1 47 ? 7.677   -13.050 -3.742  1.00 28.96 ? 47   SER B OG   1 
ATOM   825  N N    . ALA B 1 48 ? 9.441   -9.767  -3.876  1.00 28.03 ? 48   ALA B N    1 
ATOM   826  C CA   . ALA B 1 48 ? 10.805  -9.570  -4.346  1.00 29.62 ? 48   ALA B CA   1 
ATOM   827  C C    . ALA B 1 48 ? 11.506  -10.946 -4.511  1.00 30.54 ? 48   ALA B C    1 
ATOM   828  O O    . ALA B 1 48 ? 12.350  -11.088 -5.424  1.00 29.91 ? 48   ALA B O    1 
ATOM   829  C CB   . ALA B 1 48 ? 11.604  -8.653  -3.389  1.00 29.83 ? 48   ALA B CB   1 
ATOM   830  N N    . GLU B 1 49 ? 11.123  -11.947 -3.689  1.00 32.80 ? 49   GLU B N    1 
ATOM   831  C CA   . GLU B 1 49 ? 11.750  -13.293 -3.784  1.00 35.84 ? 49   GLU B CA   1 
ATOM   832  C C    . GLU B 1 49 ? 11.409  -13.949 -5.119  1.00 36.37 ? 49   GLU B C    1 
ATOM   833  O O    . GLU B 1 49 ? 12.316  -14.470 -5.771  1.00 37.81 ? 49   GLU B O    1 
ATOM   834  C CB   . GLU B 1 49 ? 11.445  -14.269 -2.591  1.00 36.43 ? 49   GLU B CB   1 
ATOM   835  C CG   . GLU B 1 49 ? 11.942  -15.781 -2.828  1.00 40.81 ? 49   GLU B CG   1 
ATOM   836  C CD   . GLU B 1 49 ? 12.026  -16.670 -1.542  1.00 45.48 ? 49   GLU B CD   1 
ATOM   837  O OE1  . GLU B 1 49 ? 13.117  -17.258 -1.262  1.00 45.29 ? 49   GLU B OE1  1 
ATOM   838  O OE2  . GLU B 1 49 ? 11.007  -16.793 -0.826  1.00 45.54 ? 49   GLU B OE2  1 
ATOM   839  N N    . ASP B 1 50 ? 10.125  -13.956 -5.502  1.00 35.82 ? 50   ASP B N    1 
ATOM   840  C CA   . ASP B 1 50 ? 9.682   -14.439 -6.824  1.00 37.59 ? 50   ASP B CA   1 
ATOM   841  C C    . ASP B 1 50 ? 10.476  -13.655 -7.913  1.00 36.34 ? 50   ASP B C    1 
ATOM   842  O O    . ASP B 1 50 ? 11.172  -14.228 -8.758  1.00 36.50 ? 50   ASP B O    1 
ATOM   843  C CB   . ASP B 1 50 ? 8.135   -14.293 -7.007  1.00 37.58 ? 50   ASP B CB   1 
ATOM   844  C CG   . ASP B 1 50 ? 7.277   -15.223 -6.076  1.00 41.43 ? 50   ASP B CG   1 
ATOM   845  O OD1  . ASP B 1 50 ? 7.797   -16.028 -5.263  1.00 45.80 ? 50   ASP B OD1  1 
ATOM   846  O OD2  . ASP B 1 50 ? 6.028   -15.135 -6.155  1.00 45.34 ? 50   ASP B OD2  1 
ATOM   847  N N    . CYS B 1 51 ? 10.419  -12.339 -7.868  1.00 36.31 ? 51   CYS B N    1 
ATOM   848  C CA   . CYS B 1 51 ? 11.140  -11.525 -8.842  1.00 35.90 ? 51   CYS B CA   1 
ATOM   849  C C    . CYS B 1 51 ? 12.659  -11.813 -8.937  1.00 37.66 ? 51   CYS B C    1 
ATOM   850  O O    . CYS B 1 51 ? 13.168  -12.048 -10.027 1.00 35.81 ? 51   CYS B O    1 
ATOM   851  C CB   . CYS B 1 51 ? 10.890  -10.040 -8.582  1.00 35.35 ? 51   CYS B CB   1 
ATOM   852  S SG   . CYS B 1 51 ? 11.610  -8.945  -9.766  1.00 32.50 ? 51   CYS B SG   1 
ATOM   853  N N    . MET B 1 52 ? 13.376  -11.731 -7.811  1.00 38.40 ? 52   MET B N    1 
ATOM   854  C CA   . MET B 1 52 ? 14.847  -11.904 -7.803  1.00 41.50 ? 52   MET B CA   1 
ATOM   855  C C    . MET B 1 52 ? 15.291  -13.292 -8.257  1.00 42.05 ? 52   MET B C    1 
ATOM   856  O O    . MET B 1 52 ? 16.364  -13.454 -8.870  1.00 41.45 ? 52   MET B O    1 
ATOM   857  C CB   . MET B 1 52 ? 15.427  -11.592 -6.432  1.00 41.72 ? 52   MET B CB   1 
ATOM   858  C CG   . MET B 1 52 ? 15.640  -10.125 -6.260  1.00 44.29 ? 52   MET B CG   1 
ATOM   859  S SD   . MET B 1 52 ? 16.665  -9.406  -7.608  1.00 50.92 ? 52   MET B SD   1 
ATOM   860  C CE   . MET B 1 52 ? 18.228  -10.268 -7.231  1.00 49.19 ? 52   MET B CE   1 
ATOM   861  N N    . ARG B 1 53 ? 14.454  -14.279 -7.972  1.00 42.04 ? 53   ARG B N    1 
ATOM   862  C CA   . ARG B 1 53 ? 14.741  -15.623 -8.366  1.00 43.20 ? 53   ARG B CA   1 
ATOM   863  C C    . ARG B 1 53 ? 14.578  -15.779 -9.856  1.00 42.70 ? 53   ARG B C    1 
ATOM   864  O O    . ARG B 1 53 ? 15.342  -16.524 -10.490 1.00 42.98 ? 53   ARG B O    1 
ATOM   865  C CB   . ARG B 1 53 ? 13.807  -16.576 -7.639  1.00 44.22 ? 53   ARG B CB   1 
ATOM   866  C CG   . ARG B 1 53 ? 14.199  -18.038 -7.667  1.00 47.63 ? 53   ARG B CG   1 
ATOM   867  C CD   . ARG B 1 53 ? 13.038  -18.910 -7.160  1.00 51.76 ? 53   ARG B CD   1 
ATOM   868  N NE   . ARG B 1 53 ? 11.852  -18.729 -8.003  1.00 54.69 ? 53   ARG B NE   1 
ATOM   869  C CZ   . ARG B 1 53 ? 10.695  -18.193 -7.605  1.00 55.82 ? 53   ARG B CZ   1 
ATOM   870  N NH1  . ARG B 1 53 ? 10.522  -17.795 -6.345  1.00 55.76 ? 53   ARG B NH1  1 
ATOM   871  N NH2  . ARG B 1 53 ? 9.694   -18.072 -8.475  1.00 56.09 ? 53   ARG B NH2  1 
ATOM   872  N N    . THR B 1 54 ? 13.571  -15.107 -10.424 1.00 41.74 ? 54   THR B N    1 
ATOM   873  C CA   . THR B 1 54 ? 13.258  -15.250 -11.851 1.00 40.58 ? 54   THR B CA   1 
ATOM   874  C C    . THR B 1 54 ? 14.171  -14.391 -12.697 1.00 39.06 ? 54   THR B C    1 
ATOM   875  O O    . THR B 1 54 ? 14.689  -14.830 -13.709 1.00 39.17 ? 54   THR B O    1 
ATOM   876  C CB   . THR B 1 54 ? 11.760  -14.975 -12.150 1.00 41.11 ? 54   THR B CB   1 
ATOM   877  O OG1  . THR B 1 54 ? 10.975  -15.867 -11.356 1.00 40.16 ? 54   THR B OG1  1 
ATOM   878  C CG2  . THR B 1 54 ? 11.416  -15.215 -13.635 1.00 41.32 ? 54   THR B CG2  1 
ATOM   879  N N    . CYS B 1 55 ? 14.424  -13.198 -12.239 1.00 37.66 ? 55   CYS B N    1 
ATOM   880  C CA   . CYS B 1 55 ? 15.038  -12.192 -13.070 1.00 37.58 ? 55   CYS B CA   1 
ATOM   881  C C    . CYS B 1 55 ? 16.447  -11.816 -12.574 1.00 38.35 ? 55   CYS B C    1 
ATOM   882  O O    . CYS B 1 55 ? 17.151  -11.020 -13.207 1.00 38.32 ? 55   CYS B O    1 
ATOM   883  C CB   . CYS B 1 55 ? 14.078  -10.993 -13.198 1.00 35.55 ? 55   CYS B CB   1 
ATOM   884  S SG   . CYS B 1 55 ? 12.586  -11.390 -14.176 1.00 32.51 ? 55   CYS B SG   1 
ATOM   885  N N    . GLY B 1 56 ? 16.861  -12.366 -11.432 1.00 39.63 ? 56   GLY B N    1 
ATOM   886  C CA   . GLY B 1 56 ? 18.267  -12.204 -10.990 1.00 41.38 ? 56   GLY B CA   1 
ATOM   887  C C    . GLY B 1 56 ? 19.180  -13.308 -11.515 1.00 41.23 ? 56   GLY B C    1 
ATOM   888  O O    . GLY B 1 56 ? 18.684  -14.374 -11.923 1.00 41.90 ? 56   GLY B O    1 
ATOM   889  N N    . ARG C 1 1  ? -28.076 2.698   9.377   1.00 33.99 ? 1    ARG C N    1 
ATOM   890  C CA   . ARG C 1 1  ? -26.856 2.008   8.837   1.00 32.92 ? 1    ARG C CA   1 
ATOM   891  C C    . ARG C 1 1  ? -26.507 0.824   9.750   1.00 30.84 ? 1    ARG C C    1 
ATOM   892  O O    . ARG C 1 1  ? -26.890 0.814   10.941  1.00 31.65 ? 1    ARG C O    1 
ATOM   893  C CB   . ARG C 1 1  ? -25.651 2.993   8.677   1.00 34.21 ? 1    ARG C CB   1 
ATOM   894  C CG   . ARG C 1 1  ? -24.934 3.428   9.986   1.00 34.11 ? 1    ARG C CG   1 
ATOM   895  C CD   . ARG C 1 1  ? -23.848 4.516   9.778   1.00 31.20 ? 1    ARG C CD   1 
ATOM   896  N NE   . ARG C 1 1  ? -24.382 5.627   8.976   1.00 37.53 ? 1    ARG C NE   1 
ATOM   897  C CZ   . ARG C 1 1  ? -24.931 6.733   9.484   1.00 39.18 ? 1    ARG C CZ   1 
ATOM   898  N NH1  . ARG C 1 1  ? -25.019 6.905   10.795  1.00 39.69 ? 1    ARG C NH1  1 
ATOM   899  N NH2  . ARG C 1 1  ? -25.394 7.678   8.678   1.00 37.80 ? 1    ARG C NH2  1 
ATOM   900  N N    . PRO C 1 2  ? -25.859 -0.205  9.203   1.00 28.72 ? 2    PRO C N    1 
ATOM   901  C CA   . PRO C 1 2  ? -25.415 -1.310  10.060  1.00 27.45 ? 2    PRO C CA   1 
ATOM   902  C C    . PRO C 1 2  ? -24.468 -0.820  11.154  1.00 25.70 ? 2    PRO C C    1 
ATOM   903  O O    . PRO C 1 2  ? -23.715 0.147   10.961  1.00 26.98 ? 2    PRO C O    1 
ATOM   904  C CB   . PRO C 1 2  ? -24.635 -2.214  9.103   1.00 28.44 ? 2    PRO C CB   1 
ATOM   905  C CG   . PRO C 1 2  ? -25.244 -1.956  7.771   1.00 27.62 ? 2    PRO C CG   1 
ATOM   906  C CD   . PRO C 1 2  ? -25.582 -0.494  7.775   1.00 27.44 ? 2    PRO C CD   1 
ATOM   907  N N    . ASP C 1 3  ? -24.503 -1.462  12.312  1.00 25.06 ? 3    ASP C N    1 
ATOM   908  C CA   . ASP C 1 3  ? -23.604 -1.014  13.384  1.00 24.31 ? 3    ASP C CA   1 
ATOM   909  C C    . ASP C 1 3  ? -22.115 -1.248  13.084  1.00 24.03 ? 3    ASP C C    1 
ATOM   910  O O    . ASP C 1 3  ? -21.244 -0.549  13.648  1.00 23.98 ? 3    ASP C O    1 
ATOM   911  C CB   . ASP C 1 3  ? -23.976 -1.656  14.713  1.00 23.59 ? 3    ASP C CB   1 
ATOM   912  C CG   . ASP C 1 3  ? -25.181 -0.960  15.391  1.00 24.94 ? 3    ASP C CG   1 
ATOM   913  O OD1  . ASP C 1 3  ? -25.664 -1.580  16.354  1.00 25.64 ? 3    ASP C OD1  1 
ATOM   914  O OD2  . ASP C 1 3  ? -25.595 0.178   14.975  1.00 24.38 ? 3    ASP C OD2  1 
ATOM   915  N N    . PHE C 1 4  ? -21.822 -2.227  12.216  1.00 24.37 ? 4    PHE C N    1 
ATOM   916  C CA   . PHE C 1 4  ? -20.425 -2.408  11.775  1.00 24.82 ? 4    PHE C CA   1 
ATOM   917  C C    . PHE C 1 4  ? -19.847 -1.154  11.122  1.00 23.82 ? 4    PHE C C    1 
ATOM   918  O O    . PHE C 1 4  ? -18.599 -0.976  11.124  1.00 24.19 ? 4    PHE C O    1 
ATOM   919  C CB   . PHE C 1 4  ? -20.238 -3.681  10.907  1.00 23.48 ? 4    PHE C CB   1 
ATOM   920  C CG   . PHE C 1 4  ? -20.852 -3.591  9.512   1.00 25.37 ? 4    PHE C CG   1 
ATOM   921  C CD1  . PHE C 1 4  ? -20.299 -2.744  8.508   1.00 25.25 ? 4    PHE C CD1  1 
ATOM   922  C CD2  . PHE C 1 4  ? -21.938 -4.418  9.168   1.00 24.61 ? 4    PHE C CD2  1 
ATOM   923  C CE1  . PHE C 1 4  ? -20.885 -2.703  7.223   1.00 25.23 ? 4    PHE C CE1  1 
ATOM   924  C CE2  . PHE C 1 4  ? -22.512 -4.376  7.895   1.00 30.22 ? 4    PHE C CE2  1 
ATOM   925  C CZ   . PHE C 1 4  ? -21.988 -3.545  6.916   1.00 25.10 ? 4    PHE C CZ   1 
ATOM   926  N N    . CYS C 1 5  ? -20.710 -0.267  10.620  1.00 22.18 ? 5    CYS C N    1 
ATOM   927  C CA   . CYS C 1 5  ? -20.246 1.035   10.074  1.00 22.17 ? 5    CYS C CA   1 
ATOM   928  C C    . CYS C 1 5  ? -19.619 1.956   11.140  1.00 22.55 ? 5    CYS C C    1 
ATOM   929  O O    . CYS C 1 5  ? -19.008 2.994   10.827  1.00 22.45 ? 5    CYS C O    1 
ATOM   930  C CB   . CYS C 1 5  ? -21.375 1.768   9.353   1.00 23.11 ? 5    CYS C CB   1 
ATOM   931  S SG   . CYS C 1 5  ? -22.136 0.767   8.050   1.00 24.27 ? 5    CYS C SG   1 
ATOM   932  N N    . LEU C 1 6  ? -19.837 1.602   12.394  1.00 22.35 ? 6    LEU C N    1 
ATOM   933  C CA   . LEU C 1 6  ? -19.281 2.388   13.500  1.00 22.78 ? 6    LEU C CA   1 
ATOM   934  C C    . LEU C 1 6  ? -17.867 1.912   13.897  1.00 23.72 ? 6    LEU C C    1 
ATOM   935  O O    . LEU C 1 6  ? -17.188 2.571   14.707  1.00 24.38 ? 6    LEU C O    1 
ATOM   936  C CB   . LEU C 1 6  ? -20.206 2.266   14.741  1.00 22.00 ? 6    LEU C CB   1 
ATOM   937  C CG   . LEU C 1 6  ? -21.629 2.760   14.410  1.00 21.76 ? 6    LEU C CG   1 
ATOM   938  C CD1  . LEU C 1 6  ? -22.443 2.755   15.707  1.00 24.59 ? 6    LEU C CD1  1 
ATOM   939  C CD2  . LEU C 1 6  ? -21.684 4.139   13.795  1.00 24.82 ? 6    LEU C CD2  1 
ATOM   940  N N    . GLU C 1 7  ? -17.439 0.773   13.367  1.00 24.70 ? 7    GLU C N    1 
ATOM   941  C CA   . GLU C 1 7  ? -16.135 0.209   13.778  1.00 24.01 ? 7    GLU C CA   1 
ATOM   942  C C    . GLU C 1 7  ? -14.973 1.118   13.360  1.00 24.61 ? 7    GLU C C    1 
ATOM   943  O O    . GLU C 1 7  ? -14.958 1.637   12.231  1.00 23.47 ? 7    GLU C O    1 
ATOM   944  C CB   . GLU C 1 7  ? -15.892 -1.118  13.032  1.00 26.05 ? 7    GLU C CB   1 
ATOM   945  C CG   . GLU C 1 7  ? -16.767 -2.282  13.439  1.00 25.33 ? 7    GLU C CG   1 
ATOM   946  C CD   . GLU C 1 7  ? -16.650 -3.488  12.478  1.00 26.37 ? 7    GLU C CD   1 
ATOM   947  O OE1  . GLU C 1 7  ? -16.028 -3.348  11.418  1.00 26.16 ? 7    GLU C OE1  1 
ATOM   948  O OE2  . GLU C 1 7  ? -17.250 -4.563  12.720  1.00 26.37 ? 7    GLU C OE2  1 
ATOM   949  N N    . PRO C 1 8  ? -13.964 1.294   14.235  1.00 23.10 ? 8    PRO C N    1 
ATOM   950  C CA   . PRO C 1 8  ? -12.783 1.903   13.682  1.00 22.96 ? 8    PRO C CA   1 
ATOM   951  C C    . PRO C 1 8  ? -12.124 0.978   12.638  1.00 21.53 ? 8    PRO C C    1 
ATOM   952  O O    . PRO C 1 8  ? -12.323 -0.249  12.701  1.00 22.11 ? 8    PRO C O    1 
ATOM   953  C CB   . PRO C 1 8  ? -11.856 2.050   14.891  1.00 23.61 ? 8    PRO C CB   1 
ATOM   954  C CG   . PRO C 1 8  ? -12.352 1.096   15.866  1.00 25.25 ? 8    PRO C CG   1 
ATOM   955  C CD   . PRO C 1 8  ? -13.847 1.151   15.687  1.00 25.96 ? 8    PRO C CD   1 
ATOM   956  N N    . PRO C 1 9  ? -11.304 1.565   11.741  1.00 21.39 ? 9    PRO C N    1 
ATOM   957  C CA   . PRO C 1 9  ? -10.629 0.680   10.759  1.00 20.74 ? 9    PRO C CA   1 
ATOM   958  C C    . PRO C 1 9  ? -9.749  -0.399  11.443  1.00 21.05 ? 9    PRO C C    1 
ATOM   959  O O    . PRO C 1 9  ? -9.152  -0.171  12.540  1.00 22.18 ? 9    PRO C O    1 
ATOM   960  C CB   . PRO C 1 9  ? -9.836  1.682   9.867   1.00 18.77 ? 9    PRO C CB   1 
ATOM   961  C CG   . PRO C 1 9  ? -9.687  2.911   10.727  1.00 23.08 ? 9    PRO C CG   1 
ATOM   962  C CD   . PRO C 1 9  ? -11.002 2.990   11.496  1.00 22.31 ? 9    PRO C CD   1 
ATOM   963  N N    . TYR C 1 10 ? -9.706  -1.595  10.842  1.00 19.59 ? 10   TYR C N    1 
ATOM   964  C CA   . TYR C 1 10 ? -8.965  -2.690  11.419  1.00 18.81 ? 10   TYR C CA   1 
ATOM   965  C C    . TYR C 1 10 ? -7.916  -3.223  10.428  1.00 18.82 ? 10   TYR C C    1 
ATOM   966  O O    . TYR C 1 10 ? -8.247  -3.885  9.448   1.00 19.84 ? 10   TYR C O    1 
ATOM   967  C CB   . TYR C 1 10 ? -9.940  -3.803  11.833  1.00 20.24 ? 10   TYR C CB   1 
ATOM   968  C CG   . TYR C 1 10 ? -9.292  -5.026  12.456  1.00 19.44 ? 10   TYR C CG   1 
ATOM   969  C CD1  . TYR C 1 10 ? -8.763  -4.981  13.767  1.00 26.70 ? 10   TYR C CD1  1 
ATOM   970  C CD2  . TYR C 1 10 ? -9.222  -6.217  11.746  1.00 24.69 ? 10   TYR C CD2  1 
ATOM   971  C CE1  . TYR C 1 10 ? -8.147  -6.072  14.323  1.00 27.12 ? 10   TYR C CE1  1 
ATOM   972  C CE2  . TYR C 1 10 ? -8.649  -7.299  12.295  1.00 27.00 ? 10   TYR C CE2  1 
ATOM   973  C CZ   . TYR C 1 10 ? -8.120  -7.231  13.574  1.00 29.79 ? 10   TYR C CZ   1 
ATOM   974  O OH   . TYR C 1 10 ? -7.527  -8.338  14.088  1.00 35.00 ? 10   TYR C OH   1 
ATOM   975  N N    . THR C 1 11 ? -6.651  -2.934  10.703  1.00 19.64 ? 11   THR C N    1 
ATOM   976  C CA   . THR C 1 11 ? -5.571  -3.376  9.768   1.00 18.10 ? 11   THR C CA   1 
ATOM   977  C C    . THR C 1 11 ? -5.338  -4.898  9.860   1.00 19.20 ? 11   THR C C    1 
ATOM   978  O O    . THR C 1 11 ? -5.072  -5.582  8.836   1.00 17.66 ? 11   THR C O    1 
ATOM   979  C CB   . THR C 1 11 ? -4.256  -2.631  10.031  1.00 18.64 ? 11   THR C CB   1 
ATOM   980  O OG1  . THR C 1 11 ? -4.406  -1.167  9.918   1.00 22.11 ? 11   THR C OG1  1 
ATOM   981  C CG2  . THR C 1 11 ? -3.207  -3.095  9.073   1.00 18.24 ? 11   THR C CG2  1 
ATOM   982  N N    . GLY C 1 12 ? -5.481  -5.458  11.079  1.00 18.40 ? 12   GLY C N    1 
ATOM   983  C CA   . GLY C 1 12 ? -5.199  -6.882  11.298  1.00 18.86 ? 12   GLY C CA   1 
ATOM   984  C C    . GLY C 1 12 ? -3.723  -7.185  11.422  1.00 20.03 ? 12   GLY C C    1 
ATOM   985  O O    . GLY C 1 12 ? -2.853  -6.295  11.310  1.00 19.78 ? 12   GLY C O    1 
ATOM   986  N N    . PRO C 1 13 ? -3.422  -8.463  11.661  1.00 20.52 ? 13   PRO C N    1 
ATOM   987  C CA   . PRO C 1 13 ? -2.042  -8.908  11.942  1.00 21.20 ? 13   PRO C CA   1 
ATOM   988  C C    . PRO C 1 13 ? -1.155  -9.255  10.732  1.00 22.17 ? 13   PRO C C    1 
ATOM   989  O O    . PRO C 1 13 ? 0.024   -9.579  10.950  1.00 23.22 ? 13   PRO C O    1 
ATOM   990  C CB   . PRO C 1 13 ? -2.284  -10.197 12.745  1.00 21.27 ? 13   PRO C CB   1 
ATOM   991  C CG   . PRO C 1 13 ? -3.529  -10.759 12.180  1.00 21.92 ? 13   PRO C CG   1 
ATOM   992  C CD   . PRO C 1 13 ? -4.413  -9.536  11.888  1.00 21.66 ? 13   PRO C CD   1 
ATOM   993  N N    . CYS C 1 14 ? -1.713  -9.291  9.509   1.00 21.90 ? 14   CYS C N    1 
ATOM   994  C CA   . CYS C 1 14 ? -0.935  -9.677  8.306   1.00 21.82 ? 14   CYS C CA   1 
ATOM   995  C C    . CYS C 1 14 ? -0.148  -8.443  7.792   1.00 20.67 ? 14   CYS C C    1 
ATOM   996  O O    . CYS C 1 14 ? -0.421  -7.296  8.241   1.00 20.20 ? 14   CYS C O    1 
ATOM   997  C CB   . CYS C 1 14 ? -1.829  -10.322 7.254   1.00 21.23 ? 14   CYS C CB   1 
ATOM   998  S SG   . CYS C 1 14 ? -2.321  -11.999 7.865   1.00 26.90 ? 14   CYS C SG   1 
ATOM   999  N N    . LYS C 1 15 ? 0.856   -8.708  6.940   1.00 21.01 ? 15   LYS C N    1 
ATOM   1000 C CA   . LYS C 1 15 ? 1.915   -7.717  6.667   1.00 20.88 ? 15   LYS C CA   1 
ATOM   1001 C C    . LYS C 1 15 ? 1.796   -7.029  5.309   1.00 18.61 ? 15   LYS C C    1 
ATOM   1002 O O    . LYS C 1 15 ? 2.733   -6.337  4.907   1.00 18.28 ? 15   LYS C O    1 
ATOM   1003 C CB   . LYS C 1 15 ? 3.333   -8.322  6.751   1.00 22.10 ? 15   LYS C CB   1 
ATOM   1004 C CG   . LYS C 1 15 ? 3.564   -9.463  7.785   1.00 27.25 ? 15   LYS C CG   1 
ATOM   1005 C CD   . LYS C 1 15 ? 3.142   -9.035  9.204   1.00 35.83 ? 15   LYS C CD   1 
ATOM   1006 C CE   . LYS C 1 15 ? 3.439   -10.216 10.189  1.00 37.35 ? 15   LYS C CE   1 
ATOM   1007 N NZ   . LYS C 1 15 ? 2.840   -9.893  11.497  1.00 42.73 ? 15   LYS C NZ   1 
ATOM   1008 N N    . ALA C 1 16 ? 0.729   -7.260  4.586   1.00 17.74 ? 16   ALA C N    1 
ATOM   1009 C CA   . ALA C 1 16 ? 0.514   -6.546  3.316   1.00 15.99 ? 16   ALA C CA   1 
ATOM   1010 C C    . ALA C 1 16 ? 0.163   -5.072  3.619   1.00 16.74 ? 16   ALA C C    1 
ATOM   1011 O O    . ALA C 1 16 ? -0.054  -4.712  4.777   1.00 15.50 ? 16   ALA C O    1 
ATOM   1012 C CB   . ALA C 1 16 ? -0.626  -7.214  2.533   1.00 17.62 ? 16   ALA C CB   1 
ATOM   1013 N N    . ARG C 1 17 ? 0.205   -4.214  2.585   1.00 15.40 ? 17   ARG C N    1 
ATOM   1014 C CA   . ARG C 1 17 ? -0.196  -2.777  2.735   1.00 15.37 ? 17   ARG C CA   1 
ATOM   1015 C C    . ARG C 1 17 ? -1.212  -2.509  1.606   1.00 15.29 ? 17   ARG C C    1 
ATOM   1016 O O    . ARG C 1 17 ? -0.915  -1.982  0.505   1.00 19.42 ? 17   ARG C O    1 
ATOM   1017 C CB   . ARG C 1 17 ? 1.008   -1.863  2.664   1.00 13.66 ? 17   ARG C CB   1 
ATOM   1018 C CG   . ARG C 1 17 ? 1.829   -1.750  3.986   1.00 13.88 ? 17   ARG C CG   1 
ATOM   1019 C CD   . ARG C 1 17 ? 2.849   -2.939  4.041   1.00 16.45 ? 17   ARG C CD   1 
ATOM   1020 N NE   . ARG C 1 17 ? 3.741   -2.933  2.874   1.00 16.62 ? 17   ARG C NE   1 
ATOM   1021 C CZ   . ARG C 1 17 ? 4.107   -3.982  2.161   1.00 19.77 ? 17   ARG C CZ   1 
ATOM   1022 N NH1  . ARG C 1 17 ? 3.692   -5.215  2.510   1.00 20.68 ? 17   ARG C NH1  1 
ATOM   1023 N NH2  . ARG C 1 17 ? 4.932   -3.833  1.106   1.00 15.48 ? 17   ARG C NH2  1 
ATOM   1024 N N    . ILE C 1 18 ? -2.442  -2.837  1.900   1.00 13.13 ? 18   ILE C N    1 
ATOM   1025 C CA   . ILE C 1 18 ? -3.513  -2.815  0.901   1.00 13.36 ? 18   ILE C CA   1 
ATOM   1026 C C    . ILE C 1 18 ? -4.438  -1.642  1.249   1.00 13.79 ? 18   ILE C C    1 
ATOM   1027 O O    . ILE C 1 18 ? -4.908  -1.478  2.399   1.00 14.73 ? 18   ILE C O    1 
ATOM   1028 C CB   . ILE C 1 18 ? -4.356  -4.115  0.953   1.00 12.40 ? 18   ILE C CB   1 
ATOM   1029 C CG1  . ILE C 1 18 ? -3.439  -5.319  0.596   1.00 13.98 ? 18   ILE C CG1  1 
ATOM   1030 C CG2  . ILE C 1 18 ? -5.537  -4.041  0.049   1.00 13.94 ? 18   ILE C CG2  1 
ATOM   1031 C CD1  . ILE C 1 18 ? -4.062  -6.587  1.021   1.00 19.03 ? 18   ILE C CD1  1 
ATOM   1032 N N    . ILE C 1 19 ? -4.676  -0.803  0.252   1.00 14.18 ? 19   ILE C N    1 
ATOM   1033 C CA   . ILE C 1 19 ? -5.566  0.365   0.501   1.00 12.79 ? 19   ILE C CA   1 
ATOM   1034 C C    . ILE C 1 19 ? -7.033  -0.070  0.466   1.00 12.37 ? 19   ILE C C    1 
ATOM   1035 O O    . ILE C 1 19 ? -7.504  -0.626  -0.530  1.00 13.32 ? 19   ILE C O    1 
ATOM   1036 C CB   . ILE C 1 19 ? -5.323  1.477   -0.522  1.00 12.61 ? 19   ILE C CB   1 
ATOM   1037 C CG1  . ILE C 1 19 ? -3.880  1.972   -0.383  1.00 11.85 ? 19   ILE C CG1  1 
ATOM   1038 C CG2  . ILE C 1 19 ? -6.391  2.575   -0.308  1.00 12.33 ? 19   ILE C CG2  1 
ATOM   1039 C CD1  . ILE C 1 19 ? -3.461  2.756   -1.657  1.00 14.74 ? 19   ILE C CD1  1 
ATOM   1040 N N    . ARG C 1 20 ? -7.722  0.127   1.583   1.00 12.40 ? 20   ARG C N    1 
ATOM   1041 C CA   . ARG C 1 20 ? -9.160  -0.119  1.669   1.00 13.90 ? 20   ARG C CA   1 
ATOM   1042 C C    . ARG C 1 20 ? -9.837  1.110   2.245   1.00 16.29 ? 20   ARG C C    1 
ATOM   1043 O O    . ARG C 1 20 ? -9.206  2.109   2.567   1.00 16.48 ? 20   ARG C O    1 
ATOM   1044 C CB   . ARG C 1 20 ? -9.420  -1.328  2.560   1.00 14.72 ? 20   ARG C CB   1 
ATOM   1045 C CG   . ARG C 1 20 ? -8.868  -2.626  2.068   1.00 14.55 ? 20   ARG C CG   1 
ATOM   1046 C CD   . ARG C 1 20 ? -9.704  -3.122  0.883   1.00 16.29 ? 20   ARG C CD   1 
ATOM   1047 N NE   . ARG C 1 20 ? -9.171  -4.405  0.342   1.00 14.92 ? 20   ARG C NE   1 
ATOM   1048 C CZ   . ARG C 1 20 ? -9.483  -5.606  0.822   1.00 16.95 ? 20   ARG C CZ   1 
ATOM   1049 N NH1  . ARG C 1 20 ? -10.286 -5.729  1.910   1.00 18.59 ? 20   ARG C NH1  1 
ATOM   1050 N NH2  . ARG C 1 20 ? -8.874  -6.669  0.283   1.00 20.60 ? 20   ARG C NH2  1 
ATOM   1051 N N    . TYR C 1 21 ? -11.154 1.056   2.252   1.00 17.82 ? 21   TYR C N    1 
ATOM   1052 C CA   . TYR C 1 21 ? -11.996 2.193   2.692   1.00 17.89 ? 21   TYR C CA   1 
ATOM   1053 C C    . TYR C 1 21 ? -12.800 1.778   3.879   1.00 18.82 ? 21   TYR C C    1 
ATOM   1054 O O    . TYR C 1 21 ? -13.309 0.606   3.967   1.00 19.05 ? 21   TYR C O    1 
ATOM   1055 C CB   . TYR C 1 21 ? -12.928 2.638   1.538   1.00 16.85 ? 21   TYR C CB   1 
ATOM   1056 C CG   . TYR C 1 21 ? -12.169 3.260   0.427   1.00 19.72 ? 21   TYR C CG   1 
ATOM   1057 C CD1  . TYR C 1 21 ? -11.928 4.653   0.404   1.00 21.24 ? 21   TYR C CD1  1 
ATOM   1058 C CD2  . TYR C 1 21 ? -11.571 2.449   -0.562  1.00 22.05 ? 21   TYR C CD2  1 
ATOM   1059 C CE1  . TYR C 1 21 ? -11.213 5.209   -0.621  1.00 23.74 ? 21   TYR C CE1  1 
ATOM   1060 C CE2  . TYR C 1 21 ? -10.838 2.997   -1.578  1.00 24.10 ? 21   TYR C CE2  1 
ATOM   1061 C CZ   . TYR C 1 21 ? -10.621 4.375   -1.566  1.00 23.36 ? 21   TYR C CZ   1 
ATOM   1062 O OH   . TYR C 1 21 ? -9.876  4.865   -2.587  1.00 27.60 ? 21   TYR C OH   1 
ATOM   1063 N N    . PHE C 1 22 ? -12.989 2.733   4.809   1.00 17.42 ? 22   PHE C N    1 
ATOM   1064 C CA   . PHE C 1 22 ? -13.844 2.451   5.967   1.00 18.26 ? 22   PHE C CA   1 
ATOM   1065 C C    . PHE C 1 22 ? -14.741 3.636   6.159   1.00 19.17 ? 22   PHE C C    1 
ATOM   1066 O O    . PHE C 1 22 ? -14.368 4.764   5.790   1.00 19.60 ? 22   PHE C O    1 
ATOM   1067 C CB   . PHE C 1 22 ? -13.058 2.190   7.263   1.00 17.57 ? 22   PHE C CB   1 
ATOM   1068 C CG   . PHE C 1 22 ? -12.440 3.445   7.853   1.00 18.39 ? 22   PHE C CG   1 
ATOM   1069 C CD1  . PHE C 1 22 ? -11.239 3.940   7.377   1.00 16.31 ? 22   PHE C CD1  1 
ATOM   1070 C CD2  . PHE C 1 22 ? -13.115 4.175   8.840   1.00 18.87 ? 22   PHE C CD2  1 
ATOM   1071 C CE1  . PHE C 1 22 ? -10.665 5.115   7.925   1.00 21.43 ? 22   PHE C CE1  1 
ATOM   1072 C CE2  . PHE C 1 22 ? -12.582 5.356   9.340   1.00 22.73 ? 22   PHE C CE2  1 
ATOM   1073 C CZ   . PHE C 1 22 ? -11.362 5.823   8.910   1.00 22.39 ? 22   PHE C CZ   1 
ATOM   1074 N N    . TYR C 1 23 ? -15.921 3.379   6.714   1.00 19.00 ? 23   TYR C N    1 
ATOM   1075 C CA   . TYR C 1 23 ? -16.854 4.512   6.931   1.00 21.29 ? 23   TYR C CA   1 
ATOM   1076 C C    . TYR C 1 23 ? -16.527 5.210   8.228   1.00 21.79 ? 23   TYR C C    1 
ATOM   1077 O O    . TYR C 1 23 ? -16.406 4.555   9.258   1.00 20.63 ? 23   TYR C O    1 
ATOM   1078 C CB   . TYR C 1 23 ? -18.269 3.964   6.969   1.00 19.33 ? 23   TYR C CB   1 
ATOM   1079 C CG   . TYR C 1 23 ? -19.279 5.075   7.186   1.00 23.51 ? 23   TYR C CG   1 
ATOM   1080 C CD1  . TYR C 1 23 ? -19.672 5.920   6.133   1.00 24.65 ? 23   TYR C CD1  1 
ATOM   1081 C CD2  . TYR C 1 23 ? -19.850 5.262   8.434   1.00 23.51 ? 23   TYR C CD2  1 
ATOM   1082 C CE1  . TYR C 1 23 ? -20.606 6.953   6.350   1.00 32.07 ? 23   TYR C CE1  1 
ATOM   1083 C CE2  . TYR C 1 23 ? -20.757 6.312   8.651   1.00 27.14 ? 23   TYR C CE2  1 
ATOM   1084 C CZ   . TYR C 1 23 ? -21.130 7.130   7.644   1.00 29.46 ? 23   TYR C CZ   1 
ATOM   1085 O OH   . TYR C 1 23 ? -22.055 8.117   7.913   1.00 34.81 ? 23   TYR C OH   1 
ATOM   1086 N N    . ASN C 1 24 ? -16.369 6.548   8.170   1.00 24.64 ? 24   ASN C N    1 
ATOM   1087 C CA   . ASN C 1 24 ? -16.070 7.364   9.347   1.00 25.84 ? 24   ASN C CA   1 
ATOM   1088 C C    . ASN C 1 24 ? -17.361 8.092   9.698   1.00 27.55 ? 24   ASN C C    1 
ATOM   1089 O O    . ASN C 1 24 ? -17.750 9.039   8.985   1.00 27.92 ? 24   ASN C O    1 
ATOM   1090 C CB   . ASN C 1 24 ? -14.971 8.397   9.058   1.00 25.96 ? 24   ASN C CB   1 
ATOM   1091 C CG   . ASN C 1 24 ? -14.645 9.255   10.258  1.00 29.77 ? 24   ASN C CG   1 
ATOM   1092 O OD1  . ASN C 1 24 ? -15.440 9.358   11.204  1.00 28.58 ? 24   ASN C OD1  1 
ATOM   1093 N ND2  . ASN C 1 24 ? -13.471 9.877   10.234  1.00 26.79 ? 24   ASN C ND2  1 
ATOM   1094 N N    . ALA C 1 25 ? -18.033 7.580   10.721  1.00 28.71 ? 25   ALA C N    1 
ATOM   1095 C CA   . ALA C 1 25 ? -19.336 8.117   11.183  1.00 31.71 ? 25   ALA C CA   1 
ATOM   1096 C C    . ALA C 1 25 ? -19.312 9.662   11.463  1.00 32.73 ? 25   ALA C C    1 
ATOM   1097 O O    . ALA C 1 25 ? -20.185 10.412  10.996  1.00 34.13 ? 25   ALA C O    1 
ATOM   1098 C CB   . ALA C 1 25 ? -19.823 7.314   12.422  1.00 30.79 ? 25   ALA C CB   1 
ATOM   1099 N N    . LYS C 1 26 ? -18.285 10.125  12.170  1.00 34.52 ? 26   LYS C N    1 
ATOM   1100 C CA   . LYS C 1 26 ? -18.060 11.554  12.476  1.00 35.67 ? 26   LYS C CA   1 
ATOM   1101 C C    . LYS C 1 26 ? -18.048 12.464  11.245  1.00 35.67 ? 26   LYS C C    1 
ATOM   1102 O O    . LYS C 1 26 ? -18.703 13.520  11.227  1.00 36.30 ? 26   LYS C O    1 
ATOM   1103 C CB   . LYS C 1 26 ? -16.745 11.738  13.253  1.00 36.60 ? 26   LYS C CB   1 
ATOM   1104 C CG   . LYS C 1 26 ? -16.329 13.223  13.457  1.00 40.78 ? 26   LYS C CG   1 
ATOM   1105 C CD   . LYS C 1 26 ? -17.106 13.954  14.589  1.00 44.28 ? 26   LYS C CD   1 
ATOM   1106 C CE   . LYS C 1 26 ? -16.222 14.160  15.828  1.00 46.51 ? 26   LYS C CE   1 
ATOM   1107 N NZ   . LYS C 1 26 ? -16.943 13.857  17.129  1.00 46.96 ? 26   LYS C NZ   1 
ATOM   1108 N N    . ALA C 1 27 ? -17.317 12.069  10.202  1.00 34.02 ? 27   ALA C N    1 
ATOM   1109 C CA   . ALA C 1 27 ? -17.344 12.848  8.983   1.00 33.07 ? 27   ALA C CA   1 
ATOM   1110 C C    . ALA C 1 27 ? -18.507 12.532  8.039   1.00 32.63 ? 27   ALA C C    1 
ATOM   1111 O O    . ALA C 1 27 ? -18.756 13.308  7.098   1.00 33.86 ? 27   ALA C O    1 
ATOM   1112 C CB   . ALA C 1 27 ? -16.021 12.677  8.256   1.00 34.02 ? 27   ALA C CB   1 
ATOM   1113 N N    . GLY C 1 28 ? -19.206 11.409  8.264   1.00 31.38 ? 28   GLY C N    1 
ATOM   1114 C CA   . GLY C 1 28 ? -20.239 10.900  7.349   1.00 28.79 ? 28   GLY C CA   1 
ATOM   1115 C C    . GLY C 1 28 ? -19.675 10.595  5.950   1.00 29.85 ? 28   GLY C C    1 
ATOM   1116 O O    . GLY C 1 28 ? -20.369 10.714  4.936   1.00 29.19 ? 28   GLY C O    1 
ATOM   1117 N N    . LEU C 1 29 ? -18.400 10.219  5.906   1.00 26.28 ? 29   LEU C N    1 
ATOM   1118 C CA   . LEU C 1 29 ? -17.755 9.904   4.631   1.00 26.26 ? 29   LEU C CA   1 
ATOM   1119 C C    . LEU C 1 29 ? -16.856 8.699   4.843   1.00 26.08 ? 29   LEU C C    1 
ATOM   1120 O O    . LEU C 1 29 ? -16.518 8.330   5.974   1.00 25.38 ? 29   LEU C O    1 
ATOM   1121 C CB   . LEU C 1 29 ? -16.921 11.095  4.075   1.00 25.79 ? 29   LEU C CB   1 
ATOM   1122 C CG   . LEU C 1 29 ? -17.613 12.383  3.596   1.00 25.57 ? 29   LEU C CG   1 
ATOM   1123 C CD1  . LEU C 1 29 ? -16.727 13.596  3.683   1.00 29.44 ? 29   LEU C CD1  1 
ATOM   1124 C CD2  . LEU C 1 29 ? -18.333 12.239  2.172   1.00 24.43 ? 29   LEU C CD2  1 
ATOM   1125 N N    . CYS C 1 30 ? -16.471 8.090   3.737   1.00 26.49 ? 30   CYS C N    1 
ATOM   1126 C CA   . CYS C 1 30 ? -15.557 6.956   3.803   1.00 24.08 ? 30   CYS C CA   1 
ATOM   1127 C C    . CYS C 1 30 ? -14.154 7.478   3.599   1.00 24.23 ? 30   CYS C C    1 
ATOM   1128 O O    . CYS C 1 30 ? -13.971 8.528   2.993   1.00 24.36 ? 30   CYS C O    1 
ATOM   1129 C CB   . CYS C 1 30 ? -15.929 5.933   2.742   1.00 25.81 ? 30   CYS C CB   1 
ATOM   1130 S SG   . CYS C 1 30 ? -17.442 5.108   3.286   1.00 28.59 ? 30   CYS C SG   1 
ATOM   1131 N N    . GLN C 1 31 ? -13.162 6.768   4.113   1.00 22.41 ? 31   GLN C N    1 
ATOM   1132 C CA   . GLN C 1 31 ? -11.797 7.271   4.150   1.00 22.71 ? 31   GLN C CA   1 
ATOM   1133 C C    . GLN C 1 31 ? -10.908 6.038   3.858   1.00 21.95 ? 31   GLN C C    1 
ATOM   1134 O O    . GLN C 1 31 ? -11.304 4.881   4.102   1.00 21.75 ? 31   GLN C O    1 
ATOM   1135 C CB   . GLN C 1 31 ? -11.434 7.858   5.567   1.00 23.99 ? 31   GLN C CB   1 
ATOM   1136 C CG   . GLN C 1 31 ? -12.045 9.290   5.909   1.00 30.06 ? 31   GLN C CG   1 
ATOM   1137 C CD   . GLN C 1 31 ? -11.862 9.785   7.377   1.00 33.82 ? 31   GLN C CD   1 
ATOM   1138 O OE1  . GLN C 1 31 ? -11.736 9.004   8.318   1.00 33.45 ? 31   GLN C OE1  1 
ATOM   1139 N NE2  . GLN C 1 31 ? -11.877 11.100  7.562   1.00 35.95 ? 31   GLN C NE2  1 
ATOM   1140 N N    . THR C 1 32 ? -9.726  6.301   3.343   1.00 20.09 ? 32   THR C N    1 
ATOM   1141 C CA   . THR C 1 32 ? -8.745  5.235   3.200   1.00 19.37 ? 32   THR C CA   1 
ATOM   1142 C C    . THR C 1 32 ? -8.097  4.805   4.510   1.00 17.99 ? 32   THR C C    1 
ATOM   1143 O O    . THR C 1 32 ? -7.915  5.590   5.489   1.00 18.74 ? 32   THR C O    1 
ATOM   1144 C CB   . THR C 1 32 ? -7.597  5.589   2.177   1.00 19.88 ? 32   THR C CB   1 
ATOM   1145 O OG1  . THR C 1 32 ? -6.951  6.777   2.652   1.00 22.55 ? 32   THR C OG1  1 
ATOM   1146 C CG2  . THR C 1 32 ? -8.124  5.772   0.840   1.00 21.44 ? 32   THR C CG2  1 
ATOM   1147 N N    . PHE C 1 33 ? -7.696  3.525   4.533   1.00 16.91 ? 33   PHE C N    1 
ATOM   1148 C CA   . PHE C 1 33 ? -6.787  2.968   5.560   1.00 16.28 ? 33   PHE C CA   1 
ATOM   1149 C C    . PHE C 1 33 ? -5.978  1.835   4.911   1.00 14.54 ? 33   PHE C C    1 
ATOM   1150 O O    . PHE C 1 33 ? -6.321  1.394   3.803   1.00 16.31 ? 33   PHE C O    1 
ATOM   1151 C CB   . PHE C 1 33 ? -7.464  2.482   6.844   1.00 14.88 ? 33   PHE C CB   1 
ATOM   1152 C CG   . PHE C 1 33 ? -8.241  1.166   6.691   1.00 17.14 ? 33   PHE C CG   1 
ATOM   1153 C CD1  . PHE C 1 33 ? -9.439  1.100   5.970   1.00 15.35 ? 33   PHE C CD1  1 
ATOM   1154 C CD2  . PHE C 1 33 ? -7.713  0.008   7.269   1.00 15.40 ? 33   PHE C CD2  1 
ATOM   1155 C CE1  . PHE C 1 33 ? -10.142 -0.141  5.822   1.00 15.73 ? 33   PHE C CE1  1 
ATOM   1156 C CE2  . PHE C 1 33 ? -8.414  -1.244  7.151   1.00 17.74 ? 33   PHE C CE2  1 
ATOM   1157 C CZ   . PHE C 1 33 ? -9.612  -1.302  6.440   1.00 15.95 ? 33   PHE C CZ   1 
ATOM   1158 N N    . VAL C 1 34 ? -4.941  1.435   5.626   1.00 14.46 ? 34   VAL C N    1 
ATOM   1159 C CA   . VAL C 1 34 ? -4.071  0.334   5.158   1.00 15.06 ? 34   VAL C CA   1 
ATOM   1160 C C    . VAL C 1 34 ? -4.447  -0.981  5.863   1.00 15.84 ? 34   VAL C C    1 
ATOM   1161 O O    . VAL C 1 34 ? -4.388  -1.090  7.110   1.00 16.99 ? 34   VAL C O    1 
ATOM   1162 C CB   . VAL C 1 34 ? -2.594  0.703   5.342   1.00 15.84 ? 34   VAL C CB   1 
ATOM   1163 C CG1  . VAL C 1 34 ? -1.704  -0.383  4.761   1.00 14.81 ? 34   VAL C CG1  1 
ATOM   1164 C CG2  . VAL C 1 34 ? -2.283  1.996   4.596   1.00 16.03 ? 34   VAL C CG2  1 
ATOM   1165 N N    . TYR C 1 35 ? -4.872  -1.951  5.052   1.00 12.66 ? 35   TYR C N    1 
ATOM   1166 C CA   . TYR C 1 35 ? -5.281  -3.265  5.536   1.00 14.39 ? 35   TYR C CA   1 
ATOM   1167 C C    . TYR C 1 35 ? -4.121  -4.237  5.351   1.00 14.56 ? 35   TYR C C    1 
ATOM   1168 O O    . TYR C 1 35 ? -3.397  -4.198  4.337   1.00 14.89 ? 35   TYR C O    1 
ATOM   1169 C CB   . TYR C 1 35 ? -6.504  -3.644  4.712   1.00 13.10 ? 35   TYR C CB   1 
ATOM   1170 C CG   . TYR C 1 35 ? -6.956  -5.092  4.872   1.00 14.53 ? 35   TYR C CG   1 
ATOM   1171 C CD1  . TYR C 1 35 ? -7.294  -5.580  6.147   1.00 15.35 ? 35   TYR C CD1  1 
ATOM   1172 C CD2  . TYR C 1 35 ? -7.168  -5.875  3.742   1.00 15.19 ? 35   TYR C CD2  1 
ATOM   1173 C CE1  . TYR C 1 35 ? -7.761  -6.912  6.290   1.00 15.59 ? 35   TYR C CE1  1 
ATOM   1174 C CE2  . TYR C 1 35 ? -7.615  -7.178  3.861   1.00 16.92 ? 35   TYR C CE2  1 
ATOM   1175 C CZ   . TYR C 1 35 ? -7.896  -7.683  5.146   1.00 19.13 ? 35   TYR C CZ   1 
ATOM   1176 O OH   . TYR C 1 35 ? -8.335  -9.025  5.280   1.00 21.02 ? 35   TYR C OH   1 
ATOM   1177 N N    . GLY C 1 36 ? -3.951  -5.147  6.315   1.00 14.26 ? 36   GLY C N    1 
ATOM   1178 C CA   . GLY C 1 36 ? -2.771  -6.060  6.328   1.00 15.38 ? 36   GLY C CA   1 
ATOM   1179 C C    . GLY C 1 36 ? -2.962  -7.299  5.489   1.00 16.13 ? 36   GLY C C    1 
ATOM   1180 O O    . GLY C 1 36 ? -2.005  -8.057  5.300   1.00 17.28 ? 36   GLY C O    1 
ATOM   1181 N N    . GLY C 1 37 ? -4.168  -7.525  5.022   1.00 16.82 ? 37   GLY C N    1 
ATOM   1182 C CA   . GLY C 1 37 ? -4.491  -8.612  4.053   1.00 17.52 ? 37   GLY C CA   1 
ATOM   1183 C C    . GLY C 1 37 ? -5.161  -9.856  4.623   1.00 21.41 ? 37   GLY C C    1 
ATOM   1184 O O    . GLY C 1 37 ? -5.485  -10.806 3.875   1.00 23.55 ? 37   GLY C O    1 
ATOM   1185 N N    . CYS C 1 38 ? -5.350  -9.893  5.931   1.00 19.60 ? 38   CYS C N    1 
ATOM   1186 C CA   . CYS C 1 38 ? -6.171  -11.027 6.532   1.00 22.30 ? 38   CYS C CA   1 
ATOM   1187 C C    . CYS C 1 38 ? -7.038  -10.525 7.653   1.00 20.77 ? 38   CYS C C    1 
ATOM   1188 O O    . CYS C 1 38 ? -6.702  -9.529  8.310   1.00 21.47 ? 38   CYS C O    1 
ATOM   1189 C CB   . CYS C 1 38 ? -5.261  -12.102 7.125   1.00 20.82 ? 38   CYS C CB   1 
ATOM   1190 S SG   . CYS C 1 38 ? -4.265  -11.741 8.545   1.00 26.38 ? 38   CYS C SG   1 
ATOM   1191 N N    . ARG C 1 39 ? -8.145  -11.239 7.882   1.00 23.63 ? 39   ARG C N    1 
ATOM   1192 C CA   . ARG C 1 39 ? -9.017  -10.969 9.022   1.00 22.93 ? 39   ARG C CA   1 
ATOM   1193 C C    . ARG C 1 39 ? -9.815  -9.675  8.912   1.00 23.01 ? 39   ARG C C    1 
ATOM   1194 O O    . ARG C 1 39 ? -10.143 -9.091  9.957   1.00 22.11 ? 39   ARG C O    1 
ATOM   1195 C CB   . ARG C 1 39 ? -8.239  -10.968 10.270  1.00 25.15 ? 39   ARG C CB   1 
ATOM   1196 C CG   . ARG C 1 39 ? -8.368  -12.276 10.931  1.00 30.98 ? 39   ARG C CG   1 
ATOM   1197 C CD   . ARG C 1 39 ? -7.219  -12.561 11.785  1.00 35.20 ? 39   ARG C CD   1 
ATOM   1198 N NE   . ARG C 1 39 ? -6.898  -13.961 11.586  1.00 37.06 ? 39   ARG C NE   1 
ATOM   1199 C CZ   . ARG C 1 39 ? -6.177  -14.724 12.405  1.00 36.94 ? 39   ARG C CZ   1 
ATOM   1200 N NH1  . ARG C 1 39 ? -5.679  -14.258 13.552  1.00 41.38 ? 39   ARG C NH1  1 
ATOM   1201 N NH2  . ARG C 1 39 ? -5.962  -15.971 12.048  1.00 31.35 ? 39   ARG C NH2  1 
ATOM   1202 N N    . ALA C 1 40 ? -10.139 -9.280  7.688   1.00 21.73 ? 40   ALA C N    1 
ATOM   1203 C CA   . ALA C 1 40 ? -10.966 -8.102  7.432   1.00 21.88 ? 40   ALA C CA   1 
ATOM   1204 C C    . ALA C 1 40 ? -12.239 -8.113  8.245   1.00 22.56 ? 40   ALA C C    1 
ATOM   1205 O O    . ALA C 1 40 ? -12.981 -9.135  8.254   1.00 22.71 ? 40   ALA C O    1 
ATOM   1206 C CB   . ALA C 1 40 ? -11.349 -7.969  5.990   1.00 21.88 ? 40   ALA C CB   1 
ATOM   1207 N N    . LYS C 1 41 ? -12.490 -6.986  8.903   1.00 21.05 ? 41   LYS C N    1 
ATOM   1208 C CA   . LYS C 1 41 ? -13.778 -6.700  9.483   1.00 22.34 ? 41   LYS C CA   1 
ATOM   1209 C C    . LYS C 1 41 ? -14.754 -6.161  8.412   1.00 21.01 ? 41   LYS C C    1 
ATOM   1210 O O    . LYS C 1 41 ? -14.389 -5.964  7.224   1.00 21.86 ? 41   LYS C O    1 
ATOM   1211 C CB   . LYS C 1 41 ? -13.557 -5.748  10.696  1.00 22.31 ? 41   LYS C CB   1 
ATOM   1212 C CG   . LYS C 1 41 ? -13.008 -6.485  11.905  1.00 23.87 ? 41   LYS C CG   1 
ATOM   1213 C CD   . LYS C 1 41 ? -12.844 -5.623  13.173  1.00 25.69 ? 41   LYS C CD   1 
ATOM   1214 C CE   . LYS C 1 41 ? -12.114 -6.466  14.236  1.00 31.10 ? 41   LYS C CE   1 
ATOM   1215 N NZ   . LYS C 1 41 ? -12.609 -7.878  14.406  1.00 35.19 ? 41   LYS C NZ   1 
ATOM   1216 N N    . ARG C 1 42 ? -16.009 -5.939  8.778   1.00 20.75 ? 42   ARG C N    1 
ATOM   1217 C CA   . ARG C 1 42 ? -17.008 -5.615  7.790   1.00 20.42 ? 42   ARG C CA   1 
ATOM   1218 C C    . ARG C 1 42 ? -16.879 -4.164  7.392   1.00 20.23 ? 42   ARG C C    1 
ATOM   1219 O O    . ARG C 1 42 ? -17.283 -3.790  6.313   1.00 19.97 ? 42   ARG C O    1 
ATOM   1220 C CB   . ARG C 1 42 ? -18.449 -5.898  8.275   1.00 21.98 ? 42   ARG C CB   1 
ATOM   1221 C CG   . ARG C 1 42 ? -18.792 -7.421  8.342   1.00 26.78 ? 42   ARG C CG   1 
ATOM   1222 C CD   . ARG C 1 42 ? -20.056 -7.635  9.186   1.00 30.85 ? 42   ARG C CD   1 
ATOM   1223 N NE   . ARG C 1 42 ? -19.810 -7.371  10.621  1.00 38.15 ? 42   ARG C NE   1 
ATOM   1224 C CZ   . ARG C 1 42 ? -20.753 -7.214  11.561  1.00 41.36 ? 42   ARG C CZ   1 
ATOM   1225 N NH1  . ARG C 1 42 ? -22.051 -7.263  11.249  1.00 39.30 ? 42   ARG C NH1  1 
ATOM   1226 N NH2  . ARG C 1 42 ? -20.396 -6.990  12.830  1.00 42.99 ? 42   ARG C NH2  1 
ATOM   1227 N N    . ASN C 1 43 ? -16.284 -3.342  8.256   1.00 19.27 ? 43   ASN C N    1 
ATOM   1228 C CA   . ASN C 1 43 ? -16.154 -1.931  7.805   1.00 17.88 ? 43   ASN C CA   1 
ATOM   1229 C C    . ASN C 1 43 ? -14.864 -1.809  6.976   1.00 18.17 ? 43   ASN C C    1 
ATOM   1230 O O    . ASN C 1 43 ? -13.912 -1.113  7.358   1.00 16.09 ? 43   ASN C O    1 
ATOM   1231 C CB   . ASN C 1 43 ? -16.091 -0.953  8.992   1.00 18.90 ? 43   ASN C CB   1 
ATOM   1232 C CG   . ASN C 1 43 ? -16.309 0.514   8.575   1.00 13.59 ? 43   ASN C CG   1 
ATOM   1233 O OD1  . ASN C 1 43 ? -16.614 0.862   7.425   1.00 17.15 ? 43   ASN C OD1  1 
ATOM   1234 N ND2  . ASN C 1 43 ? -16.083 1.393   9.550   1.00 18.26 ? 43   ASN C ND2  1 
ATOM   1235 N N    . ASN C 1 44 ? -14.849 -2.500  5.843   1.00 17.04 ? 44   ASN C N    1 
ATOM   1236 C CA   . ASN C 1 44 ? -13.649 -2.605  5.013   1.00 16.96 ? 44   ASN C CA   1 
ATOM   1237 C C    . ASN C 1 44 ? -14.151 -2.874  3.589   1.00 18.10 ? 44   ASN C C    1 
ATOM   1238 O O    . ASN C 1 44 ? -14.732 -3.941  3.318   1.00 18.78 ? 44   ASN C O    1 
ATOM   1239 C CB   . ASN C 1 44 ? -12.770 -3.751  5.571   1.00 16.60 ? 44   ASN C CB   1 
ATOM   1240 C CG   . ASN C 1 44 ? -11.543 -4.082  4.710   1.00 15.81 ? 44   ASN C CG   1 
ATOM   1241 O OD1  . ASN C 1 44 ? -11.571 -3.851  3.500   1.00 17.98 ? 44   ASN C OD1  1 
ATOM   1242 N ND2  . ASN C 1 44 ? -10.507 -4.662  5.345   1.00 13.95 ? 44   ASN C ND2  1 
ATOM   1243 N N    . PHE C 1 45 ? -13.916 -1.933  2.692   1.00 16.83 ? 45   PHE C N    1 
ATOM   1244 C CA   . PHE C 1 45 ? -14.435 -1.924  1.317   1.00 17.77 ? 45   PHE C CA   1 
ATOM   1245 C C    . PHE C 1 45 ? -13.336 -1.629  0.295   1.00 19.80 ? 45   PHE C C    1 
ATOM   1246 O O    . PHE C 1 45 ? -12.309 -0.988  0.609   1.00 19.04 ? 45   PHE C O    1 
ATOM   1247 C CB   . PHE C 1 45 ? -15.539 -0.867  1.152   1.00 19.13 ? 45   PHE C CB   1 
ATOM   1248 C CG   . PHE C 1 45 ? -16.633 -0.994  2.139   1.00 18.92 ? 45   PHE C CG   1 
ATOM   1249 C CD1  . PHE C 1 45 ? -16.573 -0.336  3.376   1.00 19.22 ? 45   PHE C CD1  1 
ATOM   1250 C CD2  . PHE C 1 45 ? -17.731 -1.802  1.843   1.00 17.53 ? 45   PHE C CD2  1 
ATOM   1251 C CE1  . PHE C 1 45 ? -17.625 -0.452  4.353   1.00 20.19 ? 45   PHE C CE1  1 
ATOM   1252 C CE2  . PHE C 1 45 ? -18.814 -1.916  2.801   1.00 19.25 ? 45   PHE C CE2  1 
ATOM   1253 C CZ   . PHE C 1 45 ? -18.744 -1.243  4.046   1.00 20.09 ? 45   PHE C CZ   1 
ATOM   1254 N N    . LYS C 1 46 ? -13.572 -2.090  -0.938  1.00 21.37 ? 46   LYS C N    1 
ATOM   1255 C CA   . LYS C 1 46 ? -12.529 -1.921  -1.970  1.00 23.32 ? 46   LYS C CA   1 
ATOM   1256 C C    . LYS C 1 46 ? -12.613 -0.528  -2.626  1.00 24.85 ? 46   LYS C C    1 
ATOM   1257 O O    . LYS C 1 46 ? -11.649 -0.034  -3.217  1.00 26.19 ? 46   LYS C O    1 
ATOM   1258 C CB   . LYS C 1 46 ? -12.609 -3.046  -3.015  1.00 24.27 ? 46   LYS C CB   1 
ATOM   1259 C CG   . LYS C 1 46 ? -12.079 -4.376  -2.453  1.00 24.79 ? 46   LYS C CG   1 
ATOM   1260 C CD   . LYS C 1 46 ? -11.812 -5.335  -3.621  1.00 28.94 ? 46   LYS C CD   1 
ATOM   1261 C CE   . LYS C 1 46 ? -10.996 -6.507  -3.184  1.00 28.70 ? 46   LYS C CE   1 
ATOM   1262 N NZ   . LYS C 1 46 ? -11.936 -7.509  -2.797  1.00 29.07 ? 46   LYS C NZ   1 
ATOM   1263 N N    . SER C 1 47 ? -13.771 0.092   -2.495  1.00 25.20 ? 47   SER C N    1 
ATOM   1264 C CA   . SER C 1 47 ? -13.954 1.427   -3.027  1.00 25.76 ? 47   SER C CA   1 
ATOM   1265 C C    . SER C 1 47 ? -14.805 2.297   -2.103  1.00 25.68 ? 47   SER C C    1 
ATOM   1266 O O    . SER C 1 47 ? -15.549 1.806   -1.241  1.00 24.53 ? 47   SER C O    1 
ATOM   1267 C CB   . SER C 1 47 ? -14.582 1.345   -4.426  1.00 26.16 ? 47   SER C CB   1 
ATOM   1268 O OG   . SER C 1 47 ? -15.954 1.016   -4.364  1.00 27.35 ? 47   SER C OG   1 
ATOM   1269 N N    . ALA C 1 48 ? -14.686 3.619   -2.311  1.00 25.54 ? 48   ALA C N    1 
ATOM   1270 C CA   . ALA C 1 48 ? -15.421 4.585   -1.540  1.00 25.37 ? 48   ALA C CA   1 
ATOM   1271 C C    . ALA C 1 48 ? -16.866 4.457   -1.883  1.00 26.79 ? 48   ALA C C    1 
ATOM   1272 O O    . ALA C 1 48 ? -17.706 4.588   -1.002  1.00 25.57 ? 48   ALA C O    1 
ATOM   1273 C CB   . ALA C 1 48 ? -14.953 6.027   -1.831  1.00 27.47 ? 48   ALA C CB   1 
ATOM   1274 N N    . GLU C 1 49 ? -17.152 4.120   -3.148  1.00 27.56 ? 49   GLU C N    1 
ATOM   1275 C CA   . GLU C 1 49 ? -18.540 4.004   -3.622  1.00 29.78 ? 49   GLU C CA   1 
ATOM   1276 C C    . GLU C 1 49 ? -19.258 2.847   -2.892  1.00 29.78 ? 49   GLU C C    1 
ATOM   1277 O O    . GLU C 1 49 ? -20.370 3.020   -2.383  1.00 29.93 ? 49   GLU C O    1 
ATOM   1278 C CB   . GLU C 1 49 ? -18.576 3.756   -5.131  1.00 31.00 ? 49   GLU C CB   1 
ATOM   1279 C CG   . GLU C 1 49 ? -19.713 2.797   -5.547  1.00 35.38 ? 49   GLU C CG   1 
ATOM   1280 C CD   . GLU C 1 49 ? -20.392 3.255   -6.806  1.00 43.54 ? 49   GLU C CD   1 
ATOM   1281 O OE1  . GLU C 1 49 ? -19.677 3.449   -7.822  1.00 43.23 ? 49   GLU C OE1  1 
ATOM   1282 O OE2  . GLU C 1 49 ? -21.633 3.455   -6.773  1.00 47.92 ? 49   GLU C OE2  1 
ATOM   1283 N N    . ASP C 1 50 ? -18.575 1.703   -2.808  1.00 29.88 ? 50   ASP C N    1 
ATOM   1284 C CA   . ASP C 1 50 ? -19.070 0.492   -2.122  1.00 30.05 ? 50   ASP C CA   1 
ATOM   1285 C C    . ASP C 1 50 ? -19.337 0.854   -0.667  1.00 28.26 ? 50   ASP C C    1 
ATOM   1286 O O    . ASP C 1 50 ? -20.407 0.587   -0.081  1.00 27.55 ? 50   ASP C O    1 
ATOM   1287 C CB   . ASP C 1 50 ? -17.969 -0.573  -2.101  1.00 31.19 ? 50   ASP C CB   1 
ATOM   1288 C CG   . ASP C 1 50 ? -17.813 -1.312  -3.409  1.00 36.53 ? 50   ASP C CG   1 
ATOM   1289 O OD1  . ASP C 1 50 ? -18.758 -1.245  -4.231  1.00 40.18 ? 50   ASP C OD1  1 
ATOM   1290 O OD2  . ASP C 1 50 ? -16.767 -2.018  -3.579  1.00 40.18 ? 50   ASP C OD2  1 
ATOM   1291 N N    . CYS C 1 51 ? -18.335 1.481   -0.072  1.00 26.36 ? 51   CYS C N    1 
ATOM   1292 C CA   . CYS C 1 51 ? -18.429 1.819   1.340   1.00 24.50 ? 51   CYS C CA   1 
ATOM   1293 C C    . CYS C 1 51 ? -19.665 2.731   1.590   1.00 25.90 ? 51   CYS C C    1 
ATOM   1294 O O    . CYS C 1 51 ? -20.400 2.508   2.549   1.00 25.75 ? 51   CYS C O    1 
ATOM   1295 C CB   . CYS C 1 51 ? -17.143 2.526   1.736   1.00 24.88 ? 51   CYS C CB   1 
ATOM   1296 S SG   . CYS C 1 51 ? -17.025 3.126   3.426   1.00 24.37 ? 51   CYS C SG   1 
ATOM   1297 N N    . MET C 1 52 ? -19.855 3.754   0.735   1.00 25.43 ? 52   MET C N    1 
ATOM   1298 C CA   . MET C 1 52 ? -20.941 4.756   0.928   1.00 28.42 ? 52   MET C CA   1 
ATOM   1299 C C    . MET C 1 52 ? -22.332 4.203   0.657   1.00 28.54 ? 52   MET C C    1 
ATOM   1300 O O    . MET C 1 52 ? -23.325 4.657   1.286   1.00 29.83 ? 52   MET C O    1 
ATOM   1301 C CB   . MET C 1 52 ? -20.709 5.997   0.054   1.00 28.39 ? 52   MET C CB   1 
ATOM   1302 C CG   . MET C 1 52 ? -19.666 6.957   0.599   1.00 30.86 ? 52   MET C CG   1 
ATOM   1303 S SD   . MET C 1 52 ? -19.906 7.499   2.290   1.00 37.04 ? 52   MET C SD   1 
ATOM   1304 C CE   . MET C 1 52 ? -21.330 8.561   2.159   1.00 39.80 ? 52   MET C CE   1 
ATOM   1305 N N    . ARG C 1 53 ? -22.395 3.284   -0.309  1.00 29.19 ? 53   ARG C N    1 
ATOM   1306 C CA   . ARG C 1 53 ? -23.585 2.454   -0.591  1.00 30.44 ? 53   ARG C CA   1 
ATOM   1307 C C    . ARG C 1 53 ? -24.016 1.619   0.615   1.00 30.42 ? 53   ARG C C    1 
ATOM   1308 O O    . ARG C 1 53 ? -25.212 1.571   0.938   1.00 30.09 ? 53   ARG C O    1 
ATOM   1309 C CB   . ARG C 1 53 ? -23.365 1.562   -1.822  1.00 32.03 ? 53   ARG C CB   1 
ATOM   1310 C CG   . ARG C 1 53 ? -23.437 2.315   -3.168  1.00 37.00 ? 53   ARG C CG   1 
ATOM   1311 C CD   . ARG C 1 53 ? -23.098 1.400   -4.368  1.00 44.76 ? 53   ARG C CD   1 
ATOM   1312 N NE   . ARG C 1 53 ? -23.487 2.005   -5.653  1.00 50.27 ? 53   ARG C NE   1 
ATOM   1313 C CZ   . ARG C 1 53 ? -23.680 1.335   -6.798  1.00 54.52 ? 53   ARG C CZ   1 
ATOM   1314 N NH1  . ARG C 1 53 ? -23.505 0.010   -6.874  1.00 55.77 ? 53   ARG C NH1  1 
ATOM   1315 N NH2  . ARG C 1 53 ? -24.042 2.001   -7.889  1.00 56.81 ? 53   ARG C NH2  1 
ATOM   1316 N N    . THR C 1 54 ? -23.060 0.994   1.302   1.00 28.74 ? 54   THR C N    1 
ATOM   1317 C CA   . THR C 1 54 ? -23.364 0.165   2.477   1.00 29.18 ? 54   THR C CA   1 
ATOM   1318 C C    . THR C 1 54 ? -23.589 0.947   3.781   1.00 28.60 ? 54   THR C C    1 
ATOM   1319 O O    . THR C 1 54 ? -24.480 0.600   4.585   1.00 29.11 ? 54   THR C O    1 
ATOM   1320 C CB   . THR C 1 54 ? -22.228 -0.857  2.690   1.00 28.69 ? 54   THR C CB   1 
ATOM   1321 O OG1  . THR C 1 54 ? -22.034 -1.598  1.470   1.00 29.31 ? 54   THR C OG1  1 
ATOM   1322 C CG2  . THR C 1 54 ? -22.546 -1.816  3.854   1.00 27.28 ? 54   THR C CG2  1 
ATOM   1323 N N    . CYS C 1 55 ? -22.824 2.015   3.980   1.00 27.28 ? 55   CYS C N    1 
ATOM   1324 C CA   . CYS C 1 55 ? -22.751 2.688   5.287   1.00 27.29 ? 55   CYS C CA   1 
ATOM   1325 C C    . CYS C 1 55 ? -23.221 4.145   5.364   1.00 28.80 ? 55   CYS C C    1 
ATOM   1326 O O    . CYS C 1 55 ? -23.380 4.702   6.472   1.00 28.04 ? 55   CYS C O    1 
ATOM   1327 C CB   . CYS C 1 55 ? -21.305 2.599   5.824   1.00 26.13 ? 55   CYS C CB   1 
ATOM   1328 S SG   . CYS C 1 55 ? -20.863 1.014   6.441   1.00 25.60 ? 55   CYS C SG   1 
ATOM   1329 N N    . GLY C 1 56 ? -23.439 4.751   4.196   1.00 30.78 ? 56   GLY C N    1 
ATOM   1330 C CA   . GLY C 1 56 ? -23.567 6.220   4.082   1.00 33.51 ? 56   GLY C CA   1 
ATOM   1331 C C    . GLY C 1 56 ? -24.947 6.744   4.387   1.00 35.86 ? 56   GLY C C    1 
ATOM   1332 O O    . GLY C 1 56 ? -25.895 5.957   4.465   1.00 37.86 ? 56   GLY C O    1 
HETATM 1333 C C1   . GU4 D 2 .  ? -8.142  -10.636 -5.325  1.00 26.98 ? 1    GU4 D C1   1 
HETATM 1334 O O5   . GU4 D 2 .  ? -6.978  -11.502 -5.302  1.00 27.42 ? 1    GU4 D O5   1 
HETATM 1335 C C5   . GU4 D 2 .  ? -6.354  -11.551 -4.003  1.00 25.97 ? 1    GU4 D C5   1 
HETATM 1336 C C6   . GU4 D 2 .  ? -5.214  -12.548 -4.125  1.00 25.01 ? 1    GU4 D C6   1 
HETATM 1337 O O6   . GU4 D 2 .  ? -5.736  -13.721 -4.816  1.00 25.29 ? 1    GU4 D O6   1 
HETATM 1338 S S6   . GU4 D 2 .  ? -4.818  -14.870 -5.017  1.00 24.75 ? 1    GU4 D S6   1 
HETATM 1339 O O22  . GU4 D 2 .  ? -4.001  -15.135 -3.784  1.00 23.77 ? 1    GU4 D O22  1 
HETATM 1340 O O23  . GU4 D 2 .  ? -3.920  -14.610 -6.200  1.00 27.85 ? 1    GU4 D O23  1 
HETATM 1341 O O21  . GU4 D 2 .  ? -5.754  -15.983 -5.356  1.00 26.49 ? 1    GU4 D O21  1 
HETATM 1342 C C4   . GU4 D 2 .  ? -7.375  -11.869 -2.921  1.00 23.41 ? 1    GU4 D C4   1 
HETATM 1343 O O4   . GU4 D 2 .  ? -6.880  -11.747 -1.595  1.00 23.81 ? 1    GU4 D O4   1 
HETATM 1344 S S4   . GU4 D 2 .  ? -6.632  -13.064 -0.725  1.00 20.65 ? 1    GU4 D S4   1 
HETATM 1345 O O25  . GU4 D 2 .  ? -5.525  -12.630 0.187   1.00 26.11 ? 1    GU4 D O25  1 
HETATM 1346 O O26  . GU4 D 2 .  ? -6.009  -14.070 -1.545  1.00 24.75 ? 1    GU4 D O26  1 
HETATM 1347 O O24  . GU4 D 2 .  ? -7.800  -13.083 0.049   1.00 14.26 ? 1    GU4 D O24  1 
HETATM 1348 C C3   . GU4 D 2 .  ? -8.575  -10.949 -2.958  1.00 22.46 ? 1    GU4 D C3   1 
HETATM 1349 O O3   . GU4 D 2 .  ? -9.545  -11.355 -2.018  1.00 21.46 ? 1    GU4 D O3   1 
HETATM 1350 S S3   . GU4 D 2 .  ? -10.205 -10.584 -0.861  1.00 28.46 ? 1    GU4 D S3   1 
HETATM 1351 O O28  . GU4 D 2 .  ? -11.139 -9.545  -1.303  1.00 35.61 ? 1    GU4 D O28  1 
HETATM 1352 O O29  . GU4 D 2 .  ? -9.031  -9.954  -0.221  1.00 32.80 ? 1    GU4 D O29  1 
HETATM 1353 O O27  . GU4 D 2 .  ? -11.003 -11.378 0.097   1.00 27.55 ? 1    GU4 D O27  1 
HETATM 1354 C C2   . GU4 D 2 .  ? -9.197  -11.005 -4.332  1.00 25.55 ? 1    GU4 D C2   1 
HETATM 1355 O O2   . GU4 D 2 .  ? -10.230 -10.043 -4.337  1.00 22.43 ? 1    GU4 D O2   1 
HETATM 1356 S S2   . GU4 D 2 .  ? -11.369 -10.156 -5.448  1.00 26.30 ? 1    GU4 D S2   1 
HETATM 1357 O O11  . GU4 D 2 .  ? -12.132 -11.363 -5.076  1.00 26.23 ? 1    GU4 D O11  1 
HETATM 1358 O O12  . GU4 D 2 .  ? -10.805 -10.427 -6.764  1.00 22.11 ? 1    GU4 D O12  1 
HETATM 1359 O O10  . GU4 D 2 .  ? -12.248 -8.996  -5.197  1.00 31.60 ? 1    GU4 D O10  1 
HETATM 1360 C C1   . YYJ D 2 .  ? -8.371  -7.164  -5.723  1.00 30.30 ? 2    YYJ D C1   1 
HETATM 1361 C C2   . YYJ D 2 .  ? -7.338  -8.303  -5.702  1.00 31.32 ? 2    YYJ D C2   1 
HETATM 1362 C C3   . YYJ D 2 .  ? -5.982  -7.874  -5.133  1.00 31.35 ? 2    YYJ D C3   1 
HETATM 1363 C C4   . YYJ D 2 .  ? -5.085  -8.912  -5.792  1.00 31.33 ? 2    YYJ D C4   1 
HETATM 1364 C C5   . YYJ D 2 .  ? -5.618  -8.972  -7.202  1.00 32.07 ? 2    YYJ D C5   1 
HETATM 1365 C C6   . YYJ D 2 .  ? -5.231  -10.294 -7.890  1.00 37.18 ? 2    YYJ D C6   1 
HETATM 1366 O O1   . YYJ D 2 .  ? -7.903  -6.421  -6.789  1.00 34.31 ? 2    YYJ D O1   1 
HETATM 1367 O O1S1 . YYJ D 2 .  ? -7.914  -4.625  -8.498  1.00 26.53 ? 2    YYJ D O1S1 1 
HETATM 1368 O O1S3 . YYJ D 2 .  ? -5.203  -5.725  -3.335  1.00 27.65 ? 2    YYJ D O1S3 1 
HETATM 1369 O O1S4 . YYJ D 2 .  ? -3.096  -9.531  -3.760  1.00 32.30 ? 2    YYJ D O1S4 1 
HETATM 1370 O O1S6 . YYJ D 2 .  ? -2.057  -11.088 -9.867  1.00 47.25 ? 2    YYJ D O1S6 1 
HETATM 1371 O O2   . YYJ D 2 .  ? -7.783  -9.292  -4.804  1.00 30.09 ? 2    YYJ D O2   1 
HETATM 1372 O O2S1 . YYJ D 2 .  ? -8.318  -4.271  -5.988  1.00 31.91 ? 2    YYJ D O2S1 1 
HETATM 1373 O O2S3 . YYJ D 2 .  ? -5.548  -7.119  -1.366  1.00 32.79 ? 2    YYJ D O2S3 1 
HETATM 1374 O O2S4 . YYJ D 2 .  ? -1.409  -8.777  -5.502  1.00 34.98 ? 2    YYJ D O2S4 1 
HETATM 1375 O O2S6 . YYJ D 2 .  ? -4.237  -11.981 -10.578 1.00 47.13 ? 2    YYJ D O2S6 1 
HETATM 1376 O O3   . YYJ D 2 .  ? -5.824  -7.996  -3.689  1.00 31.73 ? 2    YYJ D O3   1 
HETATM 1377 O O3S1 . YYJ D 2 .  ? -10.010 -5.422  -7.352  1.00 38.44 ? 2    YYJ D O3S1 1 
HETATM 1378 O O3S3 . YYJ D 2 .  ? -7.495  -6.445  -2.571  1.00 32.61 ? 2    YYJ D O3S3 1 
HETATM 1379 O O3S4 . YYJ D 2 .  ? -2.826  -10.674 -5.897  1.00 34.34 ? 2    YYJ D O3S4 1 
HETATM 1380 O O3S6 . YYJ D 2 .  ? -3.404  -12.520 -8.405  1.00 46.47 ? 2    YYJ D O3S6 1 
HETATM 1381 O O4   . YYJ D 2 .  ? -3.797  -8.422  -5.661  1.00 31.19 ? 2    YYJ D O4   1 
HETATM 1382 O O5   . YYJ D 2 .  ? -7.064  -8.881  -7.014  1.00 31.79 ? 2    YYJ D O5   1 
HETATM 1383 O O6   . YYJ D 2 .  ? -4.127  -10.141 -8.830  1.00 42.39 ? 2    YYJ D O6   1 
HETATM 1384 S S1   . YYJ D 2 .  ? -8.560  -5.100  -7.188  1.00 36.76 ? 2    YYJ D S1   1 
HETATM 1385 S S3   . YYJ D 2 .  ? -6.078  -6.790  -2.714  1.00 34.44 ? 2    YYJ D S3   1 
HETATM 1386 S S4   . YYJ D 2 .  ? -2.760  -9.334  -5.192  1.00 34.57 ? 2    YYJ D S4   1 
HETATM 1387 S S6   . YYJ D 2 .  ? -3.448  -11.429 -9.432  1.00 49.04 ? 2    YYJ D S6   1 
HETATM 1388 C C    . ACT E 3 .  ? -3.251  -15.746 14.900  1.00 26.00 ? 1209 ACT C C    1 
HETATM 1389 O O    . ACT E 3 .  ? -4.321  -15.526 15.473  1.00 28.65 ? 1209 ACT C O    1 
HETATM 1390 O OXT  . ACT E 3 .  ? -3.203  -15.075 13.852  1.00 32.07 ? 1209 ACT C OXT  1 
HETATM 1391 C CH3  . ACT E 3 .  ? -2.248  -16.736 15.389  1.00 22.86 ? 1209 ACT C CH3  1 
HETATM 1392 O O    . HOH F 4 .  ? -6.209  13.403  -6.357  1.00 7.07  ? 59   HOH A O    1 
HETATM 1393 O O    . HOH F 4 .  ? 2.297   7.863   6.653   1.00 13.19 ? 60   HOH A O    1 
HETATM 1394 O O    . HOH F 4 .  ? -3.243  11.262  -0.477  1.00 12.13 ? 61   HOH A O    1 
HETATM 1395 O O    . HOH F 4 .  ? 8.617   9.044   -3.481  1.00 29.85 ? 62   HOH A O    1 
HETATM 1396 O O    . HOH F 4 .  ? 1.577   8.190   9.143   1.00 15.59 ? 63   HOH A O    1 
HETATM 1397 O O    . HOH F 4 .  ? 1.525   9.788   4.834   1.00 12.84 ? 64   HOH A O    1 
HETATM 1398 O O    . HOH F 4 .  ? -0.204  0.914   0.480   1.00 15.94 ? 65   HOH A O    1 
HETATM 1399 O O    . HOH F 4 .  ? -6.446  7.748   -1.504  1.00 16.41 ? 66   HOH A O    1 
HETATM 1400 O O    . HOH F 4 .  ? 8.346   -3.304  2.318   1.00 20.20 ? 67   HOH A O    1 
HETATM 1401 O O    . HOH F 4 .  ? 14.923  2.736   -0.460  1.00 29.41 ? 68   HOH A O    1 
HETATM 1402 O O    . HOH F 4 .  ? 1.023   9.041   -9.401  1.00 26.08 ? 69   HOH A O    1 
HETATM 1403 O O    . HOH F 4 .  ? -4.256  5.212   5.155   1.00 19.41 ? 70   HOH A O    1 
HETATM 1404 O O    . HOH F 4 .  ? 7.324   -5.776  3.490   1.00 30.83 ? 71   HOH A O    1 
HETATM 1405 O O    . HOH F 4 .  ? 10.954  15.936  15.452  1.00 36.92 ? 72   HOH A O    1 
HETATM 1406 O O    . HOH F 4 .  ? 4.946   1.996   13.752  1.00 22.16 ? 73   HOH A O    1 
HETATM 1407 O O    . HOH F 4 .  ? 15.287  10.510  14.871  1.00 32.08 ? 74   HOH A O    1 
HETATM 1408 O O    . HOH F 4 .  ? -10.351 9.328   -1.371  1.00 30.22 ? 75   HOH A O    1 
HETATM 1409 O O    . HOH F 4 .  ? 3.471   2.009   11.654  1.00 27.13 ? 76   HOH A O    1 
HETATM 1410 O O    . HOH F 4 .  ? 17.169  3.078   0.981   1.00 31.79 ? 77   HOH A O    1 
HETATM 1411 O O    . HOH F 4 .  ? 1.394   -8.854  19.088  1.00 34.28 ? 78   HOH A O    1 
HETATM 1412 O O    . HOH F 4 .  ? 2.144   13.255  11.306  1.00 24.56 ? 79   HOH A O    1 
HETATM 1413 O O    . HOH F 4 .  ? -10.864 7.843   -9.957  1.00 34.81 ? 80   HOH A O    1 
HETATM 1414 O O    . HOH F 4 .  ? 14.008  -0.782  14.719  1.00 29.02 ? 81   HOH A O    1 
HETATM 1415 O O    . HOH F 4 .  ? -1.982  7.405   10.344  1.00 26.92 ? 82   HOH A O    1 
HETATM 1416 O O    . HOH F 4 .  ? 19.555  4.006   7.622   1.00 38.90 ? 83   HOH A O    1 
HETATM 1417 O O    . HOH F 4 .  ? 9.467   12.469  8.049   1.00 33.50 ? 84   HOH A O    1 
HETATM 1418 O O    . HOH F 4 .  ? -2.837  14.332  7.234   1.00 30.74 ? 85   HOH A O    1 
HETATM 1419 O O    . HOH F 4 .  ? 6.686   5.759   -6.820  1.00 24.00 ? 86   HOH A O    1 
HETATM 1420 O O    . HOH F 4 .  ? 8.693   6.367   20.070  1.00 32.94 ? 87   HOH A O    1 
HETATM 1421 O O    . HOH F 4 .  ? -9.106  13.998  4.246   1.00 44.29 ? 91   HOH A O    1 
HETATM 1422 O O    . HOH F 4 .  ? 12.502  10.867  3.210   1.00 26.81 ? 92   HOH A O    1 
HETATM 1423 O O    . HOH F 4 .  ? -1.124  2.950   1.376   1.00 26.31 ? 95   HOH A O    1 
HETATM 1424 O O    . HOH F 4 .  ? 7.261   11.997  -4.744  1.00 30.55 ? 103  HOH A O    1 
HETATM 1425 O O    . HOH F 4 .  ? -1.566  8.906   12.759  1.00 39.76 ? 106  HOH A O    1 
HETATM 1426 O O    . HOH F 4 .  ? 3.575   -1.379  14.265  1.00 31.48 ? 108  HOH A O    1 
HETATM 1427 O O    . HOH F 4 .  ? 11.437  3.486   -3.796  1.00 30.51 ? 109  HOH A O    1 
HETATM 1428 O O    . HOH F 4 .  ? 8.291   14.671  9.249   1.00 29.81 ? 112  HOH A O    1 
HETATM 1429 O O    . HOH F 4 .  ? 8.537   11.763  2.349   1.00 33.68 ? 113  HOH A O    1 
HETATM 1430 O O    . HOH F 4 .  ? 8.571   7.925   23.432  1.00 34.22 ? 119  HOH A O    1 
HETATM 1431 O O    . HOH F 4 .  ? 6.563   12.877  5.389   1.00 30.69 ? 121  HOH A O    1 
HETATM 1432 O O    . HOH F 4 .  ? 21.172  7.881   5.794   1.00 56.30 ? 122  HOH A O    1 
HETATM 1433 O O    . HOH F 4 .  ? 9.156   3.912   20.182  1.00 43.18 ? 123  HOH A O    1 
HETATM 1434 O O    . HOH F 4 .  ? 7.807   19.270  18.888  1.00 31.73 ? 126  HOH A O    1 
HETATM 1435 O O    . HOH F 4 .  ? 10.583  -0.885  17.128  1.00 35.92 ? 127  HOH A O    1 
HETATM 1436 O O    . HOH F 4 .  ? 3.400   4.950   -9.960  1.00 31.40 ? 130  HOH A O    1 
HETATM 1437 O O    . HOH F 4 .  ? -6.811  15.737  6.529   1.00 41.43 ? 133  HOH A O    1 
HETATM 1438 O O    . HOH F 4 .  ? -3.739  12.782  -7.956  1.00 31.02 ? 138  HOH A O    1 
HETATM 1439 O O    . HOH F 4 .  ? -3.550  3.043   7.692   1.00 32.82 ? 140  HOH A O    1 
HETATM 1440 O O    . HOH F 4 .  ? -5.918  6.118   -7.506  1.00 36.23 ? 142  HOH A O    1 
HETATM 1441 O O    . HOH F 4 .  ? 20.322  6.635   13.051  1.00 41.40 ? 149  HOH A O    1 
HETATM 1442 O O    . HOH F 4 .  ? 6.599   -6.828  19.471  1.00 48.77 ? 151  HOH A O    1 
HETATM 1443 O O    . HOH F 4 .  ? 10.081  10.695  21.594  1.00 42.55 ? 153  HOH A O    1 
HETATM 1444 O O    . HOH F 4 .  ? -5.238  18.551  0.988   1.00 46.69 ? 154  HOH A O    1 
HETATM 1445 O O    . HOH F 4 .  ? 0.505   15.925  8.327   1.00 34.56 ? 157  HOH A O    1 
HETATM 1446 O O    . HOH F 4 .  ? 14.899  3.934   20.972  1.00 39.09 ? 161  HOH A O    1 
HETATM 1447 O O    . HOH F 4 .  ? 10.201  17.759  16.908  1.00 41.85 ? 162  HOH A O    1 
HETATM 1448 O O    . HOH F 4 .  ? 15.043  10.068  2.249   1.00 46.68 ? 163  HOH A O    1 
HETATM 1449 O O    . HOH F 4 .  ? 9.089   15.402  16.952  1.00 56.76 ? 176  HOH A O    1 
HETATM 1450 O O    . HOH F 4 .  ? 19.131  9.235   5.149   1.00 47.12 ? 179  HOH A O    1 
HETATM 1451 O O    . HOH F 4 .  ? 9.324   1.093   18.426  1.00 64.41 ? 180  HOH A O    1 
HETATM 1452 O O    . HOH F 4 .  ? -7.555  11.261  7.330   1.00 47.04 ? 183  HOH A O    1 
HETATM 1453 O O    . HOH F 4 .  ? 7.935   2.277   21.387  1.00 34.70 ? 185  HOH A O    1 
HETATM 1454 O O    . HOH F 4 .  ? -8.420  6.388   -5.987  1.00 34.52 ? 186  HOH A O    1 
HETATM 1455 O O    . HOH F 4 .  ? 3.252   1.436   16.324  1.00 37.13 ? 191  HOH A O    1 
HETATM 1456 O O    . HOH F 4 .  ? 19.214  4.706   -0.332  1.00 45.01 ? 203  HOH A O    1 
HETATM 1457 O O    . HOH F 4 .  ? 9.200   -4.829  18.363  1.00 51.31 ? 204  HOH A O    1 
HETATM 1458 O O    . HOH F 4 .  ? 1.789   4.401   -11.904 1.00 39.51 ? 205  HOH A O    1 
HETATM 1459 O O    . HOH F 4 .  ? 6.388   0.682   20.170  1.00 50.72 ? 213  HOH A O    1 
HETATM 1460 O O    . HOH F 4 .  ? 2.012   -3.934  7.698   1.00 47.78 ? 215  HOH A O    1 
HETATM 1461 O O    . HOH F 4 .  ? 10.121  13.011  5.223   1.00 46.02 ? 218  HOH A O    1 
HETATM 1462 O O    . HOH F 4 .  ? 14.525  12.638  14.337  1.00 49.02 ? 220  HOH A O    1 
HETATM 1463 O O    . HOH G 4 .  ? -0.421  -15.690 -5.928  1.00 36.97 ? 59   HOH B O    1 
HETATM 1464 O O    . HOH G 4 .  ? -4.090  -2.124  -14.264 1.00 14.39 ? 60   HOH B O    1 
HETATM 1465 O O    . HOH G 4 .  ? -5.614  -7.879  -9.638  1.00 55.13 ? 61   HOH B O    1 
HETATM 1466 O O    . HOH G 4 .  ? 4.726   2.606   -10.260 1.00 21.37 ? 62   HOH B O    1 
HETATM 1467 O O    . HOH G 4 .  ? -4.323  2.944   -14.317 1.00 28.89 ? 63   HOH B O    1 
HETATM 1468 O O    . HOH G 4 .  ? 2.265   -5.434  -15.182 1.00 14.75 ? 64   HOH B O    1 
HETATM 1469 O O    . HOH G 4 .  ? 17.982  -15.924 -18.883 1.00 43.18 ? 65   HOH B O    1 
HETATM 1470 O O    . HOH G 4 .  ? -0.285  -3.518  -2.006  1.00 18.95 ? 66   HOH B O    1 
HETATM 1471 O O    . HOH G 4 .  ? 0.710   -7.656  -4.387  1.00 37.08 ? 67   HOH B O    1 
HETATM 1472 O O    . HOH G 4 .  ? 6.125   -5.243  -17.706 1.00 22.51 ? 68   HOH B O    1 
HETATM 1473 O O    . HOH G 4 .  ? 5.036   -5.048  -15.250 1.00 17.88 ? 69   HOH B O    1 
HETATM 1474 O O    . HOH G 4 .  ? -5.692  -0.841  -4.347  1.00 20.25 ? 70   HOH B O    1 
HETATM 1475 O O    . HOH G 4 .  ? -3.730  -15.527 -0.950  1.00 21.92 ? 71   HOH B O    1 
HETATM 1476 O O    . HOH G 4 .  ? -6.758  -3.565  -4.317  1.00 19.73 ? 72   HOH B O    1 
HETATM 1477 O O    . HOH G 4 .  ? 9.709   2.380   -5.983  1.00 35.37 ? 73   HOH B O    1 
HETATM 1478 O O    . HOH G 4 .  ? 8.386   -3.512  -0.453  1.00 19.42 ? 74   HOH B O    1 
HETATM 1479 O O    . HOH G 4 .  ? 12.464  -0.813  -4.782  1.00 27.62 ? 75   HOH B O    1 
HETATM 1480 O O    . HOH G 4 .  ? -2.998  -4.077  -2.587  1.00 20.76 ? 76   HOH B O    1 
HETATM 1481 O O    . HOH G 4 .  ? -6.497  2.654   -4.103  1.00 27.73 ? 77   HOH B O    1 
HETATM 1482 O O    . HOH G 4 .  ? 10.836  -0.432  -2.727  1.00 29.80 ? 78   HOH B O    1 
HETATM 1483 O O    . HOH G 4 .  ? 4.839   -13.507 -8.111  1.00 35.05 ? 79   HOH B O    1 
HETATM 1484 O O    . HOH G 4 .  ? 13.219  -18.350 -10.677 1.00 48.74 ? 80   HOH B O    1 
HETATM 1485 O O    . HOH G 4 .  ? 4.625   -9.767  -20.745 1.00 25.17 ? 81   HOH B O    1 
HETATM 1486 O O    . HOH G 4 .  ? 8.788   -9.023  -1.201  1.00 27.30 ? 82   HOH B O    1 
HETATM 1487 O O    . HOH G 4 .  ? 14.199  -3.954  -16.794 1.00 29.85 ? 83   HOH B O    1 
HETATM 1488 O O    . HOH G 4 .  ? -1.660  -14.070 -3.330  1.00 34.54 ? 84   HOH B O    1 
HETATM 1489 O O    . HOH G 4 .  ? -6.543  -9.492  1.085   1.00 25.95 ? 85   HOH B O    1 
HETATM 1490 O O    . HOH G 4 .  ? 1.458   -10.968 -19.126 1.00 33.44 ? 86   HOH B O    1 
HETATM 1491 O O    . HOH G 4 .  ? -5.009  -6.121  -24.125 1.00 50.13 ? 87   HOH B O    1 
HETATM 1492 O O    . HOH G 4 .  ? 5.429   -6.091  -0.548  1.00 24.02 ? 88   HOH B O    1 
HETATM 1493 O O    . HOH G 4 .  ? -4.335  2.554   -10.817 1.00 21.02 ? 89   HOH B O    1 
HETATM 1494 O O    . HOH G 4 .  ? 0.218   1.727   -17.654 1.00 24.93 ? 90   HOH B O    1 
HETATM 1495 O O    . HOH G 4 .  ? -4.009  -9.058  -12.372 1.00 31.35 ? 91   HOH B O    1 
HETATM 1496 O O    . HOH G 4 .  ? 19.532  -8.397  -9.491  1.00 39.36 ? 94   HOH B O    1 
HETATM 1497 O O    . HOH G 4 .  ? 14.019  -15.113 -22.572 1.00 49.79 ? 96   HOH B O    1 
HETATM 1498 O O    . HOH G 4 .  ? 23.319  -3.278  -9.893  1.00 30.14 ? 98   HOH B O    1 
HETATM 1499 O O    . HOH G 4 .  ? 12.961  -18.058 -14.982 1.00 39.16 ? 99   HOH B O    1 
HETATM 1500 O O    . HOH G 4 .  ? -13.252 7.557   -7.477  1.00 40.15 ? 100  HOH B O    1 
HETATM 1501 O O    . HOH G 4 .  ? 10.943  -2.670  -0.948  1.00 27.50 ? 101  HOH B O    1 
HETATM 1502 O O    . HOH G 4 .  ? -1.150  -0.503  -1.528  1.00 23.38 ? 102  HOH B O    1 
HETATM 1503 O O    . HOH G 4 .  ? 10.125  -11.744 -0.936  1.00 30.80 ? 104  HOH B O    1 
HETATM 1504 O O    . HOH G 4 .  ? -14.058 6.468   -10.254 1.00 34.25 ? 110  HOH B O    1 
HETATM 1505 O O    . HOH G 4 .  ? -6.654  -8.438  -16.711 1.00 33.97 ? 114  HOH B O    1 
HETATM 1506 O O    . HOH G 4 .  ? 21.607  2.735   -14.930 1.00 40.11 ? 115  HOH B O    1 
HETATM 1507 O O    . HOH G 4 .  ? 7.393   1.938   -17.200 1.00 32.85 ? 118  HOH B O    1 
HETATM 1508 O O    . HOH G 4 .  ? 5.763   -2.509  -20.225 1.00 34.99 ? 120  HOH B O    1 
HETATM 1509 O O    . HOH G 4 .  ? 20.224  -4.670  -15.282 1.00 52.62 ? 125  HOH B O    1 
HETATM 1510 O O    . HOH G 4 .  ? 20.193  -10.708 -10.713 1.00 38.72 ? 128  HOH B O    1 
HETATM 1511 O O    . HOH G 4 .  ? 14.446  -14.891 -0.655  1.00 46.78 ? 131  HOH B O    1 
HETATM 1512 O O    . HOH G 4 .  ? -16.643 3.506   -11.698 1.00 41.56 ? 135  HOH B O    1 
HETATM 1513 O O    . HOH G 4 .  ? 10.761  -13.727 -22.524 1.00 38.56 ? 136  HOH B O    1 
HETATM 1514 O O    . HOH G 4 .  ? 5.035   1.952   -12.752 1.00 42.41 ? 137  HOH B O    1 
HETATM 1515 O O    . HOH G 4 .  ? 11.299  -19.525 -12.633 1.00 53.27 ? 141  HOH B O    1 
HETATM 1516 O O    . HOH G 4 .  ? -2.402  -10.417 -17.687 1.00 35.22 ? 143  HOH B O    1 
HETATM 1517 O O    . HOH G 4 .  ? -2.553  1.593   -19.218 1.00 41.28 ? 146  HOH B O    1 
HETATM 1518 O O    . HOH G 4 .  ? 17.116  -11.139 -20.950 1.00 38.68 ? 148  HOH B O    1 
HETATM 1519 O O    . HOH G 4 .  ? 18.464  -13.434 -23.532 1.00 40.90 ? 150  HOH B O    1 
HETATM 1520 O O    . HOH G 4 .  ? 5.967   -13.521 -14.706 1.00 39.82 ? 155  HOH B O    1 
HETATM 1521 O O    . HOH G 4 .  ? 21.182  -0.068  -8.193  1.00 39.78 ? 158  HOH B O    1 
HETATM 1522 O O    . HOH G 4 .  ? -4.083  -9.820  -15.728 1.00 38.30 ? 159  HOH B O    1 
HETATM 1523 O O    . HOH G 4 .  ? 2.961   -6.342  -2.019  1.00 33.08 ? 164  HOH B O    1 
HETATM 1524 O O    . HOH G 4 .  ? 2.746   -10.729 -14.113 1.00 45.01 ? 168  HOH B O    1 
HETATM 1525 O O    . HOH G 4 .  ? 3.886   -14.720 -4.308  1.00 51.10 ? 169  HOH B O    1 
HETATM 1526 O O    . HOH G 4 .  ? -3.667  -16.446 -8.277  1.00 39.41 ? 170  HOH B O    1 
HETATM 1527 O O    . HOH G 4 .  ? -0.766  -10.230 -12.052 1.00 39.04 ? 171  HOH B O    1 
HETATM 1528 O O    . HOH G 4 .  ? -8.296  -3.693  -22.569 1.00 44.74 ? 175  HOH B O    1 
HETATM 1529 O O    . HOH G 4 .  ? 9.102   -15.764 -9.805  1.00 52.31 ? 177  HOH B O    1 
HETATM 1530 O O    . HOH G 4 .  ? 9.830   2.619   -16.606 1.00 41.04 ? 187  HOH B O    1 
HETATM 1531 O O    . HOH G 4 .  ? -14.076 1.102   -12.035 1.00 48.22 ? 189  HOH B O    1 
HETATM 1532 O O    . HOH G 4 .  ? 15.796  -6.760  -5.385  1.00 50.87 ? 190  HOH B O    1 
HETATM 1533 O O    . HOH G 4 .  ? 16.894  -0.355  -5.152  1.00 45.88 ? 193  HOH B O    1 
HETATM 1534 O O    . HOH G 4 .  ? 8.289   2.310   -9.286  1.00 40.69 ? 198  HOH B O    1 
HETATM 1535 O O    . HOH G 4 .  ? 5.888   -7.194  -23.292 1.00 43.79 ? 199  HOH B O    1 
HETATM 1536 O O    . HOH G 4 .  ? 9.888   -7.049  0.091   1.00 43.43 ? 202  HOH B O    1 
HETATM 1537 O O    . HOH G 4 .  ? 3.047   1.927   -16.205 1.00 30.31 ? 206  HOH B O    1 
HETATM 1538 O O    . HOH G 4 .  ? -3.020  -10.830 1.507   1.00 48.30 ? 212  HOH B O    1 
HETATM 1539 O O    . HOH G 4 .  ? -7.657  -12.555 2.430   1.00 30.97 ? 214  HOH B O    1 
HETATM 1540 O O    . HOH G 4 .  ? 11.018  1.270   -7.229  1.00 42.81 ? 217  HOH B O    1 
HETATM 1541 O O    . HOH G 4 .  ? 5.878   -9.573  -0.712  1.00 55.01 ? 219  HOH B O    1 
HETATM 1542 O O    . HOH H 4 .  ? -10.642 -4.705  8.327   1.00 15.98 ? 59   HOH C O    1 
HETATM 1543 O O    . HOH H 4 .  ? -0.303  -6.117  10.555  1.00 27.76 ? 60   HOH C O    1 
HETATM 1544 O O    . HOH H 4 .  ? -3.751  -1.376  -2.378  1.00 15.33 ? 61   HOH C O    1 
HETATM 1545 O O    . HOH H 4 .  ? -11.861 -2.366  9.047   1.00 19.24 ? 62   HOH C O    1 
HETATM 1546 O O    . HOH H 4 .  ? -4.306  -8.172  8.426   1.00 17.82 ? 63   HOH C O    1 
HETATM 1547 O O    . HOH H 4 .  ? -25.227 2.086   12.904  1.00 36.35 ? 64   HOH C O    1 
HETATM 1548 O O    . HOH H 4 .  ? -5.481  7.394   4.691   1.00 22.47 ? 65   HOH C O    1 
HETATM 1549 O O    . HOH H 4 .  ? -18.957 -5.234  4.737   1.00 34.49 ? 66   HOH C O    1 
HETATM 1550 O O    . HOH H 4 .  ? -8.136  -3.054  -2.012  1.00 18.18 ? 67   HOH C O    1 
HETATM 1551 O O    . HOH H 4 .  ? -13.352 -2.400  11.213  1.00 23.65 ? 68   HOH C O    1 
HETATM 1552 O O    . HOH H 4 .  ? -26.646 -3.105  13.119  1.00 34.86 ? 69   HOH C O    1 
HETATM 1553 O O    . HOH H 4 .  ? -15.416 4.678   -5.407  1.00 36.13 ? 70   HOH C O    1 
HETATM 1554 O O    . HOH H 4 .  ? -8.939  9.296   3.256   1.00 28.16 ? 71   HOH C O    1 
HETATM 1555 O O    . HOH H 4 .  ? -5.489  -4.164  13.772  1.00 24.45 ? 72   HOH C O    1 
HETATM 1556 O O    . HOH H 4 .  ? -7.433  -15.290 15.492  1.00 32.15 ? 73   HOH C O    1 
HETATM 1557 O O    . HOH H 4 .  ? 0.978   -5.147  -0.116  1.00 22.38 ? 74   HOH C O    1 
HETATM 1558 O O    . HOH H 4 .  ? -8.857  7.508   -2.113  1.00 28.70 ? 76   HOH C O    1 
HETATM 1559 O O    . HOH H 4 .  ? -10.700 9.302   1.327   1.00 40.96 ? 77   HOH C O    1 
HETATM 1560 O O    . HOH H 4 .  ? -23.725 -4.613  12.211  1.00 33.47 ? 78   HOH C O    1 
HETATM 1561 O O    . HOH H 4 .  ? -1.496  -10.428 3.563   1.00 31.36 ? 79   HOH C O    1 
HETATM 1562 O O    . HOH H 4 .  ? -15.934 -3.455  -1.614  1.00 29.66 ? 80   HOH C O    1 
HETATM 1563 O O    . HOH H 4 .  ? -11.986 -2.094  14.594  1.00 32.54 ? 81   HOH C O    1 
HETATM 1564 O O    . HOH H 4 .  ? 1.387   -11.575 6.222   1.00 35.92 ? 85   HOH C O    1 
HETATM 1565 O O    . HOH H 4 .  ? -4.704  -13.461 3.289   1.00 32.01 ? 86   HOH C O    1 
HETATM 1566 O O    . HOH H 4 .  ? -12.537 4.713   -4.217  1.00 29.28 ? 88   HOH C O    1 
HETATM 1567 O O    . HOH H 4 .  ? -17.493 5.232   12.204  1.00 26.34 ? 89   HOH C O    1 
HETATM 1568 O O    . HOH H 4 .  ? -17.160 -6.893  11.389  1.00 33.07 ? 90   HOH C O    1 
HETATM 1569 O O    . HOH H 4 .  ? -6.995  -11.181 15.089  1.00 35.10 ? 93   HOH C O    1 
HETATM 1570 O O    . HOH H 4 .  ? -12.802 -7.412  2.933   1.00 38.12 ? 97   HOH C O    1 
HETATM 1571 O O    . HOH H 4 .  ? -2.308  0.506   9.193   1.00 26.14 ? 102  HOH C O    1 
HETATM 1572 O O    . HOH H 4 .  ? -7.726  0.376   -3.153  1.00 25.75 ? 105  HOH C O    1 
HETATM 1573 O O    . HOH H 4 .  ? -16.755 8.889   0.894   1.00 36.55 ? 107  HOH C O    1 
HETATM 1574 O O    . HOH H 4 .  ? -22.416 9.283   10.529  1.00 38.81 ? 111  HOH C O    1 
HETATM 1575 O O    . HOH H 4 .  ? -3.176  -15.002 1.707   1.00 36.52 ? 116  HOH C O    1 
HETATM 1576 O O    . HOH H 4 .  ? -14.956 4.333   11.768  1.00 29.85 ? 117  HOH C O    1 
HETATM 1577 O O    . HOH H 4 .  ? 5.840   -7.717  1.695   1.00 34.08 ? 124  HOH C O    1 
HETATM 1578 O O    . HOH H 4 .  ? -3.626  -13.302 17.401  0.50 45.02 ? 129  HOH C O    1 
HETATM 1579 O O    . HOH H 4 .  ? -26.268 -1.419  4.187   1.00 34.12 ? 132  HOH C O    1 
HETATM 1580 O O    . HOH H 4 .  ? -4.727  -11.009 16.542  1.00 39.29 ? 134  HOH C O    1 
HETATM 1581 O O    . HOH H 4 .  ? -20.147 -2.545  -1.713  1.00 54.33 ? 139  HOH C O    1 
HETATM 1582 O O    . HOH H 4 .  ? -25.545 4.530   12.951  1.00 49.91 ? 144  HOH C O    1 
HETATM 1583 O O    . HOH H 4 .  ? -6.164  -0.966  12.776  1.00 31.97 ? 145  HOH C O    1 
HETATM 1584 O O    . HOH H 4 .  ? -13.519 -6.132  0.275   1.00 45.28 ? 147  HOH C O    1 
HETATM 1585 O O    . HOH H 4 .  ? -17.889 4.955   16.131  1.00 42.51 ? 152  HOH C O    1 
HETATM 1586 O O    . HOH H 4 .  ? -14.135 -2.845  15.481  1.00 41.35 ? 156  HOH C O    1 
HETATM 1587 O O    . HOH H 4 .  ? 1.243   -4.200  11.143  1.00 40.21 ? 160  HOH C O    1 
HETATM 1588 O O    . HOH H 4 .  ? -10.423 -8.604  2.241   1.00 30.61 ? 165  HOH C O    1 
HETATM 1589 O O    . HOH H 4 .  ? -14.856 -6.454  4.591   1.00 34.50 ? 166  HOH C O    1 
HETATM 1590 O O    . HOH H 4 .  ? -19.970 -7.422  5.641   1.00 52.53 ? 167  HOH C O    1 
HETATM 1591 O O    . HOH H 4 .  ? -12.305 7.554   -4.029  1.00 37.93 ? 172  HOH C O    1 
HETATM 1592 O O    . HOH H 4 .  ? -8.796  -14.970 9.125   1.00 40.03 ? 173  HOH C O    1 
HETATM 1593 O O    . HOH H 4 .  ? -8.015  8.019   6.113   1.00 42.20 ? 174  HOH C O    1 
HETATM 1594 O O    . HOH H 4 .  ? -18.063 2.484   -9.722  1.00 43.32 ? 178  HOH C O    1 
HETATM 1595 O O    . HOH H 4 .  ? -22.932 -5.859  14.367  1.00 50.59 ? 181  HOH C O    1 
HETATM 1596 O O    . HOH H 4 .  ? -26.370 2.351   5.472   1.00 53.24 ? 182  HOH C O    1 
HETATM 1597 O O    . HOH H 4 .  ? -0.128  -0.852  8.619   1.00 37.41 ? 184  HOH C O    1 
HETATM 1598 O O    . HOH H 4 .  ? 1.846   -8.516  14.282  1.00 41.08 ? 188  HOH C O    1 
HETATM 1599 O O    . HOH H 4 .  ? -23.349 1.652   -10.265 1.00 46.77 ? 192  HOH C O    1 
HETATM 1600 O O    . HOH H 4 .  ? -24.655 5.988   15.557  1.00 44.87 ? 194  HOH C O    1 
HETATM 1601 O O    . HOH H 4 .  ? -14.419 14.456  10.975  1.00 44.55 ? 195  HOH C O    1 
HETATM 1602 O O    . HOH H 4 .  ? -16.297 -9.910  11.006  1.00 47.42 ? 196  HOH C O    1 
HETATM 1603 O O    . HOH H 4 .  ? -6.685  5.979   7.637   1.00 38.09 ? 197  HOH C O    1 
HETATM 1604 O O    . HOH H 4 .  ? -14.093 8.954   0.286   1.00 47.54 ? 200  HOH C O    1 
HETATM 1605 O O    . HOH H 4 .  ? -17.284 -5.063  2.488   1.00 45.61 ? 201  HOH C O    1 
HETATM 1606 O O    . HOH H 4 .  ? -21.532 12.839  3.390   1.00 52.25 ? 207  HOH C O    1 
HETATM 1607 O O    . HOH H 4 .  ? -8.064  -10.251 3.156   1.00 49.92 ? 208  HOH C O    1 
HETATM 1608 O O    . HOH H 4 .  ? 2.530   -9.289  1.908   1.00 49.88 ? 209  HOH C O    1 
HETATM 1609 O O    . HOH H 4 .  ? -12.545 -11.571 7.172   1.00 35.86 ? 210  HOH C O    1 
HETATM 1610 O O    . HOH H 4 .  ? -20.735 1.445   -9.441  1.00 55.07 ? 211  HOH C O    1 
HETATM 1611 O O    . HOH H 4 .  ? -21.737 -1.316  -4.081  1.00 66.58 ? 216  HOH C O    1 
# 
